data_2VLW
# 
_entry.id   2VLW 
# 
_audit_conform.dict_name       mmcif_pdbx.dic 
_audit_conform.dict_version    5.399 
_audit_conform.dict_location   http://mmcif.pdb.org/dictionaries/ascii/mmcif_pdbx.dic 
# 
loop_
_database_2.database_id 
_database_2.database_code 
_database_2.pdbx_database_accession 
_database_2.pdbx_DOI 
PDB   2VLW         pdb_00002vlw 10.2210/pdb2vlw/pdb 
PDBE  EBI-35040    ?            ?                   
WWPDB D_1290035040 ?            ?                   
# 
loop_
_pdbx_audit_revision_history.ordinal 
_pdbx_audit_revision_history.data_content_type 
_pdbx_audit_revision_history.major_revision 
_pdbx_audit_revision_history.minor_revision 
_pdbx_audit_revision_history.revision_date 
1 'Structure model' 1 0 2008-10-14 
2 'Structure model' 1 1 2011-05-08 
3 'Structure model' 1 2 2011-07-13 
4 'Structure model' 1 3 2023-12-13 
5 'Structure model' 1 4 2024-11-20 
# 
_pdbx_audit_revision_details.ordinal             1 
_pdbx_audit_revision_details.revision_ordinal    1 
_pdbx_audit_revision_details.data_content_type   'Structure model' 
_pdbx_audit_revision_details.provider            repository 
_pdbx_audit_revision_details.type                'Initial release' 
_pdbx_audit_revision_details.description         ? 
_pdbx_audit_revision_details.details             ? 
# 
loop_
_pdbx_audit_revision_group.ordinal 
_pdbx_audit_revision_group.revision_ordinal 
_pdbx_audit_revision_group.data_content_type 
_pdbx_audit_revision_group.group 
1 2 'Structure model' 'Version format compliance' 
2 3 'Structure model' 'Version format compliance' 
3 4 'Structure model' 'Data collection'           
4 4 'Structure model' 'Database references'       
5 4 'Structure model' 'Derived calculations'      
6 4 'Structure model' Other                       
7 4 'Structure model' 'Refinement description'    
8 5 'Structure model' 'Structure summary'         
# 
loop_
_pdbx_audit_revision_category.ordinal 
_pdbx_audit_revision_category.revision_ordinal 
_pdbx_audit_revision_category.data_content_type 
_pdbx_audit_revision_category.category 
1 4 'Structure model' chem_comp_atom                
2 4 'Structure model' chem_comp_bond                
3 4 'Structure model' database_2                    
4 4 'Structure model' pdbx_database_status          
5 4 'Structure model' pdbx_initial_refinement_model 
6 4 'Structure model' struct_conn                   
7 5 'Structure model' pdbx_entry_details            
8 5 'Structure model' pdbx_modification_feature     
# 
loop_
_pdbx_audit_revision_item.ordinal 
_pdbx_audit_revision_item.revision_ordinal 
_pdbx_audit_revision_item.data_content_type 
_pdbx_audit_revision_item.item 
1 4 'Structure model' '_database_2.pdbx_DOI'                         
2 4 'Structure model' '_database_2.pdbx_database_accession'          
3 4 'Structure model' '_pdbx_database_status.status_code_sf'         
4 4 'Structure model' '_struct_conn.pdbx_leaving_atom_flag'          
5 5 'Structure model' '_pdbx_entry_details.has_protein_modification' 
# 
_pdbx_database_status.status_code                     REL 
_pdbx_database_status.entry_id                        2VLW 
_pdbx_database_status.deposit_site                    PDBE 
_pdbx_database_status.process_site                    PDBE 
_pdbx_database_status.SG_entry                        . 
_pdbx_database_status.recvd_initial_deposition_date   2008-01-17 
_pdbx_database_status.pdb_format_compatible           Y 
_pdbx_database_status.status_code_sf                  REL 
_pdbx_database_status.status_code_mr                  ? 
_pdbx_database_status.status_code_cs                  ? 
_pdbx_database_status.methods_development_category    ? 
_pdbx_database_status.status_code_nmr_data            ? 
# 
loop_
_audit_author.name 
_audit_author.pdbx_ordinal 
'Menez, R.'             1 
'Granata, V.'           2 
'Mourier, G.'           3 
'Fruchart-Gaillard, C.' 4 
'Menez, A.'             5 
'Servant, D.'           6 
'Stura, E.A.'           7 
# 
loop_
_citation.id 
_citation.title 
_citation.journal_abbrev 
_citation.journal_volume 
_citation.page_first 
_citation.page_last 
_citation.year 
_citation.journal_id_ASTM 
_citation.country 
_citation.journal_id_ISSN 
_citation.journal_id_CSD 
_citation.book_publisher 
_citation.pdbx_database_id_PubMed 
_citation.pdbx_database_id_DOI 
primary 
'Different Interactions between Mt7 Toxin and the Human Muscarinic M1 Receptor in its Free and N-Methylscopolamine-Occupied States.' 
Mol.Pharmacol.    74 1554 ? 2008 MOPMA3 US 0026-895X 0197 ? 18784346 10.1124/MOL.108.050773 
1       'Comparison of the Structures of Two Muscarinic Toxins from Green Mamba Venom' 'To be Published' ?  ?    ? ?    ?      ?  
?         0353 ? ?        ?                      
# 
loop_
_citation_author.citation_id 
_citation_author.name 
_citation_author.ordinal 
_citation_author.identifier_ORCID 
primary 'Fruchart-Gaillard, C.' 1  ? 
primary 'Mourier, G.'           2  ? 
primary 'Marquer, C.'           3  ? 
primary 'Stura, E.'             4  ? 
primary 'Birdsall, N.J.M.'      5  ? 
primary 'Servent, D.'           6  ? 
1       'Menez, R.'             7  ? 
1       'Granata, V.'           8  ? 
1       'Mourier, G.'           9  ? 
1       'Ledu, M.H.'            10 ? 
1       'Servant, D.'           11 ? 
1       'Menez, A.'             12 ? 
1       'Stura, E.A.'           13 ? 
# 
loop_
_entity.id 
_entity.type 
_entity.src_method 
_entity.pdbx_description 
_entity.formula_weight 
_entity.pdbx_number_of_molecules 
_entity.pdbx_ec 
_entity.pdbx_mutation 
_entity.pdbx_fragment 
_entity.details 
1 polymer     syn 'MUSCARINIC M1-TOXIN1' 7741.347 2   ? ? ? 'DI-IODO TYROSINE AT POSITION 51' 
2 non-polymer syn 'ACETATE ION'          59.044   1   ? ? ? ?                                 
3 non-polymer syn 'SULFATE ION'          96.063   2   ? ? ? ?                                 
4 water       nat water                  18.015   173 ? ? ? ?                                 
# 
_entity_name_com.entity_id   1 
_entity_name_com.name        'M1-TOXIN, MUSCARINIC TOXIN 7, MT7, MT-7, MUSCARINIC SNAKE TOXIN' 
# 
_entity_poly.entity_id                      1 
_entity_poly.type                           'polypeptide(L)' 
_entity_poly.nstd_linkage                   no 
_entity_poly.nstd_monomer                   yes 
_entity_poly.pdbx_seq_one_letter_code       'LTCVKSNSIWFPTSEDCPDGQNLCFKRWQYISPRMYDFTRGCAATCPKAE(TYI)RDVINCCGTDKCNK' 
_entity_poly.pdbx_seq_one_letter_code_can   LTCVKSNSIWFPTSEDCPDGQNLCFKRWQYISPRMYDFTRGCAATCPKAEYRDVINCCGTDKCNK 
_entity_poly.pdbx_strand_id                 A,B 
_entity_poly.pdbx_target_identifier         ? 
# 
loop_
_pdbx_entity_nonpoly.entity_id 
_pdbx_entity_nonpoly.name 
_pdbx_entity_nonpoly.comp_id 
2 'ACETATE ION' ACT 
3 'SULFATE ION' SO4 
4 water         HOH 
# 
loop_
_entity_poly_seq.entity_id 
_entity_poly_seq.num 
_entity_poly_seq.mon_id 
_entity_poly_seq.hetero 
1 1  LEU n 
1 2  THR n 
1 3  CYS n 
1 4  VAL n 
1 5  LYS n 
1 6  SER n 
1 7  ASN n 
1 8  SER n 
1 9  ILE n 
1 10 TRP n 
1 11 PHE n 
1 12 PRO n 
1 13 THR n 
1 14 SER n 
1 15 GLU n 
1 16 ASP n 
1 17 CYS n 
1 18 PRO n 
1 19 ASP n 
1 20 GLY n 
1 21 GLN n 
1 22 ASN n 
1 23 LEU n 
1 24 CYS n 
1 25 PHE n 
1 26 LYS n 
1 27 ARG n 
1 28 TRP n 
1 29 GLN n 
1 30 TYR n 
1 31 ILE n 
1 32 SER n 
1 33 PRO n 
1 34 ARG n 
1 35 MET n 
1 36 TYR n 
1 37 ASP n 
1 38 PHE n 
1 39 THR n 
1 40 ARG n 
1 41 GLY n 
1 42 CYS n 
1 43 ALA n 
1 44 ALA n 
1 45 THR n 
1 46 CYS n 
1 47 PRO n 
1 48 LYS n 
1 49 ALA n 
1 50 GLU n 
1 51 TYI n 
1 52 ARG n 
1 53 ASP n 
1 54 VAL n 
1 55 ILE n 
1 56 ASN n 
1 57 CYS n 
1 58 CYS n 
1 59 GLY n 
1 60 THR n 
1 61 ASP n 
1 62 LYS n 
1 63 CYS n 
1 64 ASN n 
1 65 LYS n 
# 
_pdbx_entity_src_syn.entity_id              1 
_pdbx_entity_src_syn.pdbx_src_id            1 
_pdbx_entity_src_syn.pdbx_alt_source_flag   sample 
_pdbx_entity_src_syn.pdbx_beg_seq_num       ? 
_pdbx_entity_src_syn.pdbx_end_seq_num       ? 
_pdbx_entity_src_syn.organism_scientific    'DENDROASPIS ANGUSTICEPS' 
_pdbx_entity_src_syn.organism_common_name   'EASTERN GREEN MAMBA' 
_pdbx_entity_src_syn.ncbi_taxonomy_id       8618 
_pdbx_entity_src_syn.details                'CHEMICAL PEPTIDE SYNTHESIS ACCORDING TO SEQUENCE.' 
# 
loop_
_chem_comp.id 
_chem_comp.type 
_chem_comp.mon_nstd_flag 
_chem_comp.name 
_chem_comp.pdbx_synonyms 
_chem_comp.formula 
_chem_comp.formula_weight 
ACT non-polymer         . 'ACETATE ION'      ? 'C2 H3 O2 -1'    59.044  
ALA 'L-peptide linking' y ALANINE            ? 'C3 H7 N O2'     89.093  
ARG 'L-peptide linking' y ARGININE           ? 'C6 H15 N4 O2 1' 175.209 
ASN 'L-peptide linking' y ASPARAGINE         ? 'C4 H8 N2 O3'    132.118 
ASP 'L-peptide linking' y 'ASPARTIC ACID'    ? 'C4 H7 N O4'     133.103 
CYS 'L-peptide linking' y CYSTEINE           ? 'C3 H7 N O2 S'   121.158 
GLN 'L-peptide linking' y GLUTAMINE          ? 'C5 H10 N2 O3'   146.144 
GLU 'L-peptide linking' y 'GLUTAMIC ACID'    ? 'C5 H9 N O4'     147.129 
GLY 'peptide linking'   y GLYCINE            ? 'C2 H5 N O2'     75.067  
HOH non-polymer         . WATER              ? 'H2 O'           18.015  
ILE 'L-peptide linking' y ISOLEUCINE         ? 'C6 H13 N O2'    131.173 
LEU 'L-peptide linking' y LEUCINE            ? 'C6 H13 N O2'    131.173 
LYS 'L-peptide linking' y LYSINE             ? 'C6 H15 N2 O2 1' 147.195 
MET 'L-peptide linking' y METHIONINE         ? 'C5 H11 N O2 S'  149.211 
PHE 'L-peptide linking' y PHENYLALANINE      ? 'C9 H11 N O2'    165.189 
PRO 'L-peptide linking' y PROLINE            ? 'C5 H9 N O2'     115.130 
SER 'L-peptide linking' y SERINE             ? 'C3 H7 N O3'     105.093 
SO4 non-polymer         . 'SULFATE ION'      ? 'O4 S -2'        96.063  
THR 'L-peptide linking' y THREONINE          ? 'C4 H9 N O3'     119.119 
TRP 'L-peptide linking' y TRYPTOPHAN         ? 'C11 H12 N2 O2'  204.225 
TYI 'L-peptide linking' n 3,5-DIIODOTYROSINE ? 'C9 H9 I2 N O3'  432.982 
TYR 'L-peptide linking' y TYROSINE           ? 'C9 H11 N O3'    181.189 
VAL 'L-peptide linking' y VALINE             ? 'C5 H11 N O2'    117.146 
# 
loop_
_pdbx_poly_seq_scheme.asym_id 
_pdbx_poly_seq_scheme.entity_id 
_pdbx_poly_seq_scheme.seq_id 
_pdbx_poly_seq_scheme.mon_id 
_pdbx_poly_seq_scheme.ndb_seq_num 
_pdbx_poly_seq_scheme.pdb_seq_num 
_pdbx_poly_seq_scheme.auth_seq_num 
_pdbx_poly_seq_scheme.pdb_mon_id 
_pdbx_poly_seq_scheme.auth_mon_id 
_pdbx_poly_seq_scheme.pdb_strand_id 
_pdbx_poly_seq_scheme.pdb_ins_code 
_pdbx_poly_seq_scheme.hetero 
A 1 1  LEU 1  1  1  LEU LEU A . n 
A 1 2  THR 2  2  2  THR THR A . n 
A 1 3  CYS 3  3  3  CYS CYS A . n 
A 1 4  VAL 4  4  4  VAL VAL A . n 
A 1 5  LYS 5  5  5  LYS LYS A . n 
A 1 6  SER 6  6  6  SER SER A . n 
A 1 7  ASN 7  7  7  ASN ASN A . n 
A 1 8  SER 8  8  8  SER SER A . n 
A 1 9  ILE 9  9  9  ILE ILE A . n 
A 1 10 TRP 10 10 10 TRP TRP A . n 
A 1 11 PHE 11 11 11 PHE PHE A . n 
A 1 12 PRO 12 12 12 PRO PRO A . n 
A 1 13 THR 13 13 13 THR THR A . n 
A 1 14 SER 14 14 14 SER SER A . n 
A 1 15 GLU 15 15 15 GLU GLU A . n 
A 1 16 ASP 16 16 16 ASP ASP A . n 
A 1 17 CYS 17 17 17 CYS CYS A . n 
A 1 18 PRO 18 18 18 PRO PRO A . n 
A 1 19 ASP 19 19 19 ASP ASP A . n 
A 1 20 GLY 20 20 20 GLY GLY A . n 
A 1 21 GLN 21 21 21 GLN GLN A . n 
A 1 22 ASN 22 22 22 ASN ASN A . n 
A 1 23 LEU 23 23 23 LEU LEU A . n 
A 1 24 CYS 24 24 24 CYS CYS A . n 
A 1 25 PHE 25 25 25 PHE PHE A . n 
A 1 26 LYS 26 26 26 LYS LYS A . n 
A 1 27 ARG 27 27 27 ARG ARG A . n 
A 1 28 TRP 28 28 28 TRP TRP A . n 
A 1 29 GLN 29 29 29 GLN GLN A . n 
A 1 30 TYR 30 30 30 TYR TYR A . n 
A 1 31 ILE 31 31 31 ILE ILE A . n 
A 1 32 SER 32 32 32 SER SER A . n 
A 1 33 PRO 33 33 33 PRO PRO A . n 
A 1 34 ARG 34 34 34 ARG ARG A . n 
A 1 35 MET 35 35 35 MET MET A . n 
A 1 36 TYR 36 36 36 TYR TYR A . n 
A 1 37 ASP 37 37 37 ASP ASP A . n 
A 1 38 PHE 38 38 38 PHE PHE A . n 
A 1 39 THR 39 39 39 THR THR A . n 
A 1 40 ARG 40 40 40 ARG ARG A . n 
A 1 41 GLY 41 41 41 GLY GLY A . n 
A 1 42 CYS 42 42 42 CYS CYS A . n 
A 1 43 ALA 43 43 43 ALA ALA A . n 
A 1 44 ALA 44 44 44 ALA ALA A . n 
A 1 45 THR 45 45 45 THR THR A . n 
A 1 46 CYS 46 46 46 CYS CYS A . n 
A 1 47 PRO 47 47 47 PRO PRO A . n 
A 1 48 LYS 48 48 48 LYS LYS A . n 
A 1 49 ALA 49 49 49 ALA ALA A . n 
A 1 50 GLU 50 50 50 GLU GLU A . n 
A 1 51 TYI 51 51 51 TYI TYI A . n 
A 1 52 ARG 52 52 52 ARG ARG A . n 
A 1 53 ASP 53 53 53 ASP ASP A . n 
A 1 54 VAL 54 54 54 VAL VAL A . n 
A 1 55 ILE 55 55 55 ILE ILE A . n 
A 1 56 ASN 56 56 56 ASN ASN A . n 
A 1 57 CYS 57 57 57 CYS CYS A . n 
A 1 58 CYS 58 58 58 CYS CYS A . n 
A 1 59 GLY 59 59 59 GLY GLY A . n 
A 1 60 THR 60 60 60 THR THR A . n 
A 1 61 ASP 61 61 61 ASP ASP A . n 
A 1 62 LYS 62 62 62 LYS LYS A . n 
A 1 63 CYS 63 63 63 CYS CYS A . n 
A 1 64 ASN 64 64 64 ASN ASN A . n 
A 1 65 LYS 65 65 65 LYS LYS A . n 
B 1 1  LEU 1  1  1  LEU LEU B . n 
B 1 2  THR 2  2  2  THR THR B . n 
B 1 3  CYS 3  3  3  CYS CYS B . n 
B 1 4  VAL 4  4  4  VAL VAL B . n 
B 1 5  LYS 5  5  5  LYS LYS B . n 
B 1 6  SER 6  6  6  SER SER B . n 
B 1 7  ASN 7  7  7  ASN ASN B . n 
B 1 8  SER 8  8  8  SER SER B . n 
B 1 9  ILE 9  9  9  ILE ILE B . n 
B 1 10 TRP 10 10 10 TRP TRP B . n 
B 1 11 PHE 11 11 11 PHE PHE B . n 
B 1 12 PRO 12 12 12 PRO PRO B . n 
B 1 13 THR 13 13 13 THR THR B . n 
B 1 14 SER 14 14 14 SER SER B . n 
B 1 15 GLU 15 15 15 GLU GLU B . n 
B 1 16 ASP 16 16 16 ASP ASP B . n 
B 1 17 CYS 17 17 17 CYS CYS B . n 
B 1 18 PRO 18 18 18 PRO PRO B . n 
B 1 19 ASP 19 19 19 ASP ASP B . n 
B 1 20 GLY 20 20 20 GLY GLY B . n 
B 1 21 GLN 21 21 21 GLN GLN B . n 
B 1 22 ASN 22 22 22 ASN ASN B . n 
B 1 23 LEU 23 23 23 LEU LEU B . n 
B 1 24 CYS 24 24 24 CYS CYS B . n 
B 1 25 PHE 25 25 25 PHE PHE B . n 
B 1 26 LYS 26 26 26 LYS LYS B . n 
B 1 27 ARG 27 27 27 ARG ARG B . n 
B 1 28 TRP 28 28 28 TRP TRP B . n 
B 1 29 GLN 29 29 29 GLN GLN B . n 
B 1 30 TYR 30 30 30 TYR TYR B . n 
B 1 31 ILE 31 31 31 ILE ILE B . n 
B 1 32 SER 32 32 32 SER SER B . n 
B 1 33 PRO 33 33 33 PRO PRO B . n 
B 1 34 ARG 34 34 34 ARG ARG B . n 
B 1 35 MET 35 35 35 MET MET B . n 
B 1 36 TYR 36 36 36 TYR TYR B . n 
B 1 37 ASP 37 37 37 ASP ASP B . n 
B 1 38 PHE 38 38 38 PHE PHE B . n 
B 1 39 THR 39 39 39 THR THR B . n 
B 1 40 ARG 40 40 40 ARG ARG B . n 
B 1 41 GLY 41 41 41 GLY GLY B . n 
B 1 42 CYS 42 42 42 CYS CYS B . n 
B 1 43 ALA 43 43 43 ALA ALA B . n 
B 1 44 ALA 44 44 44 ALA ALA B . n 
B 1 45 THR 45 45 45 THR THR B . n 
B 1 46 CYS 46 46 46 CYS CYS B . n 
B 1 47 PRO 47 47 47 PRO PRO B . n 
B 1 48 LYS 48 48 48 LYS LYS B . n 
B 1 49 ALA 49 49 49 ALA ALA B . n 
B 1 50 GLU 50 50 50 GLU GLU B . n 
B 1 51 TYI 51 51 51 TYI TYI B . n 
B 1 52 ARG 52 52 52 ARG ARG B . n 
B 1 53 ASP 53 53 53 ASP ASP B . n 
B 1 54 VAL 54 54 54 VAL VAL B . n 
B 1 55 ILE 55 55 55 ILE ILE B . n 
B 1 56 ASN 56 56 56 ASN ASN B . n 
B 1 57 CYS 57 57 57 CYS CYS B . n 
B 1 58 CYS 58 58 58 CYS CYS B . n 
B 1 59 GLY 59 59 59 GLY GLY B . n 
B 1 60 THR 60 60 60 THR THR B . n 
B 1 61 ASP 61 61 61 ASP ASP B . n 
B 1 62 LYS 62 62 62 LYS LYS B . n 
B 1 63 CYS 63 63 63 CYS CYS B . n 
B 1 64 ASN 64 64 64 ASN ASN B . n 
B 1 65 LYS 65 65 65 LYS LYS B . n 
# 
loop_
_pdbx_nonpoly_scheme.asym_id 
_pdbx_nonpoly_scheme.entity_id 
_pdbx_nonpoly_scheme.mon_id 
_pdbx_nonpoly_scheme.ndb_seq_num 
_pdbx_nonpoly_scheme.pdb_seq_num 
_pdbx_nonpoly_scheme.auth_seq_num 
_pdbx_nonpoly_scheme.pdb_mon_id 
_pdbx_nonpoly_scheme.auth_mon_id 
_pdbx_nonpoly_scheme.pdb_strand_id 
_pdbx_nonpoly_scheme.pdb_ins_code 
C 2 ACT 1  1067 1067 ACT ACT A . 
D 3 SO4 1  1068 1068 SO4 SO4 A . 
E 3 SO4 1  1067 1067 SO4 SO4 B . 
F 4 HOH 1  2001 2001 HOH HOH A . 
F 4 HOH 2  2002 2002 HOH HOH A . 
F 4 HOH 3  2003 2003 HOH HOH A . 
F 4 HOH 4  2004 2004 HOH HOH A . 
F 4 HOH 5  2005 2005 HOH HOH A . 
F 4 HOH 6  2006 2006 HOH HOH A . 
F 4 HOH 7  2007 2007 HOH HOH A . 
F 4 HOH 8  2008 2008 HOH HOH A . 
F 4 HOH 9  2009 2009 HOH HOH A . 
F 4 HOH 10 2010 2010 HOH HOH A . 
F 4 HOH 11 2011 2011 HOH HOH A . 
F 4 HOH 12 2012 2012 HOH HOH A . 
F 4 HOH 13 2013 2013 HOH HOH A . 
F 4 HOH 14 2014 2014 HOH HOH A . 
F 4 HOH 15 2015 2015 HOH HOH A . 
F 4 HOH 16 2016 2016 HOH HOH A . 
F 4 HOH 17 2017 2017 HOH HOH A . 
F 4 HOH 18 2018 2018 HOH HOH A . 
F 4 HOH 19 2019 2019 HOH HOH A . 
F 4 HOH 20 2020 2020 HOH HOH A . 
F 4 HOH 21 2021 2021 HOH HOH A . 
F 4 HOH 22 2022 2022 HOH HOH A . 
F 4 HOH 23 2023 2023 HOH HOH A . 
F 4 HOH 24 2024 2024 HOH HOH A . 
F 4 HOH 25 2025 2025 HOH HOH A . 
F 4 HOH 26 2026 2026 HOH HOH A . 
F 4 HOH 27 2027 2027 HOH HOH A . 
F 4 HOH 28 2028 2028 HOH HOH A . 
F 4 HOH 29 2029 2029 HOH HOH A . 
F 4 HOH 30 2030 2030 HOH HOH A . 
F 4 HOH 31 2031 2031 HOH HOH A . 
F 4 HOH 32 2032 2032 HOH HOH A . 
F 4 HOH 33 2033 2033 HOH HOH A . 
F 4 HOH 34 2034 2034 HOH HOH A . 
F 4 HOH 35 2035 2035 HOH HOH A . 
F 4 HOH 36 2036 2036 HOH HOH A . 
F 4 HOH 37 2037 2037 HOH HOH A . 
F 4 HOH 38 2038 2038 HOH HOH A . 
F 4 HOH 39 2039 2039 HOH HOH A . 
F 4 HOH 40 2040 2040 HOH HOH A . 
F 4 HOH 41 2041 2041 HOH HOH A . 
F 4 HOH 42 2042 2042 HOH HOH A . 
F 4 HOH 43 2043 2043 HOH HOH A . 
F 4 HOH 44 2044 2044 HOH HOH A . 
F 4 HOH 45 2045 2045 HOH HOH A . 
F 4 HOH 46 2046 2046 HOH HOH A . 
F 4 HOH 47 2047 2047 HOH HOH A . 
F 4 HOH 48 2048 2048 HOH HOH A . 
F 4 HOH 49 2049 2049 HOH HOH A . 
F 4 HOH 50 2050 2050 HOH HOH A . 
F 4 HOH 51 2051 2051 HOH HOH A . 
F 4 HOH 52 2052 2052 HOH HOH A . 
F 4 HOH 53 2053 2053 HOH HOH A . 
F 4 HOH 54 2054 2054 HOH HOH A . 
F 4 HOH 55 2055 2055 HOH HOH A . 
F 4 HOH 56 2056 2056 HOH HOH A . 
F 4 HOH 57 2057 2057 HOH HOH A . 
F 4 HOH 58 2058 2058 HOH HOH A . 
F 4 HOH 59 2059 2059 HOH HOH A . 
F 4 HOH 60 2060 2060 HOH HOH A . 
F 4 HOH 61 2061 2061 HOH HOH A . 
F 4 HOH 62 2062 2062 HOH HOH A . 
F 4 HOH 63 2063 2063 HOH HOH A . 
F 4 HOH 64 2064 2064 HOH HOH A . 
F 4 HOH 65 2065 2065 HOH HOH A . 
F 4 HOH 66 2066 2066 HOH HOH A . 
F 4 HOH 67 2067 2067 HOH HOH A . 
F 4 HOH 68 2068 2068 HOH HOH A . 
F 4 HOH 69 2069 2069 HOH HOH A . 
F 4 HOH 70 2070 2070 HOH HOH A . 
F 4 HOH 71 2071 2071 HOH HOH A . 
F 4 HOH 72 2072 2072 HOH HOH A . 
F 4 HOH 73 2073 2073 HOH HOH A . 
F 4 HOH 74 2074 2074 HOH HOH A . 
F 4 HOH 75 2075 2075 HOH HOH A . 
F 4 HOH 76 2076 2076 HOH HOH A . 
F 4 HOH 77 2077 2077 HOH HOH A . 
F 4 HOH 78 2078 2078 HOH HOH A . 
F 4 HOH 79 2079 2079 HOH HOH A . 
F 4 HOH 80 2080 2080 HOH HOH A . 
F 4 HOH 81 2081 2081 HOH HOH A . 
F 4 HOH 82 2082 2082 HOH HOH A . 
F 4 HOH 83 2083 2083 HOH HOH A . 
G 4 HOH 1  2001 2001 HOH HOH B . 
G 4 HOH 2  2002 2002 HOH HOH B . 
G 4 HOH 3  2003 2003 HOH HOH B . 
G 4 HOH 4  2004 2004 HOH HOH B . 
G 4 HOH 5  2005 2005 HOH HOH B . 
G 4 HOH 6  2006 2006 HOH HOH B . 
G 4 HOH 7  2007 2007 HOH HOH B . 
G 4 HOH 8  2008 2008 HOH HOH B . 
G 4 HOH 9  2009 2009 HOH HOH B . 
G 4 HOH 10 2010 2010 HOH HOH B . 
G 4 HOH 11 2011 2011 HOH HOH B . 
G 4 HOH 12 2012 2012 HOH HOH B . 
G 4 HOH 13 2013 2013 HOH HOH B . 
G 4 HOH 14 2014 2014 HOH HOH B . 
G 4 HOH 15 2015 2015 HOH HOH B . 
G 4 HOH 16 2016 2016 HOH HOH B . 
G 4 HOH 17 2017 2017 HOH HOH B . 
G 4 HOH 18 2018 2018 HOH HOH B . 
G 4 HOH 19 2019 2019 HOH HOH B . 
G 4 HOH 20 2020 2020 HOH HOH B . 
G 4 HOH 21 2021 2021 HOH HOH B . 
G 4 HOH 22 2022 2022 HOH HOH B . 
G 4 HOH 23 2023 2023 HOH HOH B . 
G 4 HOH 24 2024 2024 HOH HOH B . 
G 4 HOH 25 2025 2025 HOH HOH B . 
G 4 HOH 26 2026 2026 HOH HOH B . 
G 4 HOH 27 2027 2027 HOH HOH B . 
G 4 HOH 28 2028 2028 HOH HOH B . 
G 4 HOH 29 2029 2029 HOH HOH B . 
G 4 HOH 30 2030 2030 HOH HOH B . 
G 4 HOH 31 2031 2031 HOH HOH B . 
G 4 HOH 32 2032 2032 HOH HOH B . 
G 4 HOH 33 2033 2033 HOH HOH B . 
G 4 HOH 34 2034 2034 HOH HOH B . 
G 4 HOH 35 2035 2035 HOH HOH B . 
G 4 HOH 36 2036 2036 HOH HOH B . 
G 4 HOH 37 2037 2037 HOH HOH B . 
G 4 HOH 38 2038 2038 HOH HOH B . 
G 4 HOH 39 2039 2039 HOH HOH B . 
G 4 HOH 40 2040 2040 HOH HOH B . 
G 4 HOH 41 2041 2041 HOH HOH B . 
G 4 HOH 42 2042 2042 HOH HOH B . 
G 4 HOH 43 2043 2043 HOH HOH B . 
G 4 HOH 44 2044 2044 HOH HOH B . 
G 4 HOH 45 2045 2045 HOH HOH B . 
G 4 HOH 46 2046 2046 HOH HOH B . 
G 4 HOH 47 2047 2047 HOH HOH B . 
G 4 HOH 48 2048 2048 HOH HOH B . 
G 4 HOH 49 2049 2049 HOH HOH B . 
G 4 HOH 50 2050 2050 HOH HOH B . 
G 4 HOH 51 2051 2051 HOH HOH B . 
G 4 HOH 52 2052 2052 HOH HOH B . 
G 4 HOH 53 2053 2053 HOH HOH B . 
G 4 HOH 54 2054 2054 HOH HOH B . 
G 4 HOH 55 2055 2055 HOH HOH B . 
G 4 HOH 56 2056 2056 HOH HOH B . 
G 4 HOH 57 2057 2057 HOH HOH B . 
G 4 HOH 58 2058 2058 HOH HOH B . 
G 4 HOH 59 2059 2059 HOH HOH B . 
G 4 HOH 60 2060 2060 HOH HOH B . 
G 4 HOH 61 2061 2061 HOH HOH B . 
G 4 HOH 62 2062 2062 HOH HOH B . 
G 4 HOH 63 2063 2063 HOH HOH B . 
G 4 HOH 64 2064 2064 HOH HOH B . 
G 4 HOH 65 2065 2065 HOH HOH B . 
G 4 HOH 66 2066 2066 HOH HOH B . 
G 4 HOH 67 2067 2067 HOH HOH B . 
G 4 HOH 68 2068 2068 HOH HOH B . 
G 4 HOH 69 2069 2069 HOH HOH B . 
G 4 HOH 70 2070 2070 HOH HOH B . 
G 4 HOH 71 2071 2071 HOH HOH B . 
G 4 HOH 72 2072 2072 HOH HOH B . 
G 4 HOH 73 2073 2073 HOH HOH B . 
G 4 HOH 74 2074 2074 HOH HOH B . 
G 4 HOH 75 2075 2075 HOH HOH B . 
G 4 HOH 76 2076 2076 HOH HOH B . 
G 4 HOH 77 2077 2077 HOH HOH B . 
G 4 HOH 78 2078 2078 HOH HOH B . 
G 4 HOH 79 2079 2079 HOH HOH B . 
G 4 HOH 80 2080 2080 HOH HOH B . 
G 4 HOH 81 2081 2081 HOH HOH B . 
G 4 HOH 82 2082 2082 HOH HOH B . 
G 4 HOH 83 2083 2083 HOH HOH B . 
G 4 HOH 84 2084 2084 HOH HOH B . 
G 4 HOH 85 2085 2085 HOH HOH B . 
G 4 HOH 86 2086 2086 HOH HOH B . 
G 4 HOH 87 2087 2087 HOH HOH B . 
G 4 HOH 88 2088 2088 HOH HOH B . 
G 4 HOH 89 2089 2089 HOH HOH B . 
G 4 HOH 90 2090 2090 HOH HOH B . 
# 
loop_
_software.name 
_software.classification 
_software.version 
_software.citation_id 
_software.pdbx_ordinal 
REFMAC    refinement       5.2.0005 ? 1 
HKL       'data reduction' .        ? 2 
SCALEPACK 'data scaling'   .        ? 3 
MOLREP    phasing          .        ? 4 
# 
_cell.entry_id           2VLW 
_cell.length_a           26.766 
_cell.length_b           56.577 
_cell.length_c           45.308 
_cell.angle_alpha        90.00 
_cell.angle_beta         95.17 
_cell.angle_gamma        90.00 
_cell.Z_PDB              4 
_cell.pdbx_unique_axis   ? 
# 
_symmetry.entry_id                         2VLW 
_symmetry.space_group_name_H-M             'P 1 21 1' 
_symmetry.pdbx_full_space_group_name_H-M   ? 
_symmetry.cell_setting                     ? 
_symmetry.Int_Tables_number                4 
# 
_exptl.entry_id          2VLW 
_exptl.method            'X-RAY DIFFRACTION' 
_exptl.crystals_number   1 
# 
_exptl_crystal.id                    1 
_exptl_crystal.density_meas          ? 
_exptl_crystal.density_Matthews      2.1 
_exptl_crystal.density_percent_sol   41.9 
_exptl_crystal.description           NONE 
# 
_exptl_crystal_grow.crystal_id      1 
_exptl_crystal_grow.method          ? 
_exptl_crystal_grow.temp            ? 
_exptl_crystal_grow.temp_details    ? 
_exptl_crystal_grow.pH              5.5 
_exptl_crystal_grow.pdbx_pH_range   ? 
_exptl_crystal_grow.pdbx_details    '1.25M AMMONIUM SULFATE, 90MM SODIUM CITRATE, 10% 4-METHYL PENTANEDIOL, PH 5.5' 
# 
_diffrn.id                     1 
_diffrn.ambient_temp           100 
_diffrn.ambient_temp_details   ? 
_diffrn.crystal_id             1 
# 
_diffrn_detector.diffrn_id              1 
_diffrn_detector.detector               CCD 
_diffrn_detector.type                   'ADSC CCD' 
_diffrn_detector.pdbx_collection_date   2005-06-16 
_diffrn_detector.details                MIRRORS 
# 
_diffrn_radiation.diffrn_id                        1 
_diffrn_radiation.wavelength_id                    1 
_diffrn_radiation.pdbx_monochromatic_or_laue_m_l   M 
_diffrn_radiation.monochromator                    'CHANNEL-CUT SILICON MONOCHROMATOR' 
_diffrn_radiation.pdbx_diffrn_protocol             'SINGLE WAVELENGTH' 
_diffrn_radiation.pdbx_scattering_type             x-ray 
# 
_diffrn_radiation_wavelength.id           1 
_diffrn_radiation_wavelength.wavelength   0.937801 
_diffrn_radiation_wavelength.wt           1.0 
# 
_diffrn_source.diffrn_id                   1 
_diffrn_source.source                      SYNCHROTRON 
_diffrn_source.type                        'ESRF BEAMLINE ID29' 
_diffrn_source.pdbx_synchrotron_site       ESRF 
_diffrn_source.pdbx_synchrotron_beamline   ID29 
_diffrn_source.pdbx_wavelength             0.937801 
_diffrn_source.pdbx_wavelength_list        ? 
# 
_reflns.pdbx_diffrn_id               1 
_reflns.pdbx_ordinal                 1 
_reflns.entry_id                     2VLW 
_reflns.observed_criterion_sigma_I   . 
_reflns.observed_criterion_sigma_F   ? 
_reflns.d_resolution_low             45.13 
_reflns.d_resolution_high            1.39 
_reflns.number_obs                   24835 
_reflns.number_all                   ? 
_reflns.percent_possible_obs         95.3 
_reflns.pdbx_Rmerge_I_obs            0.07 
_reflns.pdbx_Rsym_value              ? 
_reflns.pdbx_netI_over_sigmaI        5.00 
_reflns.B_iso_Wilson_estimate        ? 
_reflns.pdbx_redundancy              2.2 
# 
_reflns_shell.pdbx_diffrn_id         1 
_reflns_shell.pdbx_ordinal           1 
_reflns_shell.d_res_high             1.38 
_reflns_shell.d_res_low              1.42 
_reflns_shell.percent_possible_all   75.3 
_reflns_shell.Rmerge_I_obs           0.48 
_reflns_shell.pdbx_Rsym_value        ? 
_reflns_shell.meanI_over_sigI_obs    2.50 
_reflns_shell.pdbx_redundancy        1.5 
# 
_refine.pdbx_refine_id                           'X-RAY DIFFRACTION' 
_refine.entry_id                                 2VLW 
_refine.pdbx_diffrn_id                           1 
_refine.pdbx_TLS_residual_ADP_flag               ? 
_refine.ls_number_reflns_obs                     24835 
_refine.ls_number_reflns_all                     ? 
_refine.pdbx_ls_sigma_I                          ? 
_refine.pdbx_ls_sigma_F                          ? 
_refine.pdbx_data_cutoff_high_absF               ? 
_refine.pdbx_data_cutoff_low_absF                ? 
_refine.pdbx_data_cutoff_high_rms_absF           ? 
_refine.ls_d_res_low                             45.13 
_refine.ls_d_res_high                            1.39 
_refine.ls_percent_reflns_obs                    95.3 
_refine.ls_R_factor_obs                          0.200 
_refine.ls_R_factor_all                          ? 
_refine.ls_R_factor_R_work                       0.199 
_refine.ls_R_factor_R_free                       0.212 
_refine.ls_R_factor_R_free_error                 ? 
_refine.ls_R_factor_R_free_error_details         ? 
_refine.ls_percent_reflns_R_free                 5.000 
_refine.ls_number_reflns_R_free                  1309 
_refine.ls_number_parameters                     ? 
_refine.ls_number_restraints                     ? 
_refine.occupancy_min                            ? 
_refine.occupancy_max                            ? 
_refine.correlation_coeff_Fo_to_Fc               0.954 
_refine.correlation_coeff_Fo_to_Fc_free          0.951 
_refine.B_iso_mean                               13.26 
_refine.aniso_B[1][1]                            0.13000 
_refine.aniso_B[2][2]                            -0.70000 
_refine.aniso_B[3][3]                            0.60000 
_refine.aniso_B[1][2]                            0.00000 
_refine.aniso_B[1][3]                            0.17000 
_refine.aniso_B[2][3]                            0.00000 
_refine.solvent_model_details                    MASK 
_refine.solvent_model_param_ksol                 ? 
_refine.solvent_model_param_bsol                 ? 
_refine.pdbx_solvent_vdw_probe_radii             1.20 
_refine.pdbx_solvent_ion_probe_radii             0.80 
_refine.pdbx_solvent_shrinkage_radii             0.80 
_refine.pdbx_ls_cross_valid_method               THROUGHOUT 
_refine.details                                  'HYDROGENS HAVE BEEN ADDED IN THE RIDING POSITIONS.' 
_refine.pdbx_starting_model                      'PDB ENTRY 1FF4' 
_refine.pdbx_method_to_determine_struct          'MOLECULAR REPLACEMENT' 
_refine.pdbx_isotropic_thermal_model             ? 
_refine.pdbx_stereochemistry_target_values       'MAXIMUM LIKELIHOOD' 
_refine.pdbx_stereochem_target_val_spec_case     ? 
_refine.pdbx_R_Free_selection_details            RANDOM 
_refine.pdbx_overall_ESU_R                       0.071 
_refine.pdbx_overall_ESU_R_Free                  0.067 
_refine.overall_SU_ML                            0.049 
_refine.pdbx_overall_phase_error                 ? 
_refine.overall_SU_B                             1.217 
_refine.overall_SU_R_Cruickshank_DPI             ? 
_refine.pdbx_overall_SU_R_free_Cruickshank_DPI   ? 
_refine.pdbx_overall_SU_R_Blow_DPI               ? 
_refine.pdbx_overall_SU_R_free_Blow_DPI          ? 
# 
_refine_hist.pdbx_refine_id                   'X-RAY DIFFRACTION' 
_refine_hist.cycle_id                         LAST 
_refine_hist.pdbx_number_atoms_protein        1042 
_refine_hist.pdbx_number_atoms_nucleic_acid   0 
_refine_hist.pdbx_number_atoms_ligand         14 
_refine_hist.number_atoms_solvent             173 
_refine_hist.number_atoms_total               1229 
_refine_hist.d_res_high                       1.39 
_refine_hist.d_res_low                        45.13 
# 
loop_
_refine_ls_restr.type 
_refine_ls_restr.dev_ideal 
_refine_ls_restr.dev_ideal_target 
_refine_ls_restr.weight 
_refine_ls_restr.number 
_refine_ls_restr.pdbx_refine_id 
_refine_ls_restr.pdbx_restraint_function 
r_bond_refined_d             0.013  0.022  ? 1087 'X-RAY DIFFRACTION' ? 
r_bond_other_d               0.002  0.020  ? 893  'X-RAY DIFFRACTION' ? 
r_angle_refined_deg          1.620  1.978  ? 1479 'X-RAY DIFFRACTION' ? 
r_angle_other_deg            0.994  3.000  ? 2100 'X-RAY DIFFRACTION' ? 
r_dihedral_angle_1_deg       7.076  5.000  ? 128  'X-RAY DIFFRACTION' ? 
r_dihedral_angle_2_deg       31.850 23.750 ? 48   'X-RAY DIFFRACTION' ? 
r_dihedral_angle_3_deg       13.341 15.000 ? 176  'X-RAY DIFFRACTION' ? 
r_dihedral_angle_4_deg       10.844 15.000 ? 8    'X-RAY DIFFRACTION' ? 
r_chiral_restr               0.285  0.200  ? 148  'X-RAY DIFFRACTION' ? 
r_gen_planes_refined         0.007  0.020  ? 1194 'X-RAY DIFFRACTION' ? 
r_gen_planes_other           0.002  0.020  ? 222  'X-RAY DIFFRACTION' ? 
r_nbd_refined                0.218  0.200  ? 200  'X-RAY DIFFRACTION' ? 
r_nbd_other                  0.198  0.200  ? 906  'X-RAY DIFFRACTION' ? 
r_nbtor_refined              0.190  0.200  ? 515  'X-RAY DIFFRACTION' ? 
r_nbtor_other                0.093  0.200  ? 625  'X-RAY DIFFRACTION' ? 
r_xyhbond_nbd_refined        0.241  0.200  ? 92   'X-RAY DIFFRACTION' ? 
r_xyhbond_nbd_other          ?      ?      ? ?    'X-RAY DIFFRACTION' ? 
r_metal_ion_refined          ?      ?      ? ?    'X-RAY DIFFRACTION' ? 
r_metal_ion_other            ?      ?      ? ?    'X-RAY DIFFRACTION' ? 
r_symmetry_vdw_refined       0.414  0.200  ? 33   'X-RAY DIFFRACTION' ? 
r_symmetry_vdw_other         0.335  0.200  ? 79   'X-RAY DIFFRACTION' ? 
r_symmetry_hbond_refined     0.397  0.200  ? 21   'X-RAY DIFFRACTION' ? 
r_symmetry_hbond_other       ?      ?      ? ?    'X-RAY DIFFRACTION' ? 
r_symmetry_metal_ion_refined ?      ?      ? ?    'X-RAY DIFFRACTION' ? 
r_symmetry_metal_ion_other   ?      ?      ? ?    'X-RAY DIFFRACTION' ? 
r_mcbond_it                  1.038  1.500  ? 659  'X-RAY DIFFRACTION' ? 
r_mcbond_other               ?      ?      ? ?    'X-RAY DIFFRACTION' ? 
r_mcangle_it                 1.822  2.000  ? 1060 'X-RAY DIFFRACTION' ? 
r_mcangle_other              ?      ?      ? ?    'X-RAY DIFFRACTION' ? 
r_scbond_it                  2.919  3.000  ? 502  'X-RAY DIFFRACTION' ? 
r_scbond_other               ?      ?      ? ?    'X-RAY DIFFRACTION' ? 
r_scangle_it                 3.971  4.500  ? 419  'X-RAY DIFFRACTION' ? 
r_scangle_other              ?      ?      ? ?    'X-RAY DIFFRACTION' ? 
r_long_range_B_refined       ?      ?      ? ?    'X-RAY DIFFRACTION' ? 
r_long_range_B_other         ?      ?      ? ?    'X-RAY DIFFRACTION' ? 
r_rigid_bond_restr           ?      ?      ? ?    'X-RAY DIFFRACTION' ? 
r_sphericity_free            ?      ?      ? ?    'X-RAY DIFFRACTION' ? 
r_sphericity_bonded          ?      ?      ? ?    'X-RAY DIFFRACTION' ? 
# 
_refine_ls_shell.pdbx_refine_id                   'X-RAY DIFFRACTION' 
_refine_ls_shell.pdbx_total_number_of_bins_used   20 
_refine_ls_shell.d_res_high                       1.39 
_refine_ls_shell.d_res_low                        1.42 
_refine_ls_shell.number_reflns_R_work             1434 
_refine_ls_shell.R_factor_R_work                  0.3370 
_refine_ls_shell.percent_reflns_obs               ? 
_refine_ls_shell.R_factor_R_free                  0.3390 
_refine_ls_shell.R_factor_R_free_error            ? 
_refine_ls_shell.percent_reflns_R_free            ? 
_refine_ls_shell.number_reflns_R_free             92 
_refine_ls_shell.number_reflns_all                ? 
_refine_ls_shell.R_factor_all                     ? 
# 
_struct_ncs_oper.id             1 
_struct_ncs_oper.code           given 
_struct_ncs_oper.details        ? 
_struct_ncs_oper.matrix[1][1]   0.25758683 
_struct_ncs_oper.matrix[1][2]   0.28350034 
_struct_ncs_oper.matrix[1][3]   -0.92372640 
_struct_ncs_oper.matrix[2][1]   0.28895437 
_struct_ncs_oper.matrix[2][2]   -0.93484365 
_struct_ncs_oper.matrix[2][3]   -0.20633920 
_struct_ncs_oper.matrix[3][1]   -0.92203835 
_struct_ncs_oper.matrix[3][2]   -0.21376899 
_struct_ncs_oper.matrix[3][3]   -0.32272319 
_struct_ncs_oper.vector[1]      0.02166 
_struct_ncs_oper.vector[2]      0.00453 
_struct_ncs_oper.vector[3]      0.04219 
# 
_struct.entry_id                  2VLW 
_struct.title                     'Crystal structure of the muscarinic toxin MT7 diiodoTYR51 derivative.' 
_struct.pdbx_model_details        ? 
_struct.pdbx_CASP_flag            ? 
_struct.pdbx_model_type_details   ? 
# 
_struct_keywords.entry_id        2VLW 
_struct_keywords.pdbx_keywords   TOXIN 
_struct_keywords.text            
;ACETYLCHOLINE RECEPTOR INHIBITOR, GREEN MAMBA SNAKE TOXIN, HM1 MUSCARINIC RECEPTOR, TOXIN, SECRETED, NEUROTOXIN, DIIODOTYROSINE, MUSCARINIC TOXIN, POSTSYNAPTIC NEUROTOXIN
;
# 
loop_
_struct_asym.id 
_struct_asym.pdbx_blank_PDB_chainid_flag 
_struct_asym.pdbx_modified 
_struct_asym.entity_id 
_struct_asym.details 
A N N 1 ? 
B N N 1 ? 
C N N 2 ? 
D N N 3 ? 
E N N 3 ? 
F N N 4 ? 
G N N 4 ? 
# 
_struct_ref.id                         1 
_struct_ref.db_name                    UNP 
_struct_ref.db_code                    NXM11_DENAN 
_struct_ref.entity_id                  1 
_struct_ref.pdbx_seq_one_letter_code   ? 
_struct_ref.pdbx_align_begin           ? 
_struct_ref.pdbx_db_accession          Q8QGR0 
_struct_ref.pdbx_db_isoform            ? 
# 
loop_
_struct_ref_seq.align_id 
_struct_ref_seq.ref_id 
_struct_ref_seq.pdbx_PDB_id_code 
_struct_ref_seq.pdbx_strand_id 
_struct_ref_seq.seq_align_beg 
_struct_ref_seq.pdbx_seq_align_beg_ins_code 
_struct_ref_seq.seq_align_end 
_struct_ref_seq.pdbx_seq_align_end_ins_code 
_struct_ref_seq.pdbx_db_accession 
_struct_ref_seq.db_align_beg 
_struct_ref_seq.pdbx_db_align_beg_ins_code 
_struct_ref_seq.db_align_end 
_struct_ref_seq.pdbx_db_align_end_ins_code 
_struct_ref_seq.pdbx_auth_seq_align_beg 
_struct_ref_seq.pdbx_auth_seq_align_end 
1 1 2VLW A 1 ? 65 ? Q8QGR0 22 ? 86 ? 1 65 
2 1 2VLW B 1 ? 65 ? Q8QGR0 22 ? 86 ? 1 65 
# 
loop_
_pdbx_struct_assembly.id 
_pdbx_struct_assembly.details 
_pdbx_struct_assembly.method_details 
_pdbx_struct_assembly.oligomeric_details 
_pdbx_struct_assembly.oligomeric_count 
1 author_and_software_defined_assembly PISA monomeric 1 
2 author_and_software_defined_assembly PISA monomeric 1 
# 
loop_
_pdbx_struct_assembly_gen.assembly_id 
_pdbx_struct_assembly_gen.oper_expression 
_pdbx_struct_assembly_gen.asym_id_list 
1 1 A,C,D,F 
2 1 B,E,G   
# 
_pdbx_struct_oper_list.id                   1 
_pdbx_struct_oper_list.type                 'identity operation' 
_pdbx_struct_oper_list.name                 1_555 
_pdbx_struct_oper_list.symmetry_operation   x,y,z 
_pdbx_struct_oper_list.matrix[1][1]         1.0000000000 
_pdbx_struct_oper_list.matrix[1][2]         0.0000000000 
_pdbx_struct_oper_list.matrix[1][3]         0.0000000000 
_pdbx_struct_oper_list.vector[1]            0.0000000000 
_pdbx_struct_oper_list.matrix[2][1]         0.0000000000 
_pdbx_struct_oper_list.matrix[2][2]         1.0000000000 
_pdbx_struct_oper_list.matrix[2][3]         0.0000000000 
_pdbx_struct_oper_list.vector[2]            0.0000000000 
_pdbx_struct_oper_list.matrix[3][1]         0.0000000000 
_pdbx_struct_oper_list.matrix[3][2]         0.0000000000 
_pdbx_struct_oper_list.matrix[3][3]         1.0000000000 
_pdbx_struct_oper_list.vector[3]            0.0000000000 
# 
_struct_biol.id   1 
# 
loop_
_struct_conn.id 
_struct_conn.conn_type_id 
_struct_conn.pdbx_leaving_atom_flag 
_struct_conn.pdbx_PDB_id 
_struct_conn.ptnr1_label_asym_id 
_struct_conn.ptnr1_label_comp_id 
_struct_conn.ptnr1_label_seq_id 
_struct_conn.ptnr1_label_atom_id 
_struct_conn.pdbx_ptnr1_label_alt_id 
_struct_conn.pdbx_ptnr1_PDB_ins_code 
_struct_conn.pdbx_ptnr1_standard_comp_id 
_struct_conn.ptnr1_symmetry 
_struct_conn.ptnr2_label_asym_id 
_struct_conn.ptnr2_label_comp_id 
_struct_conn.ptnr2_label_seq_id 
_struct_conn.ptnr2_label_atom_id 
_struct_conn.pdbx_ptnr2_label_alt_id 
_struct_conn.pdbx_ptnr2_PDB_ins_code 
_struct_conn.ptnr1_auth_asym_id 
_struct_conn.ptnr1_auth_comp_id 
_struct_conn.ptnr1_auth_seq_id 
_struct_conn.ptnr2_auth_asym_id 
_struct_conn.ptnr2_auth_comp_id 
_struct_conn.ptnr2_auth_seq_id 
_struct_conn.ptnr2_symmetry 
_struct_conn.pdbx_ptnr3_label_atom_id 
_struct_conn.pdbx_ptnr3_label_seq_id 
_struct_conn.pdbx_ptnr3_label_comp_id 
_struct_conn.pdbx_ptnr3_label_asym_id 
_struct_conn.pdbx_ptnr3_label_alt_id 
_struct_conn.pdbx_ptnr3_PDB_ins_code 
_struct_conn.details 
_struct_conn.pdbx_dist_value 
_struct_conn.pdbx_value_order 
_struct_conn.pdbx_role 
disulf1 disulf ?    ? A CYS 3  SG ? ? ? 1_555 A CYS 24 SG ? ? A CYS 3  A CYS 24 1_555 ? ? ? ? ? ? ? 2.058 ? ? 
disulf2 disulf ?    ? A CYS 17 SG ? ? ? 1_555 A CYS 42 SG ? ? A CYS 17 A CYS 42 1_555 ? ? ? ? ? ? ? 2.070 ? ? 
disulf3 disulf ?    ? A CYS 46 SG ? ? ? 1_555 A CYS 57 SG ? ? A CYS 46 A CYS 57 1_555 ? ? ? ? ? ? ? 2.092 ? ? 
disulf4 disulf ?    ? A CYS 58 SG ? ? ? 1_555 A CYS 63 SG ? ? A CYS 58 A CYS 63 1_555 ? ? ? ? ? ? ? 1.998 ? ? 
disulf5 disulf ?    ? B CYS 3  SG ? ? ? 1_555 B CYS 24 SG ? ? B CYS 3  B CYS 24 1_555 ? ? ? ? ? ? ? 2.040 ? ? 
disulf6 disulf ?    ? B CYS 17 SG ? ? ? 1_555 B CYS 42 SG ? ? B CYS 17 B CYS 42 1_555 ? ? ? ? ? ? ? 2.079 ? ? 
disulf7 disulf ?    ? B CYS 46 SG ? ? ? 1_555 B CYS 57 SG ? ? B CYS 46 B CYS 57 1_555 ? ? ? ? ? ? ? 2.069 ? ? 
disulf8 disulf ?    ? B CYS 58 SG ? ? ? 1_555 B CYS 63 SG ? ? B CYS 58 B CYS 63 1_555 ? ? ? ? ? ? ? 2.003 ? ? 
covale1 covale both ? A GLU 50 C  ? ? ? 1_555 A TYI 51 N  ? ? A GLU 50 A TYI 51 1_555 ? ? ? ? ? ? ? 1.326 ? ? 
covale2 covale both ? A TYI 51 C  ? ? ? 1_555 A ARG 52 N  ? ? A TYI 51 A ARG 52 1_555 ? ? ? ? ? ? ? 1.327 ? ? 
covale3 covale both ? B GLU 50 C  ? ? ? 1_555 B TYI 51 N  ? ? B GLU 50 B TYI 51 1_555 ? ? ? ? ? ? ? 1.328 ? ? 
covale4 covale both ? B TYI 51 C  ? ? ? 1_555 B ARG 52 N  ? ? B TYI 51 B ARG 52 1_555 ? ? ? ? ? ? ? 1.322 ? ? 
# 
loop_
_struct_conn_type.id 
_struct_conn_type.criteria 
_struct_conn_type.reference 
disulf ? ? 
covale ? ? 
# 
loop_
_pdbx_modification_feature.ordinal 
_pdbx_modification_feature.label_comp_id 
_pdbx_modification_feature.label_asym_id 
_pdbx_modification_feature.label_seq_id 
_pdbx_modification_feature.label_alt_id 
_pdbx_modification_feature.modified_residue_label_comp_id 
_pdbx_modification_feature.modified_residue_label_asym_id 
_pdbx_modification_feature.modified_residue_label_seq_id 
_pdbx_modification_feature.modified_residue_label_alt_id 
_pdbx_modification_feature.auth_comp_id 
_pdbx_modification_feature.auth_asym_id 
_pdbx_modification_feature.auth_seq_id 
_pdbx_modification_feature.PDB_ins_code 
_pdbx_modification_feature.symmetry 
_pdbx_modification_feature.modified_residue_auth_comp_id 
_pdbx_modification_feature.modified_residue_auth_asym_id 
_pdbx_modification_feature.modified_residue_auth_seq_id 
_pdbx_modification_feature.modified_residue_PDB_ins_code 
_pdbx_modification_feature.modified_residue_symmetry 
_pdbx_modification_feature.comp_id_linking_atom 
_pdbx_modification_feature.modified_residue_id_linking_atom 
_pdbx_modification_feature.modified_residue_id 
_pdbx_modification_feature.ref_pcm_id 
_pdbx_modification_feature.ref_comp_id 
_pdbx_modification_feature.type 
_pdbx_modification_feature.category 
1  TYI A 51 ? .   . .  . TYI A 51 ? 1_555 .   . .  . .     .  .  TYR 1 TYI Iodination 'Named protein modification' 
2  TYI B 51 ? .   . .  . TYI B 51 ? 1_555 .   . .  . .     .  .  TYR 1 TYI Iodination 'Named protein modification' 
3  CYS A 3  ? CYS A 24 ? CYS A 3  ? 1_555 CYS A 24 ? 1_555 SG SG .   . .   None       'Disulfide bridge'           
4  CYS A 17 ? CYS A 42 ? CYS A 17 ? 1_555 CYS A 42 ? 1_555 SG SG .   . .   None       'Disulfide bridge'           
5  CYS A 46 ? CYS A 57 ? CYS A 46 ? 1_555 CYS A 57 ? 1_555 SG SG .   . .   None       'Disulfide bridge'           
6  CYS A 58 ? CYS A 63 ? CYS A 58 ? 1_555 CYS A 63 ? 1_555 SG SG .   . .   None       'Disulfide bridge'           
7  CYS B 3  ? CYS B 24 ? CYS B 3  ? 1_555 CYS B 24 ? 1_555 SG SG .   . .   None       'Disulfide bridge'           
8  CYS B 17 ? CYS B 42 ? CYS B 17 ? 1_555 CYS B 42 ? 1_555 SG SG .   . .   None       'Disulfide bridge'           
9  CYS B 46 ? CYS B 57 ? CYS B 46 ? 1_555 CYS B 57 ? 1_555 SG SG .   . .   None       'Disulfide bridge'           
10 CYS B 58 ? CYS B 63 ? CYS B 58 ? 1_555 CYS B 63 ? 1_555 SG SG .   . .   None       'Disulfide bridge'           
# 
loop_
_struct_sheet.id 
_struct_sheet.type 
_struct_sheet.number_strands 
_struct_sheet.details 
AA ? 2 ? 
AB ? 3 ? 
BA ? 2 ? 
BB ? 3 ? 
# 
loop_
_struct_sheet_order.sheet_id 
_struct_sheet_order.range_id_1 
_struct_sheet_order.range_id_2 
_struct_sheet_order.offset 
_struct_sheet_order.sense 
AA 1 2 ? anti-parallel 
AB 1 2 ? anti-parallel 
AB 2 3 ? anti-parallel 
BA 1 2 ? anti-parallel 
BB 1 2 ? anti-parallel 
BB 2 3 ? anti-parallel 
# 
loop_
_struct_sheet_range.sheet_id 
_struct_sheet_range.id 
_struct_sheet_range.beg_label_comp_id 
_struct_sheet_range.beg_label_asym_id 
_struct_sheet_range.beg_label_seq_id 
_struct_sheet_range.pdbx_beg_PDB_ins_code 
_struct_sheet_range.end_label_comp_id 
_struct_sheet_range.end_label_asym_id 
_struct_sheet_range.end_label_seq_id 
_struct_sheet_range.pdbx_end_PDB_ins_code 
_struct_sheet_range.beg_auth_comp_id 
_struct_sheet_range.beg_auth_asym_id 
_struct_sheet_range.beg_auth_seq_id 
_struct_sheet_range.end_auth_comp_id 
_struct_sheet_range.end_auth_asym_id 
_struct_sheet_range.end_auth_seq_id 
AA 1 THR A 2  ? LYS A 5  ? THR A 2  LYS A 5  
AA 2 THR A 13 ? ASP A 16 ? THR A 13 ASP A 16 
AB 1 MET A 35 ? ALA A 43 ? MET A 35 ALA A 43 
AB 2 LEU A 23 ? SER A 32 ? LEU A 23 SER A 32 
AB 3 ASP A 53 ? CYS A 58 ? ASP A 53 CYS A 58 
BA 1 THR B 2  ? LYS B 5  ? THR B 2  LYS B 5  
BA 2 THR B 13 ? ASP B 16 ? THR B 13 ASP B 16 
BB 1 MET B 35 ? ALA B 43 ? MET B 35 ALA B 43 
BB 2 LEU B 23 ? SER B 32 ? LEU B 23 SER B 32 
BB 3 ASP B 53 ? CYS B 58 ? ASP B 53 CYS B 58 
# 
loop_
_pdbx_struct_sheet_hbond.sheet_id 
_pdbx_struct_sheet_hbond.range_id_1 
_pdbx_struct_sheet_hbond.range_id_2 
_pdbx_struct_sheet_hbond.range_1_label_atom_id 
_pdbx_struct_sheet_hbond.range_1_label_comp_id 
_pdbx_struct_sheet_hbond.range_1_label_asym_id 
_pdbx_struct_sheet_hbond.range_1_label_seq_id 
_pdbx_struct_sheet_hbond.range_1_PDB_ins_code 
_pdbx_struct_sheet_hbond.range_1_auth_atom_id 
_pdbx_struct_sheet_hbond.range_1_auth_comp_id 
_pdbx_struct_sheet_hbond.range_1_auth_asym_id 
_pdbx_struct_sheet_hbond.range_1_auth_seq_id 
_pdbx_struct_sheet_hbond.range_2_label_atom_id 
_pdbx_struct_sheet_hbond.range_2_label_comp_id 
_pdbx_struct_sheet_hbond.range_2_label_asym_id 
_pdbx_struct_sheet_hbond.range_2_label_seq_id 
_pdbx_struct_sheet_hbond.range_2_PDB_ins_code 
_pdbx_struct_sheet_hbond.range_2_auth_atom_id 
_pdbx_struct_sheet_hbond.range_2_auth_comp_id 
_pdbx_struct_sheet_hbond.range_2_auth_asym_id 
_pdbx_struct_sheet_hbond.range_2_auth_seq_id 
AA 1 2 N LYS A 5  ? N LYS A 5  O THR A 13 ? O THR A 13 
AB 1 2 N ALA A 43 ? N ALA A 43 O LEU A 23 ? O LEU A 23 
AB 2 3 N TRP A 28 ? N TRP A 28 O VAL A 54 ? O VAL A 54 
BA 1 2 N LYS B 5  ? N LYS B 5  O THR B 13 ? O THR B 13 
BB 1 2 N ALA B 43 ? N ALA B 43 O LEU B 23 ? O LEU B 23 
BB 2 3 N TRP B 28 ? N TRP B 28 O VAL B 54 ? O VAL B 54 
# 
loop_
_struct_site.id 
_struct_site.pdbx_evidence_code 
_struct_site.pdbx_auth_asym_id 
_struct_site.pdbx_auth_comp_id 
_struct_site.pdbx_auth_seq_id 
_struct_site.pdbx_auth_ins_code 
_struct_site.pdbx_num_residues 
_struct_site.details 
AC1 Software ? ? ? ? 4 'BINDING SITE FOR RESIDUE ACT A1067' 
AC2 Software ? ? ? ? 4 'BINDING SITE FOR RESIDUE SO4 A1068' 
AC3 Software ? ? ? ? 5 'BINDING SITE FOR RESIDUE SO4 B1067' 
# 
loop_
_struct_site_gen.id 
_struct_site_gen.site_id 
_struct_site_gen.pdbx_num_res 
_struct_site_gen.label_comp_id 
_struct_site_gen.label_asym_id 
_struct_site_gen.label_seq_id 
_struct_site_gen.pdbx_auth_ins_code 
_struct_site_gen.auth_comp_id 
_struct_site_gen.auth_asym_id 
_struct_site_gen.auth_seq_id 
_struct_site_gen.label_atom_id 
_struct_site_gen.label_alt_id 
_struct_site_gen.symmetry 
_struct_site_gen.details 
1  AC1 4 TYI A 51 ? TYI A 51   . ? 1_555 ? 
2  AC1 4 VAL A 54 ? VAL A 54   . ? 1_555 ? 
3  AC1 4 TYR B 30 ? TYR B 30   . ? 1_555 ? 
4  AC1 4 TYI B 51 ? TYI B 51   . ? 1_555 ? 
5  AC2 4 ARG A 52 ? ARG A 52   . ? 1_555 ? 
6  AC2 4 HOH F .  ? HOH A 2082 . ? 1_555 ? 
7  AC2 4 HOH F .  ? HOH A 2083 . ? 1_555 ? 
8  AC2 4 ARG B 52 ? ARG B 52   . ? 1_555 ? 
9  AC3 5 ASN B 7  ? ASN B 7    . ? 1_555 ? 
10 AC3 5 SER B 8  ? SER B 8    . ? 1_555 ? 
11 AC3 5 HOH G .  ? HOH B 2087 . ? 1_555 ? 
12 AC3 5 HOH G .  ? HOH B 2089 . ? 1_555 ? 
13 AC3 5 HOH G .  ? HOH B 2090 . ? 1_555 ? 
# 
_pdbx_entry_details.entry_id                   2VLW 
_pdbx_entry_details.compound_details           ? 
_pdbx_entry_details.source_details             ? 
_pdbx_entry_details.nonpolymer_details         
;SULFATE ION (SO4): SO4 FROM CRYSTALLIZATION PRECIPITANT OR
 CRYOSALT.
ACETATE ION (ACT): ACETATE FROM PROTEIN BUFFER.
3,5-DIIODOTYROSINE (TYI): 3,5-DIIODOTYROSINE INTRODUCED BY
 CHEMICAL SYNTHESIS
;
_pdbx_entry_details.sequence_details           'Y51 IS DIIODINATED' 
_pdbx_entry_details.has_ligand_of_interest     ? 
_pdbx_entry_details.has_protein_modification   Y 
# 
loop_
_pdbx_validate_close_contact.id 
_pdbx_validate_close_contact.PDB_model_num 
_pdbx_validate_close_contact.auth_atom_id_1 
_pdbx_validate_close_contact.auth_asym_id_1 
_pdbx_validate_close_contact.auth_comp_id_1 
_pdbx_validate_close_contact.auth_seq_id_1 
_pdbx_validate_close_contact.PDB_ins_code_1 
_pdbx_validate_close_contact.label_alt_id_1 
_pdbx_validate_close_contact.auth_atom_id_2 
_pdbx_validate_close_contact.auth_asym_id_2 
_pdbx_validate_close_contact.auth_comp_id_2 
_pdbx_validate_close_contact.auth_seq_id_2 
_pdbx_validate_close_contact.PDB_ins_code_2 
_pdbx_validate_close_contact.label_alt_id_2 
_pdbx_validate_close_contact.dist 
1 1 O   B HOH 2021 ? ? O B HOH 2043 ? ? 1.52 
2 1 O   A HOH 2015 ? ? O A HOH 2032 ? ? 1.55 
3 1 O   A HOH 2030 ? ? O B HOH 2042 ? ? 1.55 
4 1 CZ  A PHE 11   ? ? O A HOH 2011 ? ? 1.99 
5 1 CE1 A PHE 11   ? ? O A HOH 2011 ? ? 2.14 
6 1 NZ  A LYS 48   ? ? O A HOH 2053 ? ? 2.14 
# 
_pdbx_validate_symm_contact.id                1 
_pdbx_validate_symm_contact.PDB_model_num     1 
_pdbx_validate_symm_contact.auth_atom_id_1    O 
_pdbx_validate_symm_contact.auth_asym_id_1    A 
_pdbx_validate_symm_contact.auth_comp_id_1    HOH 
_pdbx_validate_symm_contact.auth_seq_id_1     2007 
_pdbx_validate_symm_contact.PDB_ins_code_1    ? 
_pdbx_validate_symm_contact.label_alt_id_1    ? 
_pdbx_validate_symm_contact.site_symmetry_1   1_555 
_pdbx_validate_symm_contact.auth_atom_id_2    O 
_pdbx_validate_symm_contact.auth_asym_id_2    B 
_pdbx_validate_symm_contact.auth_comp_id_2    HOH 
_pdbx_validate_symm_contact.auth_seq_id_2     2021 
_pdbx_validate_symm_contact.PDB_ins_code_2    ? 
_pdbx_validate_symm_contact.label_alt_id_2    ? 
_pdbx_validate_symm_contact.site_symmetry_2   2_455 
_pdbx_validate_symm_contact.dist              1.67 
# 
loop_
_pdbx_validate_torsion.id 
_pdbx_validate_torsion.PDB_model_num 
_pdbx_validate_torsion.auth_comp_id 
_pdbx_validate_torsion.auth_asym_id 
_pdbx_validate_torsion.auth_seq_id 
_pdbx_validate_torsion.PDB_ins_code 
_pdbx_validate_torsion.label_alt_id 
_pdbx_validate_torsion.phi 
_pdbx_validate_torsion.psi 
1 1 ASN A 7  ? ? -166.68 -157.31 
2 1 ASN B 7  ? ? -164.10 -158.47 
3 1 THR B 13 ? ? -161.09 -163.51 
# 
_pdbx_validate_chiral.id              1 
_pdbx_validate_chiral.PDB_model_num   1 
_pdbx_validate_chiral.auth_atom_id    CB 
_pdbx_validate_chiral.label_alt_id    ? 
_pdbx_validate_chiral.auth_asym_id    A 
_pdbx_validate_chiral.auth_comp_id    THR 
_pdbx_validate_chiral.auth_seq_id     2 
_pdbx_validate_chiral.PDB_ins_code    ? 
_pdbx_validate_chiral.details         PLANAR 
_pdbx_validate_chiral.omega           . 
# 
loop_
_pdbx_struct_mod_residue.id 
_pdbx_struct_mod_residue.label_asym_id 
_pdbx_struct_mod_residue.label_comp_id 
_pdbx_struct_mod_residue.label_seq_id 
_pdbx_struct_mod_residue.auth_asym_id 
_pdbx_struct_mod_residue.auth_comp_id 
_pdbx_struct_mod_residue.auth_seq_id 
_pdbx_struct_mod_residue.PDB_ins_code 
_pdbx_struct_mod_residue.parent_comp_id 
_pdbx_struct_mod_residue.details 
1 A TYI 51 A TYI 51 ? TYR 3,5-DIIODOTYROSINE 
2 B TYI 51 B TYI 51 ? TYR 3,5-DIIODOTYROSINE 
# 
loop_
_chem_comp_atom.comp_id 
_chem_comp_atom.atom_id 
_chem_comp_atom.type_symbol 
_chem_comp_atom.pdbx_aromatic_flag 
_chem_comp_atom.pdbx_stereo_config 
_chem_comp_atom.pdbx_ordinal 
ACT C    C N N 1   
ACT O    O N N 2   
ACT OXT  O N N 3   
ACT CH3  C N N 4   
ACT H1   H N N 5   
ACT H2   H N N 6   
ACT H3   H N N 7   
ALA N    N N N 8   
ALA CA   C N S 9   
ALA C    C N N 10  
ALA O    O N N 11  
ALA CB   C N N 12  
ALA OXT  O N N 13  
ALA H    H N N 14  
ALA H2   H N N 15  
ALA HA   H N N 16  
ALA HB1  H N N 17  
ALA HB2  H N N 18  
ALA HB3  H N N 19  
ALA HXT  H N N 20  
ARG N    N N N 21  
ARG CA   C N S 22  
ARG C    C N N 23  
ARG O    O N N 24  
ARG CB   C N N 25  
ARG CG   C N N 26  
ARG CD   C N N 27  
ARG NE   N N N 28  
ARG CZ   C N N 29  
ARG NH1  N N N 30  
ARG NH2  N N N 31  
ARG OXT  O N N 32  
ARG H    H N N 33  
ARG H2   H N N 34  
ARG HA   H N N 35  
ARG HB2  H N N 36  
ARG HB3  H N N 37  
ARG HG2  H N N 38  
ARG HG3  H N N 39  
ARG HD2  H N N 40  
ARG HD3  H N N 41  
ARG HE   H N N 42  
ARG HH11 H N N 43  
ARG HH12 H N N 44  
ARG HH21 H N N 45  
ARG HH22 H N N 46  
ARG HXT  H N N 47  
ASN N    N N N 48  
ASN CA   C N S 49  
ASN C    C N N 50  
ASN O    O N N 51  
ASN CB   C N N 52  
ASN CG   C N N 53  
ASN OD1  O N N 54  
ASN ND2  N N N 55  
ASN OXT  O N N 56  
ASN H    H N N 57  
ASN H2   H N N 58  
ASN HA   H N N 59  
ASN HB2  H N N 60  
ASN HB3  H N N 61  
ASN HD21 H N N 62  
ASN HD22 H N N 63  
ASN HXT  H N N 64  
ASP N    N N N 65  
ASP CA   C N S 66  
ASP C    C N N 67  
ASP O    O N N 68  
ASP CB   C N N 69  
ASP CG   C N N 70  
ASP OD1  O N N 71  
ASP OD2  O N N 72  
ASP OXT  O N N 73  
ASP H    H N N 74  
ASP H2   H N N 75  
ASP HA   H N N 76  
ASP HB2  H N N 77  
ASP HB3  H N N 78  
ASP HD2  H N N 79  
ASP HXT  H N N 80  
CYS N    N N N 81  
CYS CA   C N R 82  
CYS C    C N N 83  
CYS O    O N N 84  
CYS CB   C N N 85  
CYS SG   S N N 86  
CYS OXT  O N N 87  
CYS H    H N N 88  
CYS H2   H N N 89  
CYS HA   H N N 90  
CYS HB2  H N N 91  
CYS HB3  H N N 92  
CYS HG   H N N 93  
CYS HXT  H N N 94  
GLN N    N N N 95  
GLN CA   C N S 96  
GLN C    C N N 97  
GLN O    O N N 98  
GLN CB   C N N 99  
GLN CG   C N N 100 
GLN CD   C N N 101 
GLN OE1  O N N 102 
GLN NE2  N N N 103 
GLN OXT  O N N 104 
GLN H    H N N 105 
GLN H2   H N N 106 
GLN HA   H N N 107 
GLN HB2  H N N 108 
GLN HB3  H N N 109 
GLN HG2  H N N 110 
GLN HG3  H N N 111 
GLN HE21 H N N 112 
GLN HE22 H N N 113 
GLN HXT  H N N 114 
GLU N    N N N 115 
GLU CA   C N S 116 
GLU C    C N N 117 
GLU O    O N N 118 
GLU CB   C N N 119 
GLU CG   C N N 120 
GLU CD   C N N 121 
GLU OE1  O N N 122 
GLU OE2  O N N 123 
GLU OXT  O N N 124 
GLU H    H N N 125 
GLU H2   H N N 126 
GLU HA   H N N 127 
GLU HB2  H N N 128 
GLU HB3  H N N 129 
GLU HG2  H N N 130 
GLU HG3  H N N 131 
GLU HE2  H N N 132 
GLU HXT  H N N 133 
GLY N    N N N 134 
GLY CA   C N N 135 
GLY C    C N N 136 
GLY O    O N N 137 
GLY OXT  O N N 138 
GLY H    H N N 139 
GLY H2   H N N 140 
GLY HA2  H N N 141 
GLY HA3  H N N 142 
GLY HXT  H N N 143 
HOH O    O N N 144 
HOH H1   H N N 145 
HOH H2   H N N 146 
ILE N    N N N 147 
ILE CA   C N S 148 
ILE C    C N N 149 
ILE O    O N N 150 
ILE CB   C N S 151 
ILE CG1  C N N 152 
ILE CG2  C N N 153 
ILE CD1  C N N 154 
ILE OXT  O N N 155 
ILE H    H N N 156 
ILE H2   H N N 157 
ILE HA   H N N 158 
ILE HB   H N N 159 
ILE HG12 H N N 160 
ILE HG13 H N N 161 
ILE HG21 H N N 162 
ILE HG22 H N N 163 
ILE HG23 H N N 164 
ILE HD11 H N N 165 
ILE HD12 H N N 166 
ILE HD13 H N N 167 
ILE HXT  H N N 168 
LEU N    N N N 169 
LEU CA   C N S 170 
LEU C    C N N 171 
LEU O    O N N 172 
LEU CB   C N N 173 
LEU CG   C N N 174 
LEU CD1  C N N 175 
LEU CD2  C N N 176 
LEU OXT  O N N 177 
LEU H    H N N 178 
LEU H2   H N N 179 
LEU HA   H N N 180 
LEU HB2  H N N 181 
LEU HB3  H N N 182 
LEU HG   H N N 183 
LEU HD11 H N N 184 
LEU HD12 H N N 185 
LEU HD13 H N N 186 
LEU HD21 H N N 187 
LEU HD22 H N N 188 
LEU HD23 H N N 189 
LEU HXT  H N N 190 
LYS N    N N N 191 
LYS CA   C N S 192 
LYS C    C N N 193 
LYS O    O N N 194 
LYS CB   C N N 195 
LYS CG   C N N 196 
LYS CD   C N N 197 
LYS CE   C N N 198 
LYS NZ   N N N 199 
LYS OXT  O N N 200 
LYS H    H N N 201 
LYS H2   H N N 202 
LYS HA   H N N 203 
LYS HB2  H N N 204 
LYS HB3  H N N 205 
LYS HG2  H N N 206 
LYS HG3  H N N 207 
LYS HD2  H N N 208 
LYS HD3  H N N 209 
LYS HE2  H N N 210 
LYS HE3  H N N 211 
LYS HZ1  H N N 212 
LYS HZ2  H N N 213 
LYS HZ3  H N N 214 
LYS HXT  H N N 215 
MET N    N N N 216 
MET CA   C N S 217 
MET C    C N N 218 
MET O    O N N 219 
MET CB   C N N 220 
MET CG   C N N 221 
MET SD   S N N 222 
MET CE   C N N 223 
MET OXT  O N N 224 
MET H    H N N 225 
MET H2   H N N 226 
MET HA   H N N 227 
MET HB2  H N N 228 
MET HB3  H N N 229 
MET HG2  H N N 230 
MET HG3  H N N 231 
MET HE1  H N N 232 
MET HE2  H N N 233 
MET HE3  H N N 234 
MET HXT  H N N 235 
PHE N    N N N 236 
PHE CA   C N S 237 
PHE C    C N N 238 
PHE O    O N N 239 
PHE CB   C N N 240 
PHE CG   C Y N 241 
PHE CD1  C Y N 242 
PHE CD2  C Y N 243 
PHE CE1  C Y N 244 
PHE CE2  C Y N 245 
PHE CZ   C Y N 246 
PHE OXT  O N N 247 
PHE H    H N N 248 
PHE H2   H N N 249 
PHE HA   H N N 250 
PHE HB2  H N N 251 
PHE HB3  H N N 252 
PHE HD1  H N N 253 
PHE HD2  H N N 254 
PHE HE1  H N N 255 
PHE HE2  H N N 256 
PHE HZ   H N N 257 
PHE HXT  H N N 258 
PRO N    N N N 259 
PRO CA   C N S 260 
PRO C    C N N 261 
PRO O    O N N 262 
PRO CB   C N N 263 
PRO CG   C N N 264 
PRO CD   C N N 265 
PRO OXT  O N N 266 
PRO H    H N N 267 
PRO HA   H N N 268 
PRO HB2  H N N 269 
PRO HB3  H N N 270 
PRO HG2  H N N 271 
PRO HG3  H N N 272 
PRO HD2  H N N 273 
PRO HD3  H N N 274 
PRO HXT  H N N 275 
SER N    N N N 276 
SER CA   C N S 277 
SER C    C N N 278 
SER O    O N N 279 
SER CB   C N N 280 
SER OG   O N N 281 
SER OXT  O N N 282 
SER H    H N N 283 
SER H2   H N N 284 
SER HA   H N N 285 
SER HB2  H N N 286 
SER HB3  H N N 287 
SER HG   H N N 288 
SER HXT  H N N 289 
SO4 S    S N N 290 
SO4 O1   O N N 291 
SO4 O2   O N N 292 
SO4 O3   O N N 293 
SO4 O4   O N N 294 
THR N    N N N 295 
THR CA   C N S 296 
THR C    C N N 297 
THR O    O N N 298 
THR CB   C N R 299 
THR OG1  O N N 300 
THR CG2  C N N 301 
THR OXT  O N N 302 
THR H    H N N 303 
THR H2   H N N 304 
THR HA   H N N 305 
THR HB   H N N 306 
THR HG1  H N N 307 
THR HG21 H N N 308 
THR HG22 H N N 309 
THR HG23 H N N 310 
THR HXT  H N N 311 
TRP N    N N N 312 
TRP CA   C N S 313 
TRP C    C N N 314 
TRP O    O N N 315 
TRP CB   C N N 316 
TRP CG   C Y N 317 
TRP CD1  C Y N 318 
TRP CD2  C Y N 319 
TRP NE1  N Y N 320 
TRP CE2  C Y N 321 
TRP CE3  C Y N 322 
TRP CZ2  C Y N 323 
TRP CZ3  C Y N 324 
TRP CH2  C Y N 325 
TRP OXT  O N N 326 
TRP H    H N N 327 
TRP H2   H N N 328 
TRP HA   H N N 329 
TRP HB2  H N N 330 
TRP HB3  H N N 331 
TRP HD1  H N N 332 
TRP HE1  H N N 333 
TRP HE3  H N N 334 
TRP HZ2  H N N 335 
TRP HZ3  H N N 336 
TRP HH2  H N N 337 
TRP HXT  H N N 338 
TYI N    N N N 339 
TYI CA   C N S 340 
TYI CB   C N N 341 
TYI CG   C Y N 342 
TYI CD1  C Y N 343 
TYI CE1  C Y N 344 
TYI CD2  C Y N 345 
TYI CE2  C Y N 346 
TYI CZ   C Y N 347 
TYI OH   O N N 348 
TYI C    C N N 349 
TYI O    O N N 350 
TYI OXT  O N N 351 
TYI I1   I N N 352 
TYI I2   I N N 353 
TYI H    H N N 354 
TYI H2   H N N 355 
TYI HA   H N N 356 
TYI HB2  H N N 357 
TYI HB3  H N N 358 
TYI HD1  H N N 359 
TYI HD2  H N N 360 
TYI HH   H N N 361 
TYI HXT  H N N 362 
TYR N    N N N 363 
TYR CA   C N S 364 
TYR C    C N N 365 
TYR O    O N N 366 
TYR CB   C N N 367 
TYR CG   C Y N 368 
TYR CD1  C Y N 369 
TYR CD2  C Y N 370 
TYR CE1  C Y N 371 
TYR CE2  C Y N 372 
TYR CZ   C Y N 373 
TYR OH   O N N 374 
TYR OXT  O N N 375 
TYR H    H N N 376 
TYR H2   H N N 377 
TYR HA   H N N 378 
TYR HB2  H N N 379 
TYR HB3  H N N 380 
TYR HD1  H N N 381 
TYR HD2  H N N 382 
TYR HE1  H N N 383 
TYR HE2  H N N 384 
TYR HH   H N N 385 
TYR HXT  H N N 386 
VAL N    N N N 387 
VAL CA   C N S 388 
VAL C    C N N 389 
VAL O    O N N 390 
VAL CB   C N N 391 
VAL CG1  C N N 392 
VAL CG2  C N N 393 
VAL OXT  O N N 394 
VAL H    H N N 395 
VAL H2   H N N 396 
VAL HA   H N N 397 
VAL HB   H N N 398 
VAL HG11 H N N 399 
VAL HG12 H N N 400 
VAL HG13 H N N 401 
VAL HG21 H N N 402 
VAL HG22 H N N 403 
VAL HG23 H N N 404 
VAL HXT  H N N 405 
# 
loop_
_chem_comp_bond.comp_id 
_chem_comp_bond.atom_id_1 
_chem_comp_bond.atom_id_2 
_chem_comp_bond.value_order 
_chem_comp_bond.pdbx_aromatic_flag 
_chem_comp_bond.pdbx_stereo_config 
_chem_comp_bond.pdbx_ordinal 
ACT C   O    doub N N 1   
ACT C   OXT  sing N N 2   
ACT C   CH3  sing N N 3   
ACT CH3 H1   sing N N 4   
ACT CH3 H2   sing N N 5   
ACT CH3 H3   sing N N 6   
ALA N   CA   sing N N 7   
ALA N   H    sing N N 8   
ALA N   H2   sing N N 9   
ALA CA  C    sing N N 10  
ALA CA  CB   sing N N 11  
ALA CA  HA   sing N N 12  
ALA C   O    doub N N 13  
ALA C   OXT  sing N N 14  
ALA CB  HB1  sing N N 15  
ALA CB  HB2  sing N N 16  
ALA CB  HB3  sing N N 17  
ALA OXT HXT  sing N N 18  
ARG N   CA   sing N N 19  
ARG N   H    sing N N 20  
ARG N   H2   sing N N 21  
ARG CA  C    sing N N 22  
ARG CA  CB   sing N N 23  
ARG CA  HA   sing N N 24  
ARG C   O    doub N N 25  
ARG C   OXT  sing N N 26  
ARG CB  CG   sing N N 27  
ARG CB  HB2  sing N N 28  
ARG CB  HB3  sing N N 29  
ARG CG  CD   sing N N 30  
ARG CG  HG2  sing N N 31  
ARG CG  HG3  sing N N 32  
ARG CD  NE   sing N N 33  
ARG CD  HD2  sing N N 34  
ARG CD  HD3  sing N N 35  
ARG NE  CZ   sing N N 36  
ARG NE  HE   sing N N 37  
ARG CZ  NH1  sing N N 38  
ARG CZ  NH2  doub N N 39  
ARG NH1 HH11 sing N N 40  
ARG NH1 HH12 sing N N 41  
ARG NH2 HH21 sing N N 42  
ARG NH2 HH22 sing N N 43  
ARG OXT HXT  sing N N 44  
ASN N   CA   sing N N 45  
ASN N   H    sing N N 46  
ASN N   H2   sing N N 47  
ASN CA  C    sing N N 48  
ASN CA  CB   sing N N 49  
ASN CA  HA   sing N N 50  
ASN C   O    doub N N 51  
ASN C   OXT  sing N N 52  
ASN CB  CG   sing N N 53  
ASN CB  HB2  sing N N 54  
ASN CB  HB3  sing N N 55  
ASN CG  OD1  doub N N 56  
ASN CG  ND2  sing N N 57  
ASN ND2 HD21 sing N N 58  
ASN ND2 HD22 sing N N 59  
ASN OXT HXT  sing N N 60  
ASP N   CA   sing N N 61  
ASP N   H    sing N N 62  
ASP N   H2   sing N N 63  
ASP CA  C    sing N N 64  
ASP CA  CB   sing N N 65  
ASP CA  HA   sing N N 66  
ASP C   O    doub N N 67  
ASP C   OXT  sing N N 68  
ASP CB  CG   sing N N 69  
ASP CB  HB2  sing N N 70  
ASP CB  HB3  sing N N 71  
ASP CG  OD1  doub N N 72  
ASP CG  OD2  sing N N 73  
ASP OD2 HD2  sing N N 74  
ASP OXT HXT  sing N N 75  
CYS N   CA   sing N N 76  
CYS N   H    sing N N 77  
CYS N   H2   sing N N 78  
CYS CA  C    sing N N 79  
CYS CA  CB   sing N N 80  
CYS CA  HA   sing N N 81  
CYS C   O    doub N N 82  
CYS C   OXT  sing N N 83  
CYS CB  SG   sing N N 84  
CYS CB  HB2  sing N N 85  
CYS CB  HB3  sing N N 86  
CYS SG  HG   sing N N 87  
CYS OXT HXT  sing N N 88  
GLN N   CA   sing N N 89  
GLN N   H    sing N N 90  
GLN N   H2   sing N N 91  
GLN CA  C    sing N N 92  
GLN CA  CB   sing N N 93  
GLN CA  HA   sing N N 94  
GLN C   O    doub N N 95  
GLN C   OXT  sing N N 96  
GLN CB  CG   sing N N 97  
GLN CB  HB2  sing N N 98  
GLN CB  HB3  sing N N 99  
GLN CG  CD   sing N N 100 
GLN CG  HG2  sing N N 101 
GLN CG  HG3  sing N N 102 
GLN CD  OE1  doub N N 103 
GLN CD  NE2  sing N N 104 
GLN NE2 HE21 sing N N 105 
GLN NE2 HE22 sing N N 106 
GLN OXT HXT  sing N N 107 
GLU N   CA   sing N N 108 
GLU N   H    sing N N 109 
GLU N   H2   sing N N 110 
GLU CA  C    sing N N 111 
GLU CA  CB   sing N N 112 
GLU CA  HA   sing N N 113 
GLU C   O    doub N N 114 
GLU C   OXT  sing N N 115 
GLU CB  CG   sing N N 116 
GLU CB  HB2  sing N N 117 
GLU CB  HB3  sing N N 118 
GLU CG  CD   sing N N 119 
GLU CG  HG2  sing N N 120 
GLU CG  HG3  sing N N 121 
GLU CD  OE1  doub N N 122 
GLU CD  OE2  sing N N 123 
GLU OE2 HE2  sing N N 124 
GLU OXT HXT  sing N N 125 
GLY N   CA   sing N N 126 
GLY N   H    sing N N 127 
GLY N   H2   sing N N 128 
GLY CA  C    sing N N 129 
GLY CA  HA2  sing N N 130 
GLY CA  HA3  sing N N 131 
GLY C   O    doub N N 132 
GLY C   OXT  sing N N 133 
GLY OXT HXT  sing N N 134 
HOH O   H1   sing N N 135 
HOH O   H2   sing N N 136 
ILE N   CA   sing N N 137 
ILE N   H    sing N N 138 
ILE N   H2   sing N N 139 
ILE CA  C    sing N N 140 
ILE CA  CB   sing N N 141 
ILE CA  HA   sing N N 142 
ILE C   O    doub N N 143 
ILE C   OXT  sing N N 144 
ILE CB  CG1  sing N N 145 
ILE CB  CG2  sing N N 146 
ILE CB  HB   sing N N 147 
ILE CG1 CD1  sing N N 148 
ILE CG1 HG12 sing N N 149 
ILE CG1 HG13 sing N N 150 
ILE CG2 HG21 sing N N 151 
ILE CG2 HG22 sing N N 152 
ILE CG2 HG23 sing N N 153 
ILE CD1 HD11 sing N N 154 
ILE CD1 HD12 sing N N 155 
ILE CD1 HD13 sing N N 156 
ILE OXT HXT  sing N N 157 
LEU N   CA   sing N N 158 
LEU N   H    sing N N 159 
LEU N   H2   sing N N 160 
LEU CA  C    sing N N 161 
LEU CA  CB   sing N N 162 
LEU CA  HA   sing N N 163 
LEU C   O    doub N N 164 
LEU C   OXT  sing N N 165 
LEU CB  CG   sing N N 166 
LEU CB  HB2  sing N N 167 
LEU CB  HB3  sing N N 168 
LEU CG  CD1  sing N N 169 
LEU CG  CD2  sing N N 170 
LEU CG  HG   sing N N 171 
LEU CD1 HD11 sing N N 172 
LEU CD1 HD12 sing N N 173 
LEU CD1 HD13 sing N N 174 
LEU CD2 HD21 sing N N 175 
LEU CD2 HD22 sing N N 176 
LEU CD2 HD23 sing N N 177 
LEU OXT HXT  sing N N 178 
LYS N   CA   sing N N 179 
LYS N   H    sing N N 180 
LYS N   H2   sing N N 181 
LYS CA  C    sing N N 182 
LYS CA  CB   sing N N 183 
LYS CA  HA   sing N N 184 
LYS C   O    doub N N 185 
LYS C   OXT  sing N N 186 
LYS CB  CG   sing N N 187 
LYS CB  HB2  sing N N 188 
LYS CB  HB3  sing N N 189 
LYS CG  CD   sing N N 190 
LYS CG  HG2  sing N N 191 
LYS CG  HG3  sing N N 192 
LYS CD  CE   sing N N 193 
LYS CD  HD2  sing N N 194 
LYS CD  HD3  sing N N 195 
LYS CE  NZ   sing N N 196 
LYS CE  HE2  sing N N 197 
LYS CE  HE3  sing N N 198 
LYS NZ  HZ1  sing N N 199 
LYS NZ  HZ2  sing N N 200 
LYS NZ  HZ3  sing N N 201 
LYS OXT HXT  sing N N 202 
MET N   CA   sing N N 203 
MET N   H    sing N N 204 
MET N   H2   sing N N 205 
MET CA  C    sing N N 206 
MET CA  CB   sing N N 207 
MET CA  HA   sing N N 208 
MET C   O    doub N N 209 
MET C   OXT  sing N N 210 
MET CB  CG   sing N N 211 
MET CB  HB2  sing N N 212 
MET CB  HB3  sing N N 213 
MET CG  SD   sing N N 214 
MET CG  HG2  sing N N 215 
MET CG  HG3  sing N N 216 
MET SD  CE   sing N N 217 
MET CE  HE1  sing N N 218 
MET CE  HE2  sing N N 219 
MET CE  HE3  sing N N 220 
MET OXT HXT  sing N N 221 
PHE N   CA   sing N N 222 
PHE N   H    sing N N 223 
PHE N   H2   sing N N 224 
PHE CA  C    sing N N 225 
PHE CA  CB   sing N N 226 
PHE CA  HA   sing N N 227 
PHE C   O    doub N N 228 
PHE C   OXT  sing N N 229 
PHE CB  CG   sing N N 230 
PHE CB  HB2  sing N N 231 
PHE CB  HB3  sing N N 232 
PHE CG  CD1  doub Y N 233 
PHE CG  CD2  sing Y N 234 
PHE CD1 CE1  sing Y N 235 
PHE CD1 HD1  sing N N 236 
PHE CD2 CE2  doub Y N 237 
PHE CD2 HD2  sing N N 238 
PHE CE1 CZ   doub Y N 239 
PHE CE1 HE1  sing N N 240 
PHE CE2 CZ   sing Y N 241 
PHE CE2 HE2  sing N N 242 
PHE CZ  HZ   sing N N 243 
PHE OXT HXT  sing N N 244 
PRO N   CA   sing N N 245 
PRO N   CD   sing N N 246 
PRO N   H    sing N N 247 
PRO CA  C    sing N N 248 
PRO CA  CB   sing N N 249 
PRO CA  HA   sing N N 250 
PRO C   O    doub N N 251 
PRO C   OXT  sing N N 252 
PRO CB  CG   sing N N 253 
PRO CB  HB2  sing N N 254 
PRO CB  HB3  sing N N 255 
PRO CG  CD   sing N N 256 
PRO CG  HG2  sing N N 257 
PRO CG  HG3  sing N N 258 
PRO CD  HD2  sing N N 259 
PRO CD  HD3  sing N N 260 
PRO OXT HXT  sing N N 261 
SER N   CA   sing N N 262 
SER N   H    sing N N 263 
SER N   H2   sing N N 264 
SER CA  C    sing N N 265 
SER CA  CB   sing N N 266 
SER CA  HA   sing N N 267 
SER C   O    doub N N 268 
SER C   OXT  sing N N 269 
SER CB  OG   sing N N 270 
SER CB  HB2  sing N N 271 
SER CB  HB3  sing N N 272 
SER OG  HG   sing N N 273 
SER OXT HXT  sing N N 274 
SO4 S   O1   doub N N 275 
SO4 S   O2   doub N N 276 
SO4 S   O3   sing N N 277 
SO4 S   O4   sing N N 278 
THR N   CA   sing N N 279 
THR N   H    sing N N 280 
THR N   H2   sing N N 281 
THR CA  C    sing N N 282 
THR CA  CB   sing N N 283 
THR CA  HA   sing N N 284 
THR C   O    doub N N 285 
THR C   OXT  sing N N 286 
THR CB  OG1  sing N N 287 
THR CB  CG2  sing N N 288 
THR CB  HB   sing N N 289 
THR OG1 HG1  sing N N 290 
THR CG2 HG21 sing N N 291 
THR CG2 HG22 sing N N 292 
THR CG2 HG23 sing N N 293 
THR OXT HXT  sing N N 294 
TRP N   CA   sing N N 295 
TRP N   H    sing N N 296 
TRP N   H2   sing N N 297 
TRP CA  C    sing N N 298 
TRP CA  CB   sing N N 299 
TRP CA  HA   sing N N 300 
TRP C   O    doub N N 301 
TRP C   OXT  sing N N 302 
TRP CB  CG   sing N N 303 
TRP CB  HB2  sing N N 304 
TRP CB  HB3  sing N N 305 
TRP CG  CD1  doub Y N 306 
TRP CG  CD2  sing Y N 307 
TRP CD1 NE1  sing Y N 308 
TRP CD1 HD1  sing N N 309 
TRP CD2 CE2  doub Y N 310 
TRP CD2 CE3  sing Y N 311 
TRP NE1 CE2  sing Y N 312 
TRP NE1 HE1  sing N N 313 
TRP CE2 CZ2  sing Y N 314 
TRP CE3 CZ3  doub Y N 315 
TRP CE3 HE3  sing N N 316 
TRP CZ2 CH2  doub Y N 317 
TRP CZ2 HZ2  sing N N 318 
TRP CZ3 CH2  sing Y N 319 
TRP CZ3 HZ3  sing N N 320 
TRP CH2 HH2  sing N N 321 
TRP OXT HXT  sing N N 322 
TYI N   CA   sing N N 323 
TYI N   H    sing N N 324 
TYI N   H2   sing N N 325 
TYI CA  CB   sing N N 326 
TYI CA  C    sing N N 327 
TYI CA  HA   sing N N 328 
TYI CB  CG   sing N N 329 
TYI CB  HB2  sing N N 330 
TYI CB  HB3  sing N N 331 
TYI CG  CD1  doub Y N 332 
TYI CG  CD2  sing Y N 333 
TYI CD1 CE1  sing Y N 334 
TYI CD1 HD1  sing N N 335 
TYI CE1 CZ   doub Y N 336 
TYI CE1 I1   sing N N 337 
TYI CD2 CE2  doub Y N 338 
TYI CD2 HD2  sing N N 339 
TYI CE2 CZ   sing Y N 340 
TYI CE2 I2   sing N N 341 
TYI CZ  OH   sing N N 342 
TYI OH  HH   sing N N 343 
TYI C   O    doub N N 344 
TYI C   OXT  sing N N 345 
TYI OXT HXT  sing N N 346 
TYR N   CA   sing N N 347 
TYR N   H    sing N N 348 
TYR N   H2   sing N N 349 
TYR CA  C    sing N N 350 
TYR CA  CB   sing N N 351 
TYR CA  HA   sing N N 352 
TYR C   O    doub N N 353 
TYR C   OXT  sing N N 354 
TYR CB  CG   sing N N 355 
TYR CB  HB2  sing N N 356 
TYR CB  HB3  sing N N 357 
TYR CG  CD1  doub Y N 358 
TYR CG  CD2  sing Y N 359 
TYR CD1 CE1  sing Y N 360 
TYR CD1 HD1  sing N N 361 
TYR CD2 CE2  doub Y N 362 
TYR CD2 HD2  sing N N 363 
TYR CE1 CZ   doub Y N 364 
TYR CE1 HE1  sing N N 365 
TYR CE2 CZ   sing Y N 366 
TYR CE2 HE2  sing N N 367 
TYR CZ  OH   sing N N 368 
TYR OH  HH   sing N N 369 
TYR OXT HXT  sing N N 370 
VAL N   CA   sing N N 371 
VAL N   H    sing N N 372 
VAL N   H2   sing N N 373 
VAL CA  C    sing N N 374 
VAL CA  CB   sing N N 375 
VAL CA  HA   sing N N 376 
VAL C   O    doub N N 377 
VAL C   OXT  sing N N 378 
VAL CB  CG1  sing N N 379 
VAL CB  CG2  sing N N 380 
VAL CB  HB   sing N N 381 
VAL CG1 HG11 sing N N 382 
VAL CG1 HG12 sing N N 383 
VAL CG1 HG13 sing N N 384 
VAL CG2 HG21 sing N N 385 
VAL CG2 HG22 sing N N 386 
VAL CG2 HG23 sing N N 387 
VAL OXT HXT  sing N N 388 
# 
_pdbx_initial_refinement_model.id               1 
_pdbx_initial_refinement_model.entity_id_list   ? 
_pdbx_initial_refinement_model.type             'experimental model' 
_pdbx_initial_refinement_model.source_name      PDB 
_pdbx_initial_refinement_model.accession_code   1FF4 
_pdbx_initial_refinement_model.details          'PDB ENTRY 1FF4' 
# 
_atom_sites.entry_id                    2VLW 
_atom_sites.fract_transf_matrix[1][1]   -0.01908352 
_atom_sites.fract_transf_matrix[1][2]   -0.00089036 
_atom_sites.fract_transf_matrix[1][3]   -0.03228460 
_atom_sites.fract_transf_matrix[2][1]   -0.00299762 
_atom_sites.fract_transf_matrix[2][2]   0.01737091 
_atom_sites.fract_transf_matrix[2][3]   0.00129284 
_atom_sites.fract_transf_matrix[3][1]   0.01761357 
_atom_sites.fract_transf_matrix[3][2]   0.00399525 
_atom_sites.fract_transf_matrix[3][3]   -0.01284173 
_atom_sites.fract_transf_vector[1]      -0.221223 
_atom_sites.fract_transf_vector[2]      -0.195554 
_atom_sites.fract_transf_vector[3]      0.183839 
# 
loop_
_atom_type.symbol 
C 
I 
N 
O 
S 
# 
loop_
_atom_site.group_PDB 
_atom_site.id 
_atom_site.type_symbol 
_atom_site.label_atom_id 
_atom_site.label_alt_id 
_atom_site.label_comp_id 
_atom_site.label_asym_id 
_atom_site.label_entity_id 
_atom_site.label_seq_id 
_atom_site.pdbx_PDB_ins_code 
_atom_site.Cartn_x 
_atom_site.Cartn_y 
_atom_site.Cartn_z 
_atom_site.occupancy 
_atom_site.B_iso_or_equiv 
_atom_site.pdbx_formal_charge 
_atom_site.auth_seq_id 
_atom_site.auth_comp_id 
_atom_site.auth_asym_id 
_atom_site.auth_atom_id 
_atom_site.pdbx_PDB_model_num 
ATOM   1    N N   . LEU A 1 1  ? 6.947   20.636  -6.061  1.00 17.08  ? 1    LEU A N   1 
ATOM   2    C CA  . LEU A 1 1  ? 5.786   19.708  -6.088  1.00 16.22  ? 1    LEU A CA  1 
ATOM   3    C C   . LEU A 1 1  ? 4.679   20.286  -5.226  1.00 15.66  ? 1    LEU A C   1 
ATOM   4    O O   . LEU A 1 1  ? 4.936   20.733  -4.106  1.00 16.76  ? 1    LEU A O   1 
ATOM   5    C CB  . LEU A 1 1  ? 6.184   18.331  -5.551  1.00 15.86  ? 1    LEU A CB  1 
ATOM   6    C CG  . LEU A 1 1  ? 5.076   17.263  -5.585  1.00 14.45  ? 1    LEU A CG  1 
ATOM   7    C CD1 . LEU A 1 1  ? 4.614   16.973  -6.970  1.00 16.26  ? 1    LEU A CD1 1 
ATOM   8    C CD2 . LEU A 1 1  ? 5.602   16.023  -4.928  1.00 16.86  ? 1    LEU A CD2 1 
ATOM   9    N N   . THR A 1 2  ? 3.461   20.249  -5.739  1.00 15.72  ? 2    THR A N   1 
ATOM   10   C CA  . THR A 1 2  ? 2.295   20.569  -4.917  1.00 14.66  ? 2    THR A CA  1 
ATOM   11   C C   . THR A 1 2  ? 1.446   19.327  -4.727  1.00 13.24  ? 2    THR A C   1 
ATOM   12   O O   . THR A 1 2  ? 1.251   18.552  -5.655  1.00 11.80  ? 2    THR A O   1 
ATOM   13   C CB  . THR A 1 2  ? 1.528   21.734  -5.463  1.00 16.22  ? 2    THR A CB  1 
ATOM   14   O OG1 . THR A 1 2  ? 0.167   21.891  -5.080  1.00 21.11  ? 2    THR A OG1 1 
ATOM   15   C CG2 . THR A 1 2  ? 2.302   22.845  -6.070  1.00 17.36  ? 2    THR A CG2 1 
ATOM   16   N N   . CYS A 1 3  ? 0.954   19.168  -3.500  1.00 12.29  ? 3    CYS A N   1 
ATOM   17   C CA  . CYS A 1 3  ? 0.139   18.016  -3.099  1.00 10.69  ? 3    CYS A CA  1 
ATOM   18   C C   . CYS A 1 3  ? -1.167  18.462  -2.469  1.00 10.66  ? 3    CYS A C   1 
ATOM   19   O O   . CYS A 1 3  ? -1.264  19.552  -1.933  1.00 10.04  ? 3    CYS A O   1 
ATOM   20   C CB  . CYS A 1 3  ? 0.898   17.157  -2.074  1.00 11.44  ? 3    CYS A CB  1 
ATOM   21   S SG  . CYS A 1 3  ? 2.455   16.475  -2.692  1.00 12.33  ? 3    CYS A SG  1 
ATOM   22   N N   . VAL A 1 4  ? -2.161  17.603  -2.534  1.00 9.72   ? 4    VAL A N   1 
ATOM   23   C CA  . VAL A 1 4  ? -3.320  17.769  -1.687  1.00 9.34   ? 4    VAL A CA  1 
ATOM   24   C C   . VAL A 1 4  ? -2.880  17.506  -0.264  1.00 9.46   ? 4    VAL A C   1 
ATOM   25   O O   . VAL A 1 4  ? -2.082  16.598  0.021   1.00 8.41   ? 4    VAL A O   1 
ATOM   26   C CB  . VAL A 1 4  ? -4.467  16.813  -2.066  1.00 9.94   ? 4    VAL A CB  1 
ATOM   27   C CG1 . VAL A 1 4  ? -5.651  17.035  -1.187  1.00 10.20  ? 4    VAL A CG1 1 
ATOM   28   C CG2 . VAL A 1 4  ? -4.813  17.018  -3.556  1.00 9.59   ? 4    VAL A CG2 1 
ATOM   29   N N   . LYS A 1 5  ? -3.435  18.309  0.625   1.00 8.96   ? 5    LYS A N   1 
ATOM   30   C CA  . LYS A 1 5  ? -3.155  18.234  2.057   1.00 9.59   ? 5    LYS A CA  1 
ATOM   31   C C   . LYS A 1 5  ? -4.461  18.172  2.853   1.00 9.71   ? 5    LYS A C   1 
ATOM   32   O O   . LYS A 1 5  ? -5.335  19.031  2.663   1.00 9.06   ? 5    LYS A O   1 
ATOM   33   C CB  . LYS A 1 5  ? -2.366  19.460  2.475   1.00 11.37  ? 5    LYS A CB  1 
ATOM   34   C CG  . LYS A 1 5  ? -2.144  19.636  3.941   1.00 15.02  ? 5    LYS A CG  1 
ATOM   35   C CD  . LYS A 1 5  ? -1.096  18.719  4.443   1.00 20.29  ? 5    LYS A CD  1 
ATOM   36   C CE  . LYS A 1 5  ? -0.533  19.202  5.768   1.00 24.11  ? 5    LYS A CE  1 
ATOM   37   N NZ  . LYS A 1 5  ? -0.526  20.696  5.836   1.00 28.01  ? 5    LYS A NZ  1 
ATOM   38   N N   . SER A 1 6  ? -4.591  17.202  3.755   1.00 8.24   ? 6    SER A N   1 
ATOM   39   C CA  . SER A 1 6  ? -5.742  17.142  4.621   1.00 8.96   ? 6    SER A CA  1 
ATOM   40   C C   . SER A 1 6  ? -5.332  16.289  5.819   1.00 9.14   ? 6    SER A C   1 
ATOM   41   O O   . SER A 1 6  ? -4.686  15.236  5.681   1.00 9.04   ? 6    SER A O   1 
ATOM   42   C CB  . SER A 1 6  ? -6.972  16.630  3.854   1.00 9.93   ? 6    SER A CB  1 
ATOM   43   O OG  . SER A 1 6  ? -6.870  15.258  3.558   1.00 11.72  ? 6    SER A OG  1 
ATOM   44   N N   . ASN A 1 7  ? -5.676  16.780  7.017   1.00 7.77   ? 7    ASN A N   1 
ATOM   45   C CA  . ASN A 1 7  ? -5.273  16.075  8.213   1.00 8.54   ? 7    ASN A CA  1 
ATOM   46   C C   . ASN A 1 7  ? -6.053  16.635  9.406   1.00 8.88   ? 7    ASN A C   1 
ATOM   47   O O   . ASN A 1 7  ? -7.103  17.226  9.220   1.00 9.10   ? 7    ASN A O   1 
ATOM   48   C CB  . ASN A 1 7  ? -3.755  16.152  8.363   1.00 8.25   ? 7    ASN A CB  1 
ATOM   49   C CG  . ASN A 1 7  ? -3.243  17.535  8.663   1.00 9.42   ? 7    ASN A CG  1 
ATOM   50   O OD1 . ASN A 1 7  ? -3.987  18.502  8.731   1.00 10.65  ? 7    ASN A OD1 1 
ATOM   51   N ND2 . ASN A 1 7  ? -1.945  17.623  8.883   1.00 13.60  ? 7    ASN A ND2 1 
ATOM   52   N N   . SER A 1 8  ? -5.535  16.476  10.628  1.00 9.77   ? 8    SER A N   1 
ATOM   53   C CA  . SER A 1 8  ? -6.288  16.908  11.814  1.00 9.55   ? 8    SER A CA  1 
ATOM   54   C C   . SER A 1 8  ? -6.400  18.420  11.898  1.00 10.52  ? 8    SER A C   1 
ATOM   55   O O   . SER A 1 8  ? -7.255  18.936  12.619  1.00 11.63  ? 8    SER A O   1 
ATOM   56   C CB  . SER A 1 8  ? -5.625  16.390  13.097  1.00 11.36  ? 8    SER A CB  1 
ATOM   57   O OG  . SER A 1 8  ? -4.409  17.057  13.343  1.00 9.65   ? 8    SER A OG  1 
ATOM   58   N N   . ILE A 1 9  ? -5.547  19.137  11.172  1.00 9.79   ? 9    ILE A N   1 
ATOM   59   C CA  . ILE A 1 9  ? -5.577  20.603  11.225  1.00 10.34  ? 9    ILE A CA  1 
ATOM   60   C C   . ILE A 1 9  ? -6.072  21.280  9.959   1.00 11.72  ? 9    ILE A C   1 
ATOM   61   O O   . ILE A 1 9  ? -6.504  22.411  10.012  1.00 11.33  ? 9    ILE A O   1 
ATOM   62   C CB  . ILE A 1 9  ? -4.244  21.250  11.718  1.00 11.56  ? 9    ILE A CB  1 
ATOM   63   C CG1 . ILE A 1 9  ? -3.145  21.134  10.683  1.00 13.52  ? 9    ILE A CG1 1 
ATOM   64   C CG2 . ILE A 1 9  ? -3.801  20.610  13.011  1.00 10.37  ? 9    ILE A CG2 1 
ATOM   65   C CD1 . ILE A 1 9  ? -2.049  22.168  10.868  1.00 14.56  ? 9    ILE A CD1 1 
ATOM   66   N N   . TRP A 1 10 ? -6.003  20.576  8.831   1.00 11.31  ? 10   TRP A N   1 
ATOM   67   C CA  . TRP A 1 10 ? -6.353  21.158  7.534   1.00 12.68  ? 10   TRP A CA  1 
ATOM   68   C C   . TRP A 1 10 ? -7.527  20.457  6.890   1.00 13.75  ? 10   TRP A C   1 
ATOM   69   O O   . TRP A 1 10 ? -7.533  19.260  6.688   1.00 11.95  ? 10   TRP A O   1 
ATOM   70   C CB  . TRP A 1 10 ? -5.186  21.112  6.570   1.00 13.15  ? 10   TRP A CB  1 
ATOM   71   C CG  . TRP A 1 10 ? -4.125  22.100  6.842   1.00 13.92  ? 10   TRP A CG  1 
ATOM   72   C CD1 . TRP A 1 10 ? -2.911  21.841  7.345   1.00 15.72  ? 10   TRP A CD1 1 
ATOM   73   C CD2 . TRP A 1 10 ? -4.184  23.509  6.618   1.00 14.96  ? 10   TRP A CD2 1 
ATOM   74   N NE1 . TRP A 1 10 ? -2.194  23.001  7.486   1.00 16.86  ? 10   TRP A NE1 1 
ATOM   75   C CE2 . TRP A 1 10 ? -2.954  24.043  7.038   1.00 15.46  ? 10   TRP A CE2 1 
ATOM   76   C CE3 . TRP A 1 10 ? -5.160  24.361  6.128   1.00 16.09  ? 10   TRP A CE3 1 
ATOM   77   C CZ2 . TRP A 1 10 ? -2.656  25.407  6.956   1.00 16.25  ? 10   TRP A CZ2 1 
ATOM   78   C CZ3 . TRP A 1 10 ? -4.874  25.739  6.052   1.00 15.96  ? 10   TRP A CZ3 1 
ATOM   79   C CH2 . TRP A 1 10 ? -3.636  26.234  6.460   1.00 16.22  ? 10   TRP A CH2 1 
ATOM   80   N N   . PHE A 1 11 ? -8.570  21.231  6.650   1.00 15.18  ? 11   PHE A N   1 
ATOM   81   C CA  . PHE A 1 11 ? -9.547  20.930  5.638   1.00 16.82  ? 11   PHE A CA  1 
ATOM   82   C C   . PHE A 1 11 ? -8.829  20.786  4.314   1.00 15.89  ? 11   PHE A C   1 
ATOM   83   O O   . PHE A 1 11 ? -7.805  21.410  4.097   1.00 15.57  ? 11   PHE A O   1 
ATOM   84   C CB  . PHE A 1 11 ? -10.516 22.105  5.524   1.00 19.82  ? 11   PHE A CB  1 
ATOM   85   C CG  . PHE A 1 11 ? -9.851  23.408  5.125   1.00 22.94  ? 11   PHE A CG  1 
ATOM   86   C CD1 . PHE A 1 11 ? -10.340 24.179  4.092   1.00 28.23  ? 11   PHE A CD1 1 
ATOM   87   C CD2 . PHE A 1 11 ? -8.718  23.861  5.775   1.00 27.32  ? 11   PHE A CD2 1 
ATOM   88   C CE1 . PHE A 1 11 ? -9.692  25.400  3.756   1.00 28.77  ? 11   PHE A CE1 1 
ATOM   89   C CE2 . PHE A 1 11 ? -8.098  25.061  5.435   1.00 28.84  ? 11   PHE A CE2 1 
ATOM   90   C CZ  . PHE A 1 11 ? -8.579  25.817  4.427   1.00 27.64  ? 11   PHE A CZ  1 
ATOM   91   N N   . PRO A 1 12 ? -9.395  20.005  3.391   1.00 14.69  ? 12   PRO A N   1 
ATOM   92   C CA  . PRO A 1 12 ? -8.642  19.777  2.170   1.00 15.11  ? 12   PRO A CA  1 
ATOM   93   C C   . PRO A 1 12 ? -8.161  21.068  1.516   1.00 14.81  ? 12   PRO A C   1 
ATOM   94   O O   . PRO A 1 12 ? -8.891  22.040  1.390   1.00 14.68  ? 12   PRO A O   1 
ATOM   95   C CB  . PRO A 1 12 ? -9.635  19.051  1.288   1.00 15.16  ? 12   PRO A CB  1 
ATOM   96   C CG  . PRO A 1 12 ? -10.483 18.247  2.289   1.00 15.30  ? 12   PRO A CG  1 
ATOM   97   C CD  . PRO A 1 12 ? -10.647 19.242  3.422   1.00 15.33  ? 12   PRO A CD  1 
ATOM   98   N N   . THR A 1 13 ? -6.906  21.071  1.154   1.00 13.80  ? 13   THR A N   1 
ATOM   99   C CA  . THR A 1 13 ? -6.297  22.207  0.513   1.00 14.24  ? 13   THR A CA  1 
ATOM   100  C C   . THR A 1 13 ? -5.101  21.706  -0.267  1.00 13.94  ? 13   THR A C   1 
ATOM   101  O O   . THR A 1 13 ? -4.960  20.507  -0.479  1.00 13.54  ? 13   THR A O   1 
ATOM   102  C CB  . THR A 1 13 ? -5.888  23.263  1.539   1.00 15.40  ? 13   THR A CB  1 
ATOM   103  O OG1 . THR A 1 13 ? -5.421  24.432  0.852   1.00 15.71  ? 13   THR A OG1 1 
ATOM   104  C CG2 . THR A 1 13 ? -4.809  22.756  2.526   1.00 14.91  ? 13   THR A CG2 1 
ATOM   105  N N   . SER A 1 14 ? -4.248  22.615  -0.717  1.00 14.78  ? 14   SER A N   1 
ATOM   106  C CA  . SER A 1 14 ? -3.036  22.201  -1.414  1.00 16.88  ? 14   SER A CA  1 
ATOM   107  C C   . SER A 1 14 ? -1.853  22.821  -0.709  1.00 17.47  ? 14   SER A C   1 
ATOM   108  O O   . SER A 1 14 ? -1.958  23.896  -0.097  1.00 17.38  ? 14   SER A O   1 
ATOM   109  C CB  . SER A 1 14 ? -3.070  22.533  -2.910  1.00 18.25  ? 14   SER A CB  1 
ATOM   110  O OG  . SER A 1 14 ? -2.976  23.912  -3.121  1.00 21.28  ? 14   SER A OG  1 
ATOM   111  N N   . GLU A 1 15 ? -0.757  22.082  -0.742  1.00 17.05  ? 15   GLU A N   1 
ATOM   112  C CA  . GLU A 1 15 ? 0.492   22.453  -0.084  1.00 18.59  ? 15   GLU A CA  1 
ATOM   113  C C   . GLU A 1 15 ? 1.609   22.435  -1.126  1.00 18.54  ? 15   GLU A C   1 
ATOM   114  O O   . GLU A 1 15 ? 1.751   21.474  -1.873  1.00 17.55  ? 15   GLU A O   1 
ATOM   115  C CB  . GLU A 1 15 ? 0.820   21.441  1.019   1.00 19.49  ? 15   GLU A CB  1 
ATOM   116  C CG  . GLU A 1 15 ? 2.059   21.798  1.836   1.00 21.37  ? 15   GLU A CG  1 
ATOM   117  C CD  . GLU A 1 15 ? 2.521   20.683  2.761   1.00 26.28  ? 15   GLU A CD  1 
ATOM   118  O OE1 . GLU A 1 15 ? 1.815   19.650  2.888   1.00 29.51  ? 15   GLU A OE1 1 
ATOM   119  O OE2 . GLU A 1 15 ? 3.608   20.845  3.367   1.00 30.58  ? 15   GLU A OE2 1 
ATOM   120  N N   . ASP A 1 16 ? 2.411   23.493  -1.173  1.00 18.98  ? 16   ASP A N   1 
ATOM   121  C CA  . ASP A 1 16 ? 3.670   23.465  -1.912  1.00 19.68  ? 16   ASP A CA  1 
ATOM   122  C C   . ASP A 1 16 ? 4.647   22.705  -1.009  1.00 19.60  ? 16   ASP A C   1 
ATOM   123  O O   . ASP A 1 16 ? 4.928   23.145  0.114   1.00 18.96  ? 16   ASP A O   1 
ATOM   124  C CB  . ASP A 1 16 ? 4.130   24.911  -2.174  1.00 20.78  ? 16   ASP A CB  1 
ATOM   125  C CG  . ASP A 1 16 ? 5.523   25.009  -2.744  1.00 25.41  ? 16   ASP A CG  1 
ATOM   126  O OD1 . ASP A 1 16 ? 6.050   26.152  -2.727  1.00 30.65  ? 16   ASP A OD1 1 
ATOM   127  O OD2 . ASP A 1 16 ? 6.099   23.991  -3.206  1.00 30.56  ? 16   ASP A OD2 1 
ATOM   128  N N   . CYS A 1 17 ? 5.142   21.559  -1.464  1.00 19.41  ? 17   CYS A N   1 
ATOM   129  C CA  . CYS A 1 17 ? 5.964   20.718  -0.591  1.00 20.15  ? 17   CYS A CA  1 
ATOM   130  C C   . CYS A 1 17 ? 7.283   21.392  -0.179  1.00 21.09  ? 17   CYS A C   1 
ATOM   131  O O   . CYS A 1 17 ? 7.854   22.139  -0.962  1.00 21.72  ? 17   CYS A O   1 
ATOM   132  C CB  . CYS A 1 17 ? 6.278   19.396  -1.254  1.00 19.52  ? 17   CYS A CB  1 
ATOM   133  S SG  . CYS A 1 17 ? 4.802   18.415  -1.601  1.00 19.19  ? 17   CYS A SG  1 
ATOM   134  N N   . PRO A 1 18 ? 7.745   21.125  1.059   1.00 22.51  ? 18   PRO A N   1 
ATOM   135  C CA  . PRO A 1 18 ? 9.091   21.544  1.453   1.00 23.23  ? 18   PRO A CA  1 
ATOM   136  C C   . PRO A 1 18 ? 10.128  20.897  0.550   1.00 23.70  ? 18   PRO A C   1 
ATOM   137  O O   . PRO A 1 18 ? 9.926   19.752  0.110   1.00 23.46  ? 18   PRO A O   1 
ATOM   138  C CB  . PRO A 1 18 ? 9.224   21.011  2.883   1.00 23.28  ? 18   PRO A CB  1 
ATOM   139  C CG  . PRO A 1 18 ? 7.863   20.804  3.369   1.00 23.98  ? 18   PRO A CG  1 
ATOM   140  C CD  . PRO A 1 18 ? 7.038   20.459  2.164   1.00 22.98  ? 18   PRO A CD  1 
ATOM   141  N N   . ASP A 1 19 ? 11.223  21.614  0.276   1.00 24.21  ? 19   ASP A N   1 
ATOM   142  C CA  . ASP A 1 19 ? 12.266  21.091  -0.609  1.00 24.33  ? 19   ASP A CA  1 
ATOM   143  C C   . ASP A 1 19 ? 12.739  19.732  -0.090  1.00 22.95  ? 19   ASP A C   1 
ATOM   144  O O   . ASP A 1 19 ? 12.851  19.524  1.115   1.00 22.34  ? 19   ASP A O   1 
ATOM   145  C CB  . ASP A 1 19 ? 13.446  22.079  -0.819  1.00 25.93  ? 19   ASP A CB  1 
ATOM   146  C CG  . ASP A 1 19 ? 13.704  22.986  0.380   1.00 29.17  ? 19   ASP A CG  1 
ATOM   147  O OD1 . ASP A 1 19 ? 14.728  23.717  0.365   1.00 36.83  ? 19   ASP A OD1 1 
ATOM   148  O OD2 . ASP A 1 19 ? 12.894  22.993  1.336   1.00 36.17  ? 19   ASP A OD2 1 
ATOM   149  N N   . GLY A 1 20 ? 12.961  18.812  -1.019  1.00 21.42  ? 20   GLY A N   1 
ATOM   150  C CA  . GLY A 1 20 ? 13.345  17.448  -0.694  1.00 20.95  ? 20   GLY A CA  1 
ATOM   151  C C   . GLY A 1 20 ? 12.186  16.491  -0.447  1.00 20.53  ? 20   GLY A C   1 
ATOM   152  O O   . GLY A 1 20 ? 12.396  15.283  -0.318  1.00 21.24  ? 20   GLY A O   1 
ATOM   153  N N   . GLN A 1 21 ? 10.967  17.012  -0.338  1.00 18.44  ? 21   GLN A N   1 
ATOM   154  C CA  . GLN A 1 21 ? 9.796   16.142  -0.283  1.00 17.91  ? 21   GLN A CA  1 
ATOM   155  C C   . GLN A 1 21 ? 9.199   16.102  -1.678  1.00 17.11  ? 21   GLN A C   1 
ATOM   156  O O   . GLN A 1 21 ? 8.580   17.066  -2.137  1.00 17.81  ? 21   GLN A O   1 
ATOM   157  C CB  . GLN A 1 21 ? 8.792   16.646  0.745   1.00 17.78  ? 21   GLN A CB  1 
ATOM   158  C CG  . GLN A 1 21 ? 9.339   16.598  2.171   1.00 19.70  ? 21   GLN A CG  1 
ATOM   159  C CD  . GLN A 1 21 ? 8.250   16.668  3.216   1.00 21.43  ? 21   GLN A CD  1 
ATOM   160  O OE1 . GLN A 1 21 ? 7.171   17.175  2.961   1.00 22.01  ? 21   GLN A OE1 1 
ATOM   161  N NE2 . GLN A 1 21 ? 8.533   16.156  4.403   1.00 27.61  ? 21   GLN A NE2 1 
ATOM   162  N N   . ASN A 1 22 ? 9.434   15.008  -2.383  1.00 15.99  ? 22   ASN A N   1 
ATOM   163  C CA  . ASN A 1 22 ? 9.007   14.939  -3.766  1.00 15.68  ? 22   ASN A CA  1 
ATOM   164  C C   . ASN A 1 22 ? 7.950   13.895  -4.005  1.00 14.20  ? 22   ASN A C   1 
ATOM   165  O O   . ASN A 1 22 ? 7.752   13.498  -5.148  1.00 14.26  ? 22   ASN A O   1 
ATOM   166  C CB  . ASN A 1 22 ? 10.205  14.706  -4.673  1.00 16.35  ? 22   ASN A CB  1 
ATOM   167  C CG  . ASN A 1 22 ? 11.050  15.927  -4.818  1.00 17.85  ? 22   ASN A CG  1 
ATOM   168  O OD1 . ASN A 1 22 ? 10.547  16.997  -5.172  1.00 20.44  ? 22   ASN A OD1 1 
ATOM   169  N ND2 . ASN A 1 22 ? 12.340  15.789  -4.549  1.00 21.30  ? 22   ASN A ND2 1 
ATOM   170  N N   . LEU A 1 23 ? 7.238   13.523  -2.936  1.00 12.51  ? 23   LEU A N   1 
ATOM   171  C CA  . LEU A 1 23 ? 6.101   12.617  -3.033  1.00 12.25  ? 23   LEU A CA  1 
ATOM   172  C C   . LEU A 1 23 ? 4.877   13.238  -2.403  1.00 11.68  ? 23   LEU A C   1 
ATOM   173  O O   . LEU A 1 23 ? 4.964   13.923  -1.398  1.00 11.43  ? 23   LEU A O   1 
ATOM   174  C CB  . LEU A 1 23 ? 6.400   11.282  -2.350  1.00 13.02  ? 23   LEU A CB  1 
ATOM   175  C CG  . LEU A 1 23 ? 7.466   10.440  -3.044  1.00 16.09  ? 23   LEU A CG  1 
ATOM   176  C CD1 . LEU A 1 23 ? 7.738   9.213   -2.190  1.00 18.73  ? 23   LEU A CD1 1 
ATOM   177  C CD2 . LEU A 1 23 ? 7.024   10.029  -4.430  1.00 16.57  ? 23   LEU A CD2 1 
ATOM   178  N N   . CYS A 1 24 ? 3.750   12.931  -3.021  1.00 11.42  ? 24   CYS A N   1 
ATOM   179  C CA  . CYS A 1 24 ? 2.441   13.178  -2.433  1.00 11.50  ? 24   CYS A CA  1 
ATOM   180  C C   . CYS A 1 24 ? 1.904   11.847  -1.929  1.00 11.25  ? 24   CYS A C   1 
ATOM   181  O O   . CYS A 1 24 ? 1.996   10.863  -2.634  1.00 12.08  ? 24   CYS A O   1 
ATOM   182  C CB  . CYS A 1 24 ? 1.474   13.690  -3.471  1.00 11.41  ? 24   CYS A CB  1 
ATOM   183  S SG  . CYS A 1 24 ? 1.929   15.244  -4.255  1.00 12.10  ? 24   CYS A SG  1 
ATOM   184  N N   . PHE A 1 25 ? 1.352   11.832  -0.725  1.00 9.98   ? 25   PHE A N   1 
ATOM   185  C CA  . PHE A 1 25 ? 0.793   10.599  -0.140  1.00 8.45   ? 25   PHE A CA  1 
ATOM   186  C C   . PHE A 1 25 ? -0.686  10.671  0.193   1.00 7.53   ? 25   PHE A C   1 
ATOM   187  O O   . PHE A 1 25 ? -1.248  11.731  0.433   1.00 6.89   ? 25   PHE A O   1 
ATOM   188  C CB  . PHE A 1 25 ? 1.538   10.149  1.126   1.00 9.51   ? 25   PHE A CB  1 
ATOM   189  C CG  . PHE A 1 25 ? 1.278   10.973  2.342   1.00 10.29  ? 25   PHE A CG  1 
ATOM   190  C CD1 . PHE A 1 25 ? 2.076   12.063  2.697   1.00 9.81   ? 25   PHE A CD1 1 
ATOM   191  C CD2 . PHE A 1 25 ? 0.219   10.656  3.156   1.00 9.44   ? 25   PHE A CD2 1 
ATOM   192  C CE1 . PHE A 1 25 ? 1.812   12.799  3.871   1.00 10.02  ? 25   PHE A CE1 1 
ATOM   193  C CE2 . PHE A 1 25 ? -0.064  11.419  4.280   1.00 8.97   ? 25   PHE A CE2 1 
ATOM   194  C CZ  . PHE A 1 25 ? 0.748   12.491  4.637   1.00 9.66   ? 25   PHE A CZ  1 
ATOM   195  N N   . LYS A 1 26 ? -1.280  9.485   0.168   1.00 7.39   ? 26   LYS A N   1 
ATOM   196  C CA  . LYS A 1 26 ? -2.574  9.246   0.766   1.00 7.40   ? 26   LYS A CA  1 
ATOM   197  C C   . LYS A 1 26 ? -2.379  8.142   1.794   1.00 7.43   ? 26   LYS A C   1 
ATOM   198  O O   . LYS A 1 26 ? -1.660  7.189   1.529   1.00 8.87   ? 26   LYS A O   1 
ATOM   199  C CB  . LYS A 1 26 ? -3.595  8.734   -0.221  1.00 8.61   ? 26   LYS A CB  1 
ATOM   200  C CG  . LYS A 1 26 ? -3.836  9.677   -1.373  1.00 10.64  ? 26   LYS A CG  1 
ATOM   201  C CD  . LYS A 1 26 ? -4.730  9.058   -2.422  1.00 13.68  ? 26   LYS A CD  1 
ATOM   202  C CE  . LYS A 1 26 ? -6.138  8.980   -2.019  1.00 15.35  ? 26   LYS A CE  1 
ATOM   203  N NZ  . LYS A 1 26 ? -6.955  8.512   -3.218  1.00 15.46  ? 26   LYS A NZ  1 
ATOM   204  N N   . ARG A 1 27 ? -2.990  8.311   2.967   1.00 7.11   ? 27   ARG A N   1 
ATOM   205  C CA  . ARG A 1 27 ? -2.765  7.383   4.079   1.00 7.67   ? 27   ARG A CA  1 
ATOM   206  C C   . ARG A 1 27 ? -4.049  7.157   4.836   1.00 7.94   ? 27   ARG A C   1 
ATOM   207  O O   . ARG A 1 27 ? -4.833  8.080   5.050   1.00 8.55   ? 27   ARG A O   1 
ATOM   208  C CB  . ARG A 1 27 ? -1.719  7.961   5.011   1.00 8.21   ? 27   ARG A CB  1 
ATOM   209  C CG  . ARG A 1 27 ? -1.371  7.087   6.208   1.00 9.23   ? 27   ARG A CG  1 
ATOM   210  C CD  . ARG A 1 27 ? -0.420  7.825   7.096   1.00 11.19  ? 27   ARG A CD  1 
ATOM   211  N NE  . ARG A 1 27 ? 0.195   6.894   8.037   1.00 12.61  ? 27   ARG A NE  1 
ATOM   212  C CZ  . ARG A 1 27 ? 0.920   7.290   9.068   1.00 13.64  ? 27   ARG A CZ  1 
ATOM   213  N NH1 . ARG A 1 27 ? 1.484   6.389   9.851   1.00 13.74  ? 27   ARG A NH1 1 
ATOM   214  N NH2 . ARG A 1 27 ? 1.080   8.588   9.288   1.00 13.65  ? 27   ARG A NH2 1 
ATOM   215  N N   . TRP A 1 28 ? -4.280  5.908   5.210   1.00 7.65   ? 28   TRP A N   1 
ATOM   216  C CA  . TRP A 1 28 ? -5.406  5.534   6.050   1.00 8.03   ? 28   TRP A CA  1 
ATOM   217  C C   . TRP A 1 28 ? -4.848  4.771   7.241   1.00 9.23   ? 28   TRP A C   1 
ATOM   218  O O   . TRP A 1 28 ? -4.064  3.844   7.059   1.00 8.66   ? 28   TRP A O   1 
ATOM   219  C CB  . TRP A 1 28 ? -6.370  4.637   5.282   1.00 8.26   ? 28   TRP A CB  1 
ATOM   220  C CG  . TRP A 1 28 ? -7.013  5.281   4.085   1.00 8.30   ? 28   TRP A CG  1 
ATOM   221  C CD1 . TRP A 1 28 ? -8.245  5.881   4.049   1.00 10.29  ? 28   TRP A CD1 1 
ATOM   222  C CD2 . TRP A 1 28 ? -6.512  5.292   2.733   1.00 8.13   ? 28   TRP A CD2 1 
ATOM   223  N NE1 . TRP A 1 28 ? -8.522  6.313   2.763   1.00 9.06   ? 28   TRP A NE1 1 
ATOM   224  C CE2 . TRP A 1 28 ? -7.481  5.950   1.939   1.00 7.97   ? 28   TRP A CE2 1 
ATOM   225  C CE3 . TRP A 1 28 ? -5.336  4.833   2.114   1.00 9.27   ? 28   TRP A CE3 1 
ATOM   226  C CZ2 . TRP A 1 28 ? -7.295  6.170   0.585   1.00 9.43   ? 28   TRP A CZ2 1 
ATOM   227  C CZ3 . TRP A 1 28 ? -5.187  5.032   0.741   1.00 8.20   ? 28   TRP A CZ3 1 
ATOM   228  C CH2 . TRP A 1 28 ? -6.164  5.686   0.003   1.00 10.44  ? 28   TRP A CH2 1 
ATOM   229  N N   . GLN A 1 29 ? -5.277  5.153   8.442   1.00 8.16   ? 29   GLN A N   1 
ATOM   230  C CA  . GLN A 1 29 ? -4.880  4.467   9.684   1.00 8.67   ? 29   GLN A CA  1 
ATOM   231  C C   . GLN A 1 29 ? -6.090  3.919   10.386  1.00 8.36   ? 29   GLN A C   1 
ATOM   232  O O   . GLN A 1 29 ? -7.022  4.630   10.641  1.00 8.72   ? 29   GLN A O   1 
ATOM   233  C CB  . GLN A 1 29 ? -4.123  5.411   10.574  1.00 8.84   ? 29   GLN A CB  1 
ATOM   234  C CG  . GLN A 1 29 ? -2.803  5.887   10.023  1.00 9.68   ? 29   GLN A CG  1 
ATOM   235  C CD  . GLN A 1 29 ? -2.280  7.097   10.766  1.00 12.54  ? 29   GLN A CD  1 
ATOM   236  O OE1 . GLN A 1 29 ? -2.749  8.220   10.568  1.00 15.56  ? 29   GLN A OE1 1 
ATOM   237  N NE2 . GLN A 1 29 ? -1.302  6.863   11.632  1.00 14.02  ? 29   GLN A NE2 1 
ATOM   238  N N   . TYR A 1 30 ? -6.027  2.645   10.746  1.00 9.24   ? 30   TYR A N   1 
ATOM   239  C CA  . TYR A 1 30 ? -7.149  1.955   11.350  1.00 10.06  ? 30   TYR A CA  1 
ATOM   240  C C   . TYR A 1 30 ? -7.323  2.387   12.769  1.00 11.06  ? 30   TYR A C   1 
ATOM   241  O O   . TYR A 1 30 ? -6.374  2.391   13.558  1.00 12.07  ? 30   TYR A O   1 
ATOM   242  C CB  . TYR A 1 30 ? -6.855  0.450   11.351  1.00 11.09  ? 30   TYR A CB  1 
ATOM   243  C CG  . TYR A 1 30 ? -7.918  -0.460  11.865  1.00 13.70  ? 30   TYR A CG  1 
ATOM   244  C CD1 . TYR A 1 30 ? -7.913  -0.862  13.184  1.00 13.03  ? 30   TYR A CD1 1 
ATOM   245  C CD2 . TYR A 1 30 ? -8.877  -0.985  11.019  1.00 12.67  ? 30   TYR A CD2 1 
ATOM   246  C CE1 . TYR A 1 30 ? -8.861  -1.723  13.678  1.00 13.62  ? 30   TYR A CE1 1 
ATOM   247  C CE2 . TYR A 1 30 ? -9.850  -1.843  11.509  1.00 16.50  ? 30   TYR A CE2 1 
ATOM   248  C CZ  . TYR A 1 30 ? -9.818  -2.213  12.842  1.00 15.59  ? 30   TYR A CZ  1 
ATOM   249  O OH  . TYR A 1 30 ? -10.754 -3.067  13.373  1.00 17.25  ? 30   TYR A OH  1 
ATOM   250  N N   . ILE A 1 31 ? -8.557  2.697   13.116  1.00 10.04  ? 31   ILE A N   1 
ATOM   251  C CA  . ILE A 1 31 ? -8.906  2.959   14.511  1.00 10.77  ? 31   ILE A CA  1 
ATOM   252  C C   . ILE A 1 31 ? -9.735  1.803   15.096  1.00 11.08  ? 31   ILE A C   1 
ATOM   253  O O   . ILE A 1 31 ? -9.471  1.293   16.197  1.00 12.58  ? 31   ILE A O   1 
ATOM   254  C CB  . ILE A 1 31 ? -9.673  4.305   14.636  1.00 10.11  ? 31   ILE A CB  1 
ATOM   255  C CG1 . ILE A 1 31 ? -8.749  5.494   14.304  1.00 12.29  ? 31   ILE A CG1 1 
ATOM   256  C CG2 . ILE A 1 31 ? -10.251 4.416   16.082  1.00 11.25  ? 31   ILE A CG2 1 
ATOM   257  C CD1 . ILE A 1 31 ? -9.431  6.780   14.043  1.00 13.00  ? 31   ILE A CD1 1 
ATOM   258  N N   . SER A 1 32 ? -10.749 1.398   14.362  1.00 11.46  ? 32   SER A N   1 
ATOM   259  C CA  . SER A 1 32 ? -11.659 0.355   14.799  1.00 13.46  ? 32   SER A CA  1 
ATOM   260  C C   . SER A 1 32 ? -12.323 -0.168  13.527  1.00 14.14  ? 32   SER A C   1 
ATOM   261  O O   . SER A 1 32 ? -12.094 0.395   12.441  1.00 13.82  ? 32   SER A O   1 
ATOM   262  C CB  . SER A 1 32 ? -12.652 0.934   15.792  1.00 13.91  ? 32   SER A CB  1 
ATOM   263  O OG  . SER A 1 32 ? -13.477 1.896   15.181  1.00 15.65  ? 32   SER A OG  1 
ATOM   264  N N   . PRO A 1 33 ? -13.102 -1.262  13.643  1.00 15.38  ? 33   PRO A N   1 
ATOM   265  C CA  . PRO A 1 33 ? -13.682 -1.883  12.463  1.00 16.29  ? 33   PRO A CA  1 
ATOM   266  C C   . PRO A 1 33 ? -14.427 -0.920  11.530  1.00 17.46  ? 33   PRO A C   1 
ATOM   267  O O   . PRO A 1 33 ? -14.394 -1.122  10.299  1.00 18.79  ? 33   PRO A O   1 
ATOM   268  C CB  . PRO A 1 33 ? -14.600 -2.962  13.059  1.00 16.04  ? 33   PRO A CB  1 
ATOM   269  C CG  . PRO A 1 33 ? -13.971 -3.323  14.378  1.00 16.87  ? 33   PRO A CG  1 
ATOM   270  C CD  . PRO A 1 33 ? -13.413 -2.016  14.882  1.00 15.96  ? 33   PRO A CD  1 
ATOM   271  N N   . ARG A 1 34 ? -15.049 0.124   12.081  1.00 17.37  ? 34   ARG A N   1 
ATOM   272  C CA  . ARG A 1 34 ? -15.768 1.101   11.284  1.00 17.51  ? 34   ARG A CA  1 
ATOM   273  C C   . ARG A 1 34 ? -15.203 2.517   11.344  1.00 16.92  ? 34   ARG A C   1 
ATOM   274  O O   . ARG A 1 34 ? -15.891 3.466   10.963  1.00 18.90  ? 34   ARG A O   1 
ATOM   275  C CB  . ARG A 1 34 ? -17.234 1.100   11.702  1.00 17.97  ? 34   ARG A CB  1 
ATOM   276  C CG  . ARG A 1 34 ? -17.997 -0.114  11.192  1.00 22.90  ? 34   ARG A CG  1 
ATOM   277  C CD  . ARG A 1 34 ? -19.476 0.042   11.488  1.00 27.83  ? 34   ARG A CD  1 
ATOM   278  N NE  . ARG A 1 34 ? -20.287 -0.985  10.837  1.00 32.01  ? 34   ARG A NE  1 
ATOM   279  C CZ  . ARG A 1 34 ? -20.366 -2.259  11.222  1.00 34.24  ? 34   ARG A CZ  1 
ATOM   280  N NH1 . ARG A 1 34 ? -19.663 -2.708  12.266  1.00 35.01  ? 34   ARG A NH1 1 
ATOM   281  N NH2 . ARG A 1 34 ? -21.160 -3.096  10.552  1.00 34.21  ? 34   ARG A NH2 1 
ATOM   282  N N   . MET A 1 35 ? -13.944 2.671   11.748  1.00 14.52  ? 35   MET A N   1 
ATOM   283  C CA  . MET A 1 35 ? -13.341 3.996   11.828  1.00 14.29  ? 35   MET A CA  1 
ATOM   284  C C   . MET A 1 35 ? -11.884 4.013   11.394  1.00 12.05  ? 35   MET A C   1 
ATOM   285  O O   . MET A 1 35 ? -11.125 3.116   11.720  1.00 10.12  ? 35   MET A O   1 
ATOM   286  C CB  . MET A 1 35 ? -13.434 4.542   13.247  1.00 13.86  ? 35   MET A CB  1 
ATOM   287  C CG  . MET A 1 35 ? -13.140 6.036   13.328  1.00 17.15  ? 35   MET A CG  1 
ATOM   288  S SD  . MET A 1 35 ? -13.417 6.787   14.959  1.00 21.07  ? 35   MET A SD  1 
ATOM   289  C CE  . MET A 1 35 ? -15.096 6.267   15.222  1.00 23.11  ? 35   MET A CE  1 
ATOM   290  N N   . TYR A 1 36 ? -11.505 5.046   10.660  1.00 11.94  ? 36   TYR A N   1 
ATOM   291  C CA  . TYR A 1 36 ? -10.115 5.239   10.249  1.00 12.24  ? 36   TYR A CA  1 
ATOM   292  C C   . TYR A 1 36 ? -9.799  6.743   10.183  1.00 12.22  ? 36   TYR A C   1 
ATOM   293  O O   . TYR A 1 36 ? -10.707 7.577   10.098  1.00 12.60  ? 36   TYR A O   1 
ATOM   294  C CB  . TYR A 1 36 ? -9.874  4.596   8.876   1.00 13.18  ? 36   TYR A CB  1 
ATOM   295  C CG  . TYR A 1 36 ? -10.813 5.104   7.832   1.00 14.22  ? 36   TYR A CG  1 
ATOM   296  C CD1 . TYR A 1 36 ? -12.001 4.445   7.559   1.00 13.73  ? 36   TYR A CD1 1 
ATOM   297  C CD2 . TYR A 1 36 ? -10.501 6.249   7.114   1.00 12.40  ? 36   TYR A CD2 1 
ATOM   298  C CE1 . TYR A 1 36 ? -12.854 4.928   6.615   1.00 14.92  ? 36   TYR A CE1 1 
ATOM   299  C CE2 . TYR A 1 36 ? -11.356 6.749   6.150   1.00 13.69  ? 36   TYR A CE2 1 
ATOM   300  C CZ  . TYR A 1 36 ? -12.540 6.074   5.914   1.00 16.32  ? 36   TYR A CZ  1 
ATOM   301  O OH  . TYR A 1 36 ? -13.424 6.547   4.962   1.00 18.49  ? 36   TYR A OH  1 
ATOM   302  N N   . ASP A 1 37 ? -8.516  7.081   10.195  1.00 11.66  ? 37   ASP A N   1 
ATOM   303  C CA  . ASP A 1 37 ? -8.023  8.422   9.918   1.00 11.76  ? 37   ASP A CA  1 
ATOM   304  C C   . ASP A 1 37 ? -7.510  8.444   8.499   1.00 10.37  ? 37   ASP A C   1 
ATOM   305  O O   . ASP A 1 37 ? -6.571  7.699   8.183   1.00 10.99  ? 37   ASP A O   1 
ATOM   306  C CB  . ASP A 1 37 ? -6.792  8.764   10.774  1.00 11.69  ? 37   ASP A CB  1 
ATOM   307  C CG  . ASP A 1 37 ? -7.103  9.075   12.213  1.00 16.61  ? 37   ASP A CG  1 
ATOM   308  O OD1 . ASP A 1 37 ? -8.155  9.688   12.531  1.00 17.54  ? 37   ASP A OD1 1 
ATOM   309  O OD2 . ASP A 1 37 ? -6.243  8.668   13.035  1.00 20.94  ? 37   ASP A OD2 1 
ATOM   310  N N   . PHE A 1 38 ? -8.057  9.321   7.677   1.00 8.95   ? 38   PHE A N   1 
ATOM   311  C CA  . PHE A 1 38 ? -7.544  9.520   6.341   1.00 8.64   ? 38   PHE A CA  1 
ATOM   312  C C   . PHE A 1 38 ? -6.739  10.825  6.292   1.00 9.31   ? 38   PHE A C   1 
ATOM   313  O O   . PHE A 1 38 ? -7.237  11.888  6.676   1.00 9.22   ? 38   PHE A O   1 
ATOM   314  C CB  . PHE A 1 38 ? -8.729  9.589   5.392   1.00 9.04   ? 38   PHE A CB  1 
ATOM   315  C CG  . PHE A 1 38 ? -8.393  9.960   3.989   1.00 9.32   ? 38   PHE A CG  1 
ATOM   316  C CD1 . PHE A 1 38 ? -7.401  9.294   3.285   1.00 8.75   ? 38   PHE A CD1 1 
ATOM   317  C CD2 . PHE A 1 38 ? -9.152  10.911  3.324   1.00 10.37  ? 38   PHE A CD2 1 
ATOM   318  C CE1 . PHE A 1 38 ? -7.138  9.616   1.956   1.00 9.95   ? 38   PHE A CE1 1 
ATOM   319  C CE2 . PHE A 1 38 ? -8.901  11.220  2.019   1.00 10.28  ? 38   PHE A CE2 1 
ATOM   320  C CZ  . PHE A 1 38 ? -7.895  10.573  1.336   1.00 9.93   ? 38   PHE A CZ  1 
ATOM   321  N N   . THR A 1 39 ? -5.499  10.757  5.827   1.00 8.16   ? 39   THR A N   1 
ATOM   322  C CA  . THR A 1 39 ? -4.662  11.951  5.663   1.00 8.05   ? 39   THR A CA  1 
ATOM   323  C C   . THR A 1 39 ? -3.977  12.014  4.299   1.00 7.77   ? 39   THR A C   1 
ATOM   324  O O   . THR A 1 39 ? -3.797  10.993  3.618   1.00 7.42   ? 39   THR A O   1 
ATOM   325  C CB  . THR A 1 39 ? -3.597  12.020  6.766   1.00 9.20   ? 39   THR A CB  1 
ATOM   326  O OG1 . THR A 1 39 ? -2.782  10.845  6.721   1.00 8.82   ? 39   THR A OG1 1 
ATOM   327  C CG2 . THR A 1 39 ? -4.265  12.168  8.139   1.00 11.86  ? 39   THR A CG2 1 
ATOM   328  N N   . ARG A 1 40 ? -3.639  13.239  3.907   1.00 7.64   ? 40   ARG A N   1 
ATOM   329  C CA  . ARG A 1 40 ? -2.996  13.489  2.627   1.00 7.60   ? 40   ARG A CA  1 
ATOM   330  C C   . ARG A 1 40 ? -1.932  14.547  2.842   1.00 6.80   ? 40   ARG A C   1 
ATOM   331  O O   . ARG A 1 40 ? -2.157  15.476  3.618   1.00 8.30   ? 40   ARG A O   1 
ATOM   332  C CB  . ARG A 1 40 ? -4.011  13.987  1.597   1.00 7.35   ? 40   ARG A CB  1 
ATOM   333  C CG  . ARG A 1 40 ? -4.857  12.871  1.033   1.00 7.72   ? 40   ARG A CG  1 
ATOM   334  C CD  . ARG A 1 40 ? -5.907  13.383  0.125   1.00 9.80   ? 40   ARG A CD  1 
ATOM   335  N NE  . ARG A 1 40 ? -6.925  14.134  0.844   1.00 8.07   ? 40   ARG A NE  1 
ATOM   336  C CZ  . ARG A 1 40 ? -8.050  14.554  0.294   1.00 9.89   ? 40   ARG A CZ  1 
ATOM   337  N NH1 . ARG A 1 40 ? -8.286  14.283  -0.998  1.00 11.52  ? 40   ARG A NH1 1 
ATOM   338  N NH2 . ARG A 1 40 ? -8.904  15.237  1.020   1.00 11.92  ? 40   ARG A NH2 1 
ATOM   339  N N   . GLY A 1 41 ? -0.811  14.455  2.128   1.00 7.78   ? 41   GLY A N   1 
ATOM   340  C CA  . GLY A 1 41 ? 0.225   15.472  2.261   1.00 8.43   ? 41   GLY A CA  1 
ATOM   341  C C   . GLY A 1 41 ? 1.433   15.190  1.421   1.00 9.42   ? 41   GLY A C   1 
ATOM   342  O O   . GLY A 1 41 ? 1.389   14.418  0.464   1.00 8.76   ? 41   GLY A O   1 
ATOM   343  N N   . CYS A 1 42 ? 2.539   15.803  1.828   1.00 11.74  ? 42   CYS A N   1 
ATOM   344  C CA  . CYS A 1 42 ? 3.841   15.689  1.162   1.00 12.78  ? 42   CYS A CA  1 
ATOM   345  C C   . CYS A 1 42 ? 4.709   14.743  1.972   1.00 12.34  ? 42   CYS A C   1 
ATOM   346  O O   . CYS A 1 42 ? 4.532   14.658  3.181   1.00 12.72  ? 42   CYS A O   1 
ATOM   347  C CB  . CYS A 1 42 ? 4.523   17.059  1.124   1.00 14.36  ? 42   CYS A CB  1 
ATOM   348  S SG  . CYS A 1 42 ? 3.683   18.316  0.138   1.00 18.78  ? 42   CYS A SG  1 
ATOM   349  N N   . ALA A 1 43 ? 5.637   14.055  1.318   1.00 12.53  ? 43   ALA A N   1 
ATOM   350  C CA  . ALA A 1 43 ? 6.562   13.169  2.017   1.00 13.94  ? 43   ALA A CA  1 
ATOM   351  C C   . ALA A 1 43 ? 7.848   13.046  1.245   1.00 14.31  ? 43   ALA A C   1 
ATOM   352  O O   . ALA A 1 43 ? 7.877   13.236  0.036   1.00 13.74  ? 43   ALA A O   1 
ATOM   353  C CB  . ALA A 1 43 ? 5.964   11.793  2.193   1.00 14.41  ? 43   ALA A CB  1 
ATOM   354  N N   . ALA A 1 44 ? 8.897   12.686  1.970   1.00 16.26  ? 44   ALA A N   1 
ATOM   355  C CA  . ALA A 1 44 ? 10.204  12.429  1.367   1.00 17.87  ? 44   ALA A CA  1 
ATOM   356  C C   . ALA A 1 44 ? 10.315  10.990  0.840   1.00 18.89  ? 44   ALA A C   1 
ATOM   357  O O   . ALA A 1 44 ? 10.894  10.746  -0.230  1.00 18.91  ? 44   ALA A O   1 
ATOM   358  C CB  . ALA A 1 44 ? 11.291  12.714  2.386   1.00 18.80  ? 44   ALA A CB  1 
ATOM   359  N N   . THR A 1 45 ? 9.725   10.047  1.568   1.00 20.12  ? 45   THR A N   1 
ATOM   360  C CA  . THR A 1 45 ? 9.787   8.617   1.227   1.00 21.82  ? 45   THR A CA  1 
ATOM   361  C C   . THR A 1 45 ? 8.480   7.894   1.583   1.00 21.79  ? 45   THR A C   1 
ATOM   362  O O   . THR A 1 45 ? 7.766   8.324   2.483   1.00 23.30  ? 45   THR A O   1 
ATOM   363  C CB  . THR A 1 45 ? 10.950  7.893   1.963   1.00 21.85  ? 45   THR A CB  1 
ATOM   364  O OG1 . THR A 1 45 ? 10.671  7.811   3.367   1.00 24.61  ? 45   THR A OG1 1 
ATOM   365  C CG2 . THR A 1 45 ? 12.272  8.607   1.759   1.00 23.36  ? 45   THR A CG2 1 
ATOM   366  N N   . CYS A 1 46 ? 8.204   6.790   0.891   1.00 22.55  ? 46   CYS A N   1 
ATOM   367  C CA  . CYS A 1 46 ? 6.937   6.060   1.019   1.00 22.48  ? 46   CYS A CA  1 
ATOM   368  C C   . CYS A 1 46 ? 7.150   4.695   1.687   1.00 21.41  ? 46   CYS A C   1 
ATOM   369  O O   . CYS A 1 46 ? 7.731   3.801   1.061   1.00 21.36  ? 46   CYS A O   1 
ATOM   370  C CB  . CYS A 1 46 ? 6.335   5.848   -0.367  1.00 22.37  ? 46   CYS A CB  1 
ATOM   371  S SG  . CYS A 1 46 ? 4.532   5.594   -0.387  1.00 26.27  ? 46   CYS A SG  1 
ATOM   372  N N   . PRO A 1 47 ? 6.676   4.535   2.940   1.00 20.54  ? 47   PRO A N   1 
ATOM   373  C CA  . PRO A 1 47 ? 6.789   3.241   3.600   1.00 19.77  ? 47   PRO A CA  1 
ATOM   374  C C   . PRO A 1 47 ? 5.835   2.241   2.968   1.00 18.76  ? 47   PRO A C   1 
ATOM   375  O O   . PRO A 1 47 ? 4.872   2.634   2.324   1.00 18.10  ? 47   PRO A O   1 
ATOM   376  C CB  . PRO A 1 47 ? 6.345   3.524   5.044   1.00 20.40  ? 47   PRO A CB  1 
ATOM   377  C CG  . PRO A 1 47 ? 6.135   4.988   5.138   1.00 21.39  ? 47   PRO A CG  1 
ATOM   378  C CD  . PRO A 1 47 ? 5.976   5.519   3.785   1.00 20.47  ? 47   PRO A CD  1 
ATOM   379  N N   . LYS A 1 48 ? 6.093   0.960   3.178   1.00 16.63  ? 48   LYS A N   1 
ATOM   380  C CA  . LYS A 1 48 ? 5.249   -0.073  2.617   1.00 16.28  ? 48   LYS A CA  1 
ATOM   381  C C   . LYS A 1 48 ? 3.898   -0.045  3.311   1.00 13.59  ? 48   LYS A C   1 
ATOM   382  O O   . LYS A 1 48 ? 3.798   0.237   4.504   1.00 13.28  ? 48   LYS A O   1 
ATOM   383  C CB  . LYS A 1 48 ? 5.887   -1.454  2.755   1.00 17.18  ? 48   LYS A CB  1 
ATOM   384  C CG  . LYS A 1 48 ? 5.998   -1.931  4.169   1.00 20.79  ? 48   LYS A CG  1 
ATOM   385  C CD  . LYS A 1 48 ? 6.836   -3.199  4.386   1.00 25.03  ? 48   LYS A CD  1 
ATOM   386  C CE  . LYS A 1 48 ? 6.891   -4.096  3.188   1.00 26.15  ? 48   LYS A CE  1 
ATOM   387  N NZ  . LYS A 1 48 ? 8.022   -3.689  2.321   1.00 27.90  ? 48   LYS A NZ  1 
ATOM   388  N N   . ALA A 1 49 ? 2.863   -0.292  2.525   1.00 12.58  ? 49   ALA A N   1 
ATOM   389  C CA  . ALA A 1 49 ? 1.535   -0.342  3.052   1.00 11.05  ? 49   ALA A CA  1 
ATOM   390  C C   . ALA A 1 49 ? 1.337   -1.597  3.904   1.00 11.17  ? 49   ALA A C   1 
ATOM   391  O O   . ALA A 1 49 ? 1.882   -2.672  3.569   1.00 12.57  ? 49   ALA A O   1 
ATOM   392  C CB  . ALA A 1 49 ? 0.551   -0.305  1.921   1.00 11.49  ? 49   ALA A CB  1 
ATOM   393  N N   . GLU A 1 50 ? 0.566   -1.446  4.969   1.00 9.46   ? 50   GLU A N   1 
ATOM   394  C CA  . GLU A 1 50 ? 0.120   -2.543  5.843   1.00 9.28   ? 50   GLU A CA  1 
ATOM   395  C C   . GLU A 1 50 ? -1.398  -2.419  6.045   1.00 8.27   ? 50   GLU A C   1 
ATOM   396  O O   . GLU A 1 50 ? -1.972  -1.363  5.794   1.00 8.12   ? 50   GLU A O   1 
ATOM   397  C CB  . GLU A 1 50 ? 0.842   -2.443  7.190   1.00 10.49  ? 50   GLU A CB  1 
ATOM   398  C CG  . GLU A 1 50 ? 2.365   -2.689  7.110   1.00 13.05  ? 50   GLU A CG  1 
ATOM   399  C CD  . GLU A 1 50 ? 2.775   -4.123  6.790   1.00 17.24  ? 50   GLU A CD  1 
ATOM   400  O OE1 . GLU A 1 50 ? 1.948   -5.063  6.880   1.00 17.56  ? 50   GLU A OE1 1 
ATOM   401  O OE2 . GLU A 1 50 ? 3.969   -4.337  6.469   1.00 21.24  ? 50   GLU A OE2 1 
HETATM 402  N N   . TYI A 1 51 ? -2.037  -3.486  6.506   1.00 8.32   ? 51   TYI A N   1 
HETATM 403  C CA  . TYI A 1 51 ? -3.483  -3.482  6.562   1.00 8.56   ? 51   TYI A CA  1 
HETATM 404  C CB  . TYI A 1 51 ? -4.009  -4.836  7.095   1.00 10.31  ? 51   TYI A CB  1 
HETATM 405  C CG  . TYI A 1 51 ? -5.497  -4.942  6.927   1.00 13.96  ? 51   TYI A CG  1 
HETATM 406  C CD1 . TYI A 1 51 ? -6.000  -4.984  5.628   1.00 14.14  ? 51   TYI A CD1 1 
HETATM 407  C CE1 . TYI A 1 51 ? -7.396  -5.055  5.440   1.00 14.14  ? 51   TYI A CE1 1 
HETATM 408  C CD2 . TYI A 1 51 ? -6.293  -4.990  8.055   1.00 15.65  ? 51   TYI A CD2 1 
HETATM 409  C CE2 . TYI A 1 51 ? -7.687  -5.085  7.931   1.00 14.93  ? 51   TYI A CE2 1 
HETATM 410  C CZ  . TYI A 1 51 ? -8.287  -5.135  6.585   1.00 13.95  ? 51   TYI A CZ  1 
HETATM 411  O OH  . TYI A 1 51 ? -9.650  -5.203  6.343   1.00 16.56  ? 51   TYI A OH  1 
HETATM 412  C C   . TYI A 1 51 ? -4.016  -2.353  7.404   1.00 8.39   ? 51   TYI A C   1 
HETATM 413  O O   . TYI A 1 51 ? -5.014  -1.731  7.051   1.00 8.09   ? 51   TYI A O   1 
HETATM 414  I I1  . TYI A 1 51 ? -8.389  -5.096  3.597   1.00 14.81  ? 51   TYI A I1  1 
HETATM 415  I I2  . TYI A 1 51 ? -8.892  -5.081  9.618   0.50 23.10  ? 51   TYI A I2  1 
ATOM   416  N N   . ARG A 1 52 ? -3.404  -2.101  8.554   1.00 8.41   ? 52   ARG A N   1 
ATOM   417  C CA  . ARG A 1 52 ? -3.885  -1.044  9.417   1.00 8.46   ? 52   ARG A CA  1 
ATOM   418  C C   . ARG A 1 52 ? -3.188  0.316   9.166   1.00 8.43   ? 52   ARG A C   1 
ATOM   419  O O   . ARG A 1 52 ? -3.516  1.297   9.847   1.00 9.61   ? 52   ARG A O   1 
ATOM   420  C CB  . ARG A 1 52 ? -3.703  -1.472  10.885  1.00 9.14   ? 52   ARG A CB  1 
ATOM   421  C CG  . ARG A 1 52 ? -4.709  -2.533  11.278  1.00 10.15  ? 52   ARG A CG  1 
ATOM   422  C CD  . ARG A 1 52 ? -4.648  -2.898  12.768  1.00 14.22  ? 52   ARG A CD  1 
ATOM   423  N NE  . ARG A 1 52 ? -3.351  -3.454  13.089  1.00 13.96  ? 52   ARG A NE  1 
ATOM   424  C CZ  . ARG A 1 52 ? -2.386  -2.814  13.743  1.00 17.06  ? 52   ARG A CZ  1 
ATOM   425  N NH1 . ARG A 1 52 ? -2.557  -1.592  14.253  1.00 16.53  ? 52   ARG A NH1 1 
ATOM   426  N NH2 . ARG A 1 52 ? -1.231  -3.407  13.901  1.00 15.60  ? 52   ARG A NH2 1 
ATOM   427  N N   . ASP A 1 53 ? -2.230  0.370   8.240   1.00 9.30   ? 53   ASP A N   1 
ATOM   428  C CA  . ASP A 1 53 ? -1.544  1.604   7.888   1.00 9.56   ? 53   ASP A CA  1 
ATOM   429  C C   . ASP A 1 53 ? -1.305  1.596   6.399   1.00 9.07   ? 53   ASP A C   1 
ATOM   430  O O   . ASP A 1 53 ? -0.252  1.250   5.916   1.00 8.41   ? 53   ASP A O   1 
ATOM   431  C CB  . ASP A 1 53 ? -0.246  1.768   8.668   1.00 9.90   ? 53   ASP A CB  1 
ATOM   432  C CG  . ASP A 1 53 ? 0.289   3.187   8.598   1.00 13.74  ? 53   ASP A CG  1 
ATOM   433  O OD1 . ASP A 1 53 ? -0.235  4.026   7.835   1.00 15.91  ? 53   ASP A OD1 1 
ATOM   434  O OD2 . ASP A 1 53 ? 1.255   3.499   9.349   1.00 16.16  ? 53   ASP A OD2 1 
ATOM   435  N N   . VAL A 1 54 ? -2.328  2.024   5.676   1.00 8.75   ? 54   VAL A N   1 
ATOM   436  C CA  . VAL A 1 54 ? -2.330  1.881   4.240   1.00 7.96   ? 54   VAL A CA  1 
ATOM   437  C C   . VAL A 1 54 ? -1.799  3.180   3.660   1.00 7.83   ? 54   VAL A C   1 
ATOM   438  O O   . VAL A 1 54 ? -2.285  4.249   4.019   1.00 9.10   ? 54   VAL A O   1 
ATOM   439  C CB  . VAL A 1 54 ? -3.792  1.645   3.725   1.00 8.06   ? 54   VAL A CB  1 
ATOM   440  C CG1 . VAL A 1 54 ? -3.770  1.450   2.180   1.00 8.59   ? 54   VAL A CG1 1 
ATOM   441  C CG2 . VAL A 1 54 ? -4.445  0.502   4.403   1.00 8.25   ? 54   VAL A CG2 1 
ATOM   442  N N   . ILE A 1 55 ? -0.807  3.111   2.774   1.00 8.59   ? 55   ILE A N   1 
ATOM   443  C CA  . ILE A 1 55 ? -0.262  4.337   2.189   1.00 10.40  ? 55   ILE A CA  1 
ATOM   444  C C   . ILE A 1 55 ? 0.026   4.119   0.717   1.00 10.07  ? 55   ILE A C   1 
ATOM   445  O O   . ILE A 1 55 ? 0.415   3.037   0.289   1.00 10.56  ? 55   ILE A O   1 
ATOM   446  C CB  . ILE A 1 55 ? 1.008   4.825   2.928   1.00 12.46  ? 55   ILE A CB  1 
ATOM   447  C CG1 . ILE A 1 55 ? 1.544   6.118   2.309   1.00 15.72  ? 55   ILE A CG1 1 
ATOM   448  C CG2 . ILE A 1 55 ? 2.043   3.781   2.977   1.00 15.00  ? 55   ILE A CG2 1 
ATOM   449  C CD1 . ILE A 1 55 ? 2.320   6.941   3.265   1.00 18.90  ? 55   ILE A CD1 1 
ATOM   450  N N   . ASN A 1 56 ? -0.227  5.148   -0.059  1.00 9.84   ? 56   ASN A N   1 
ATOM   451  C CA  . ASN A 1 56 ? 0.260   5.170   -1.427  1.00 10.29  ? 56   ASN A CA  1 
ATOM   452  C C   . ASN A 1 56 ? 0.813   6.544   -1.739  1.00 11.15  ? 56   ASN A C   1 
ATOM   453  O O   . ASN A 1 56 ? 0.450   7.523   -1.073  1.00 11.06  ? 56   ASN A O   1 
ATOM   454  C CB  . ASN A 1 56 ? -0.773  4.683   -2.463  1.00 11.17  ? 56   ASN A CB  1 
ATOM   455  C CG  . ASN A 1 56 ? -1.937  5.610   -2.643  1.00 13.02  ? 56   ASN A CG  1 
ATOM   456  O OD1 . ASN A 1 56 ? -1.764  6.830   -2.851  1.00 15.12  ? 56   ASN A OD1 1 
ATOM   457  N ND2 . ASN A 1 56 ? -3.156  5.058   -2.577  1.00 12.51  ? 56   ASN A ND2 1 
ATOM   458  N N   . CYS A 1 57 ? 1.747   6.600   -2.688  1.00 11.76  ? 57   CYS A N   1 
ATOM   459  C CA  . CYS A 1 57 ? 2.456   7.833   -2.976  1.00 12.94  ? 57   CYS A CA  1 
ATOM   460  C C   . CYS A 1 57 ? 2.645   7.999   -4.470  1.00 13.24  ? 57   CYS A C   1 
ATOM   461  O O   . CYS A 1 57 ? 2.584   7.040   -5.222  1.00 13.72  ? 57   CYS A O   1 
ATOM   462  C CB  . CYS A 1 57 ? 3.806   7.832   -2.295  1.00 13.83  ? 57   CYS A CB  1 
ATOM   463  S SG  . CYS A 1 57 ? 3.798   7.550   -0.491  1.00 21.32  ? 57   CYS A SG  1 
ATOM   464  N N   . CYS A 1 58 ? 2.834   9.239   -4.883  1.00 12.57  ? 58   CYS A N   1 
ATOM   465  C CA  . CYS A 1 58 ? 3.016   9.546   -6.305  1.00 13.40  ? 58   CYS A CA  1 
ATOM   466  C C   . CYS A 1 58 ? 3.820   10.842  -6.406  1.00 13.30  ? 58   CYS A C   1 
ATOM   467  O O   . CYS A 1 58 ? 3.926   11.576  -5.436  1.00 12.32  ? 58   CYS A O   1 
ATOM   468  C CB  . CYS A 1 58 ? 1.646   9.681   -6.958  1.00 14.49  ? 58   CYS A CB  1 
ATOM   469  S SG  . CYS A 1 58 ? 0.468   10.733  -6.056  1.00 16.89  ? 58   CYS A SG  1 
ATOM   470  N N   . GLY A 1 59 ? 4.414   11.111  -7.565  1.00 13.66  ? 59   GLY A N   1 
ATOM   471  C CA  . GLY A 1 59 ? 5.304   12.252  -7.704  1.00 14.82  ? 59   GLY A CA  1 
ATOM   472  C C   . GLY A 1 59 ? 4.903   13.318  -8.690  1.00 14.94  ? 59   GLY A C   1 
ATOM   473  O O   . GLY A 1 59 ? 5.755   14.129  -9.089  1.00 15.03  ? 59   GLY A O   1 
ATOM   474  N N   . THR A 1 60 ? 3.631   13.352  -9.074  1.00 15.13  ? 60   THR A N   1 
ATOM   475  C CA  . THR A 1 60 ? 3.094   14.419  -9.930  1.00 16.45  ? 60   THR A CA  1 
ATOM   476  C C   . THR A 1 60 ? 2.142   15.334  -9.152  1.00 15.90  ? 60   THR A C   1 
ATOM   477  O O   . THR A 1 60 ? 1.599   14.953  -8.111  1.00 16.24  ? 60   THR A O   1 
ATOM   478  C CB  . THR A 1 60 ? 2.407   13.835  -11.172 1.00 17.27  ? 60   THR A CB  1 
ATOM   479  O OG1 . THR A 1 60 ? 1.241   13.102  -10.788 1.00 18.81  ? 60   THR A OG1 1 
ATOM   480  C CG2 . THR A 1 60 ? 3.364   12.901  -11.904 1.00 18.61  ? 60   THR A CG2 1 
ATOM   481  N N   . ASP A 1 61 ? 1.949   16.557  -9.639  1.00 16.39  ? 61   ASP A N   1 
ATOM   482  C CA  . ASP A 1 61 ? 1.269   17.590  -8.844  1.00 17.23  ? 61   ASP A CA  1 
ATOM   483  C C   . ASP A 1 61 ? -0.167  17.194  -8.504  1.00 16.20  ? 61   ASP A C   1 
ATOM   484  O O   . ASP A 1 61 ? -0.947  16.796  -9.373  1.00 17.68  ? 61   ASP A O   1 
ATOM   485  C CB  . ASP A 1 61 ? 1.280   18.961  -9.540  1.00 18.47  ? 61   ASP A CB  1 
ATOM   486  C CG  . ASP A 1 61 ? 2.681   19.555  -9.695  1.00 21.31  ? 61   ASP A CG  1 
ATOM   487  O OD1 . ASP A 1 61 ? 3.398   19.773  -8.691  1.00 20.31  ? 61   ASP A OD1 1 
ATOM   488  O OD2 . ASP A 1 61 ? 3.058   19.851  -10.860 1.00 28.31  ? 61   ASP A OD2 1 
ATOM   489  N N   . LYS A 1 62 ? -0.489  17.285  -7.209  1.00 14.54  ? 62   LYS A N   1 
ATOM   490  C CA  . LYS A 1 62 ? -1.793  16.931  -6.662  1.00 14.27  ? 62   LYS A CA  1 
ATOM   491  C C   . LYS A 1 62 ? -2.310  15.568  -7.130  1.00 13.33  ? 62   LYS A C   1 
ATOM   492  O O   . LYS A 1 62 ? -3.510  15.356  -7.251  1.00 14.23  ? 62   LYS A O   1 
ATOM   493  C CB  . LYS A 1 62 ? -2.822  18.041  -6.930  1.00 14.46  ? 62   LYS A CB  1 
ATOM   494  C CG  . LYS A 1 62 ? -2.501  19.369  -6.257  1.00 16.72  ? 62   LYS A CG  1 
ATOM   495  C CD  . LYS A 1 62 ? -3.714  20.303  -6.278  1.00 19.68  ? 62   LYS A CD  1 
ATOM   496  C CE  . LYS A 1 62 ? -3.894  20.949  -7.651  1.00 24.19  ? 62   LYS A CE  1 
ATOM   497  N NZ  . LYS A 1 62 ? -2.802  21.917  -7.921  1.00 26.69  ? 62   LYS A NZ  1 
ATOM   498  N N   . CYS A 1 63 ? -1.396  14.620  -7.286  1.00 12.67  ? 63   CYS A N   1 
ATOM   499  C CA  . CYS A 1 63 ? -1.744  13.268  -7.721  1.00 13.33  ? 63   CYS A CA  1 
ATOM   500  C C   . CYS A 1 63 ? -2.397  12.418  -6.620  1.00 13.70  ? 63   CYS A C   1 
ATOM   501  O O   . CYS A 1 63 ? -2.885  11.310  -6.879  1.00 13.76  ? 63   CYS A O   1 
ATOM   502  C CB  . CYS A 1 63 ? -0.474  12.566  -8.189  1.00 13.76  ? 63   CYS A CB  1 
ATOM   503  S SG  . CYS A 1 63 ? 0.825   12.501  -6.917  1.00 15.85  ? 63   CYS A SG  1 
ATOM   504  N N   . ASN A 1 64 ? -2.397  12.944  -5.394  1.00 12.58  ? 64   ASN A N   1 
ATOM   505  C CA  . ASN A 1 64 ? -2.912  12.256  -4.220  1.00 12.35  ? 64   ASN A CA  1 
ATOM   506  C C   . ASN A 1 64 ? -4.295  12.689  -3.766  1.00 14.30  ? 64   ASN A C   1 
ATOM   507  O O   . ASN A 1 64 ? -4.627  12.572  -2.588  1.00 15.04  ? 64   ASN A O   1 
ATOM   508  C CB  . ASN A 1 64 ? -1.943  12.423  -3.047  1.00 11.76  ? 64   ASN A CB  1 
ATOM   509  C CG  . ASN A 1 64 ? -1.867  13.858  -2.513  1.00 9.53   ? 64   ASN A CG  1 
ATOM   510  O OD1 . ASN A 1 64 ? -1.608  14.079  -1.292  1.00 10.13  ? 64   ASN A OD1 1 
ATOM   511  N ND2 . ASN A 1 64 ? -2.044  14.831  -3.374  1.00 7.16   ? 64   ASN A ND2 1 
ATOM   512  N N   . LYS A 1 65 ? -5.129  13.170  -4.669  1.00 16.18  ? 65   LYS A N   1 
ATOM   513  C CA  . LYS A 1 65 ? -6.493  13.460  -4.231  1.00 18.10  ? 65   LYS A CA  1 
ATOM   514  C C   . LYS A 1 65 ? -7.160  12.161  -3.723  1.00 17.94  ? 65   LYS A C   1 
ATOM   515  O O   . LYS A 1 65 ? -7.753  12.086  -2.619  1.00 17.84  ? 65   LYS A O   1 
ATOM   516  C CB  . LYS A 1 65 ? -7.280  14.094  -5.362  1.00 18.34  ? 65   LYS A CB  1 
ATOM   517  C CG  . LYS A 1 65 ? -8.718  14.394  -5.036  1.00 22.36  ? 65   LYS A CG  1 
ATOM   518  C CD  . LYS A 1 65 ? -9.403  15.029  -6.232  1.00 25.34  ? 65   LYS A CD  1 
ATOM   519  C CE  . LYS A 1 65 ? -10.753 14.420  -6.517  1.00 27.81  ? 65   LYS A CE  1 
ATOM   520  N NZ  . LYS A 1 65 ? -11.214 14.844  -7.859  1.00 30.76  ? 65   LYS A NZ  1 
ATOM   521  O OXT . LYS A 1 65 ? -7.078  11.119  -4.410  1.00 18.61  ? 65   LYS A OXT 1 
ATOM   522  N N   . LEU B 1 1  ? 13.475  -16.105 -8.721  1.00 19.36  ? 1    LEU B N   1 
ATOM   523  C CA  . LEU B 1 1  ? 12.856  -15.604 -7.468  1.00 19.07  ? 1    LEU B CA  1 
ATOM   524  C C   . LEU B 1 1  ? 11.903  -16.649 -6.902  1.00 17.70  ? 1    LEU B C   1 
ATOM   525  O O   . LEU B 1 1  ? 11.148  -17.256 -7.658  1.00 18.44  ? 1    LEU B O   1 
ATOM   526  C CB  . LEU B 1 1  ? 12.089  -14.302 -7.734  1.00 19.33  ? 1    LEU B CB  1 
ATOM   527  C CG  . LEU B 1 1  ? 11.443  -13.624 -6.524  1.00 18.28  ? 1    LEU B CG  1 
ATOM   528  C CD1 . LEU B 1 1  ? 12.470  -13.158 -5.544  1.00 19.44  ? 1    LEU B CD1 1 
ATOM   529  C CD2 . LEU B 1 1  ? 10.618  -12.479 -6.992  1.00 18.68  ? 1    LEU B CD2 1 
ATOM   530  N N   . THR B 1 2  ? 11.949  -16.862 -5.587  1.00 17.05  ? 2    THR B N   1 
ATOM   531  C CA  . THR B 1 2  ? 10.896  -17.618 -4.937  1.00 16.80  ? 2    THR B CA  1 
ATOM   532  C C   . THR B 1 2  ? 10.217  -16.738 -3.889  1.00 14.60  ? 2    THR B C   1 
ATOM   533  O O   . THR B 1 2  ? 10.828  -15.890 -3.233  1.00 14.09  ? 2    THR B O   1 
ATOM   534  C CB  . THR B 1 2  ? 11.328  -19.027 -4.397  1.00 18.37  ? 2    THR B CB  1 
ATOM   535  O OG1 . THR B 1 2  ? 11.171  -19.131 -2.983  1.00 22.86  ? 2    THR B OG1 1 
ATOM   536  C CG2 . THR B 1 2  ? 12.718  -19.408 -4.844  1.00 18.21  ? 2    THR B CG2 1 
ATOM   537  N N   . CYS B 1 3  ? 8.908   -16.913 -3.801  1.00 12.51  ? 3    CYS B N   1 
ATOM   538  C CA  . CYS B 1 3  ? 8.079   -16.142 -2.893  1.00 12.10  ? 3    CYS B CA  1 
ATOM   539  C C   . CYS B 1 3  ? 7.286   -17.066 -1.979  1.00 10.54  ? 3    CYS B C   1 
ATOM   540  O O   . CYS B 1 3  ? 7.090   -18.227 -2.283  1.00 10.06  ? 3    CYS B O   1 
ATOM   541  C CB  . CYS B 1 3  ? 7.089   -15.296 -3.693  1.00 12.25  ? 3    CYS B CB  1 
ATOM   542  S SG  . CYS B 1 3  ? 7.839   -14.106 -4.808  1.00 13.72  ? 3    CYS B SG  1 
ATOM   543  N N   . VAL B 1 4  ? 6.818   -16.533 -0.868  1.00 9.45   ? 4    VAL B N   1 
ATOM   544  C CA  . VAL B 1 4  ? 5.797   -17.210 -0.084  1.00 9.69   ? 4    VAL B CA  1 
ATOM   545  C C   . VAL B 1 4  ? 4.508   -17.148 -0.904  1.00 9.81   ? 4    VAL B C   1 
ATOM   546  O O   . VAL B 1 4  ? 4.212   -16.138 -1.561  1.00 9.16   ? 4    VAL B O   1 
ATOM   547  C CB  . VAL B 1 4  ? 5.593   -16.594 1.312   1.00 10.17  ? 4    VAL B CB  1 
ATOM   548  C CG1 . VAL B 1 4  ? 4.543   -17.342 2.044   1.00 10.59  ? 4    VAL B CG1 1 
ATOM   549  C CG2 . VAL B 1 4  ? 6.944   -16.568 2.066   1.00 10.85  ? 4    VAL B CG2 1 
ATOM   550  N N   . LYS B 1 5  ? 3.779   -18.256 -0.870  1.00 9.70   ? 5    LYS B N   1 
ATOM   551  C CA  . LYS B 1 5  ? 2.548   -18.396 -1.597  1.00 10.14  ? 5    LYS B CA  1 
ATOM   552  C C   . LYS B 1 5  ? 1.460   -18.856 -0.639  1.00 10.03  ? 5    LYS B C   1 
ATOM   553  O O   . LYS B 1 5  ? 1.645   -19.858 0.075   1.00 10.19  ? 5    LYS B O   1 
ATOM   554  C CB  . LYS B 1 5  ? 2.762   -19.441 -2.696  1.00 11.70  ? 5    LYS B CB  1 
ATOM   555  C CG  . LYS B 1 5  ? 1.550   -19.852 -3.501  1.00 14.35  ? 5    LYS B CG  1 
ATOM   556  C CD  . LYS B 1 5  ? 1.110   -18.750 -4.386  1.00 18.20  ? 5    LYS B CD  1 
ATOM   557  C CE  . LYS B 1 5  ? 0.199   -19.222 -5.504  1.00 21.75  ? 5    LYS B CE  1 
ATOM   558  N NZ  . LYS B 1 5  ? -0.371  -18.046 -6.214  1.00 22.38  ? 5    LYS B NZ  1 
ATOM   559  N N   . SER B 1 6  ? 0.338   -18.154 -0.614  1.00 8.40   ? 6    SER B N   1 
ATOM   560  C CA  . SER B 1 6  ? -0.799  -18.641 0.154   1.00 8.41   ? 6    SER B CA  1 
ATOM   561  C C   . SER B 1 6  ? -2.053  -17.994 -0.414  1.00 9.10   ? 6    SER B C   1 
ATOM   562  O O   . SER B 1 6  ? -2.066  -16.804 -0.702  1.00 8.91   ? 6    SER B O   1 
ATOM   563  C CB  . SER B 1 6  ? -0.632  -18.356 1.664   1.00 9.38   ? 6    SER B CB  1 
ATOM   564  O OG  . SER B 1 6  ? -0.653  -16.969 1.947   1.00 11.20  ? 6    SER B OG  1 
ATOM   565  N N   . ASN B 1 7  ? -3.098  -18.797 -0.651  1.00 7.89   ? 7    ASN B N   1 
ATOM   566  C CA  . ASN B 1 7  ? -4.299  -18.249 -1.230  1.00 8.71   ? 7    ASN B CA  1 
ATOM   567  C C   . ASN B 1 7  ? -5.414  -19.265 -1.014  1.00 8.45   ? 7    ASN B C   1 
ATOM   568  O O   . ASN B 1 7  ? -5.296  -20.098 -0.133  1.00 8.71   ? 7    ASN B O   1 
ATOM   569  C CB  . ASN B 1 7  ? -4.062  -17.922 -2.669  1.00 8.78   ? 7    ASN B CB  1 
ATOM   570  C CG  . ASN B 1 7  ? -3.807  -19.130 -3.519  1.00 10.34  ? 7    ASN B CG  1 
ATOM   571  O OD1 . ASN B 1 7  ? -3.786  -20.262 -3.046  1.00 9.98   ? 7    ASN B OD1 1 
ATOM   572  N ND2 . ASN B 1 7  ? -3.659  -18.895 -4.816  1.00 16.17  ? 7    ASN B ND2 1 
ATOM   573  N N   . SER B 1 8  ? -6.479  -19.192 -1.822  1.00 8.70   ? 8    SER B N   1 
ATOM   574  C CA  . SER B 1 8  ? -7.626  -20.083 -1.632  1.00 8.84   ? 8    SER B CA  1 
ATOM   575  C C   . SER B 1 8  ? -7.304  -21.537 -1.868  1.00 9.97   ? 8    SER B C   1 
ATOM   576  O O   . SER B 1 8  ? -8.072  -22.406 -1.438  1.00 10.97  ? 8    SER B O   1 
ATOM   577  C CB  . SER B 1 8  ? -8.814  -19.680 -2.523  1.00 9.85   ? 8    SER B CB  1 
ATOM   578  O OG  . SER B 1 8  ? -8.569  -20.011 -3.867  1.00 9.80   ? 8    SER B OG  1 
ATOM   579  N N   . ILE B 1 9  ? -6.204  -21.826 -2.565  1.00 9.78   ? 9    ILE B N   1 
ATOM   580  C CA  . ILE B 1 9  ? -5.863  -23.222 -2.847  1.00 10.21  ? 9    ILE B CA  1 
ATOM   581  C C   . ILE B 1 9  ? -4.627  -23.748 -2.120  1.00 11.79  ? 9    ILE B C   1 
ATOM   582  O O   . ILE B 1 9  ? -4.489  -24.965 -1.944  1.00 10.79  ? 9    ILE B O   1 
ATOM   583  C CB  . ILE B 1 9  ? -5.781  -23.529 -4.381  1.00 11.29  ? 9    ILE B CB  1 
ATOM   584  C CG1 . ILE B 1 9  ? -4.561  -22.900 -5.021  1.00 14.76  ? 9    ILE B CG1 1 
ATOM   585  C CG2 . ILE B 1 9  ? -7.051  -23.076 -5.059  1.00 9.66   ? 9    ILE B CG2 1 
ATOM   586  C CD1 . ILE B 1 9  ? -4.179  -23.531 -6.341  1.00 16.27  ? 9    ILE B CD1 1 
ATOM   587  N N   . TRP B 1 10 ? -3.739  -22.836 -1.710  1.00 11.76  ? 10   TRP B N   1 
ATOM   588  C CA  . TRP B 1 10 ? -2.489  -23.202 -1.069  1.00 12.19  ? 10   TRP B CA  1 
ATOM   589  C C   . TRP B 1 10 ? -2.431  -22.725 0.361   1.00 13.17  ? 10   TRP B C   1 
ATOM   590  O O   . TRP B 1 10 ? -2.553  -21.548 0.654   1.00 11.55  ? 10   TRP B O   1 
ATOM   591  C CB  . TRP B 1 10 ? -1.283  -22.588 -1.794  1.00 12.64  ? 10   TRP B CB  1 
ATOM   592  C CG  . TRP B 1 10 ? -0.990  -23.227 -3.084  1.00 12.98  ? 10   TRP B CG  1 
ATOM   593  C CD1 . TRP B 1 10 ? -1.208  -22.717 -4.308  1.00 15.11  ? 10   TRP B CD1 1 
ATOM   594  C CD2 . TRP B 1 10 ? -0.439  -24.535 -3.273  1.00 14.43  ? 10   TRP B CD2 1 
ATOM   595  N NE1 . TRP B 1 10 ? -0.843  -23.622 -5.277  1.00 16.15  ? 10   TRP B NE1 1 
ATOM   596  C CE2 . TRP B 1 10 ? -0.346  -24.740 -4.667  1.00 15.45  ? 10   TRP B CE2 1 
ATOM   597  C CE3 . TRP B 1 10 ? -0.001  -25.533 -2.406  1.00 15.61  ? 10   TRP B CE3 1 
ATOM   598  C CZ2 . TRP B 1 10 ? 0.145   -25.919 -5.222  1.00 15.98  ? 10   TRP B CZ2 1 
ATOM   599  C CZ3 . TRP B 1 10 ? 0.488   -26.720 -2.955  1.00 14.98  ? 10   TRP B CZ3 1 
ATOM   600  C CH2 . TRP B 1 10 ? 0.569   -26.888 -4.349  1.00 15.17  ? 10   TRP B CH2 1 
ATOM   601  N N   . PHE B 1 11 ? -2.190  -23.698 1.235   1.00 14.94  ? 11   PHE B N   1 
ATOM   602  C CA  . PHE B 1 11 ? -1.652  -23.503 2.533   1.00 16.56  ? 11   PHE B CA  1 
ATOM   603  C C   . PHE B 1 11 ? -0.299  -22.874 2.332   1.00 15.53  ? 11   PHE B C   1 
ATOM   604  O O   . PHE B 1 11 ? 0.335   -23.124 1.321   1.00 15.06  ? 11   PHE B O   1 
ATOM   605  C CB  . PHE B 1 11 ? -1.451  -24.876 3.174   1.00 19.74  ? 11   PHE B CB  1 
ATOM   606  C CG  . PHE B 1 11 ? -2.399  -25.163 4.280   1.00 23.80  ? 11   PHE B CG  1 
ATOM   607  C CD1 . PHE B 1 11 ? -3.713  -25.519 4.017   1.00 26.62  ? 11   PHE B CD1 1 
ATOM   608  C CD2 . PHE B 1 11 ? -1.964  -25.109 5.596   1.00 26.52  ? 11   PHE B CD2 1 
ATOM   609  C CE1 . PHE B 1 11 ? -4.601  -25.797 5.052   1.00 27.93  ? 11   PHE B CE1 1 
ATOM   610  C CE2 . PHE B 1 11 ? -2.827  -25.374 6.637   1.00 28.57  ? 11   PHE B CE2 1 
ATOM   611  C CZ  . PHE B 1 11 ? -4.162  -25.714 6.373   1.00 27.62  ? 11   PHE B CZ  1 
ATOM   612  N N   . PRO B 1 12 ? 0.170   -22.090 3.313   1.00 14.07  ? 12   PRO B N   1 
ATOM   613  C CA  . PRO B 1 12 ? 1.427   -21.397 3.104   1.00 14.82  ? 12   PRO B CA  1 
ATOM   614  C C   . PRO B 1 12 ? 2.509   -22.336 2.598   1.00 14.60  ? 12   PRO B C   1 
ATOM   615  O O   . PRO B 1 12 ? 2.689   -23.429 3.119   1.00 15.52  ? 12   PRO B O   1 
ATOM   616  C CB  . PRO B 1 12 ? 1.784   -20.910 4.503   1.00 14.27  ? 12   PRO B CB  1 
ATOM   617  C CG  . PRO B 1 12 ? 0.403   -20.667 5.155   1.00 14.60  ? 12   PRO B CG  1 
ATOM   618  C CD  . PRO B 1 12 ? -0.456  -21.772 4.603   1.00 14.94  ? 12   PRO B CD  1 
ATOM   619  N N   . THR B 1 13 ? 3.223   -21.892 1.592   1.00 14.67  ? 13   THR B N   1 
ATOM   620  C CA  . THR B 1 13 ? 4.278   -22.664 1.004   1.00 14.95  ? 13   THR B CA  1 
ATOM   621  C C   . THR B 1 13 ? 5.131   -21.687 0.250   1.00 14.61  ? 13   THR B C   1 
ATOM   622  O O   . THR B 1 13 ? 5.053   -20.485 0.482   1.00 14.15  ? 13   THR B O   1 
ATOM   623  C CB  . THR B 1 13 ? 3.720   -23.765 0.089   1.00 15.45  ? 13   THR B CB  1 
ATOM   624  O OG1 . THR B 1 13 ? 4.808   -24.572 -0.383  1.00 16.14  ? 13   THR B OG1 1 
ATOM   625  C CG2 . THR B 1 13 ? 2.941   -23.203 -1.118  1.00 16.17  ? 13   THR B CG2 1 
ATOM   626  N N   . SER B 1 14 ? 5.965   -22.189 -0.643  1.00 14.95  ? 14   SER B N   1 
ATOM   627  C CA  . SER B 1 14 ? 6.771   -21.314 -1.458  1.00 16.75  ? 14   SER B CA  1 
ATOM   628  C C   . SER B 1 14 ? 6.625   -21.684 -2.917  1.00 17.65  ? 14   SER B C   1 
ATOM   629  O O   . SER B 1 14 ? 6.263   -22.826 -3.263  1.00 17.29  ? 14   SER B O   1 
ATOM   630  C CB  . SER B 1 14 ? 8.221   -21.323 -0.992  1.00 17.81  ? 14   SER B CB  1 
ATOM   631  O OG  . SER B 1 14 ? 8.823   -22.545 -1.286  1.00 20.03  ? 14   SER B OG  1 
ATOM   632  N N   . GLU B 1 15 ? 6.860   -20.688 -3.758  1.00 17.48  ? 15   GLU B N   1 
ATOM   633  C CA  . GLU B 1 15 ? 6.666   -20.775 -5.194  1.00 18.50  ? 15   GLU B CA  1 
ATOM   634  C C   . GLU B 1 15 ? 7.886   -20.209 -5.881  1.00 18.32  ? 15   GLU B C   1 
ATOM   635  O O   . GLU B 1 15 ? 8.318   -19.108 -5.554  1.00 17.64  ? 15   GLU B O   1 
ATOM   636  C CB  . GLU B 1 15 ? 5.459   -19.928 -5.606  1.00 19.17  ? 15   GLU B CB  1 
ATOM   637  C CG  . GLU B 1 15 ? 5.121   -19.990 -7.116  1.00 21.15  ? 15   GLU B CG  1 
ATOM   638  C CD  . GLU B 1 15 ? 4.064   -18.999 -7.527  1.00 25.28  ? 15   GLU B CD  1 
ATOM   639  O OE1 . GLU B 1 15 ? 3.444   -18.388 -6.626  1.00 30.56  ? 15   GLU B OE1 1 
ATOM   640  O OE2 . GLU B 1 15 ? 3.847   -18.819 -8.758  1.00 28.66  ? 15   GLU B OE2 1 
ATOM   641  N N   . ASP B 1 16 ? 8.417   -20.946 -6.853  1.00 18.78  ? 16   ASP B N   1 
ATOM   642  C CA  . ASP B 1 16 ? 9.392   -20.400 -7.785  1.00 19.55  ? 16   ASP B CA  1 
ATOM   643  C C   . ASP B 1 16 ? 8.591   -19.605 -8.788  1.00 18.80  ? 16   ASP B C   1 
ATOM   644  O O   . ASP B 1 16 ? 7.739   -20.158 -9.485  1.00 19.09  ? 16   ASP B O   1 
ATOM   645  C CB  . ASP B 1 16 ? 10.148  -21.536 -8.484  1.00 20.60  ? 16   ASP B CB  1 
ATOM   646  C CG  . ASP B 1 16 ? 10.869  -22.428 -7.506  1.00 24.88  ? 16   ASP B CG  1 
ATOM   647  O OD1 . ASP B 1 16 ? 11.342  -21.904 -6.460  1.00 28.91  ? 16   ASP B OD1 1 
ATOM   648  O OD2 . ASP B 1 16 ? 10.956  -23.657 -7.785  1.00 32.17  ? 16   ASP B OD2 1 
ATOM   649  N N   . CYS B 1 17 ? 8.843   -18.306 -8.857  1.00 18.19  ? 17   CYS B N   1 
ATOM   650  C CA  . CYS B 1 17 ? 8.033   -17.447 -9.695  1.00 18.12  ? 17   CYS B CA  1 
ATOM   651  C C   . CYS B 1 17 ? 8.246   -17.737 -11.181 1.00 18.28  ? 17   CYS B C   1 
ATOM   652  O O   . CYS B 1 17 ? 9.379   -18.007 -11.610 1.00 18.88  ? 17   CYS B O   1 
ATOM   653  C CB  . CYS B 1 17 ? 8.363   -15.988 -9.448  1.00 18.30  ? 17   CYS B CB  1 
ATOM   654  S SG  . CYS B 1 17 ? 8.087   -15.490 -7.741  1.00 18.18  ? 17   CYS B SG  1 
ATOM   655  N N   . PRO B 1 18 ? 7.165   -17.630 -11.969 1.00 18.86  ? 18   PRO B N   1 
ATOM   656  C CA  . PRO B 1 18 ? 7.278   -17.717 -13.421 1.00 19.02  ? 18   PRO B CA  1 
ATOM   657  C C   . PRO B 1 18 ? 8.140   -16.613 -14.002 1.00 18.58  ? 18   PRO B C   1 
ATOM   658  O O   . PRO B 1 18 ? 8.327   -15.569 -13.373 1.00 18.16  ? 18   PRO B O   1 
ATOM   659  C CB  . PRO B 1 18 ? 5.843   -17.520 -13.911 1.00 19.39  ? 18   PRO B CB  1 
ATOM   660  C CG  . PRO B 1 18 ? 4.979   -17.764 -12.769 1.00 20.19  ? 18   PRO B CG  1 
ATOM   661  C CD  . PRO B 1 18 ? 5.766   -17.472 -11.530 1.00 18.66  ? 18   PRO B CD  1 
ATOM   662  N N   . ASP B 1 19 ? 8.647   -16.872 -15.204 1.00 19.01  ? 19   ASP B N   1 
ATOM   663  C CA  . ASP B 1 19 ? 9.356   -15.867 -15.988 1.00 18.17  ? 19   ASP B CA  1 
ATOM   664  C C   . ASP B 1 19 ? 8.560   -14.593 -16.070 1.00 17.46  ? 19   ASP B C   1 
ATOM   665  O O   . ASP B 1 19 ? 7.375   -14.602 -16.396 1.00 17.35  ? 19   ASP B O   1 
ATOM   666  C CB  . ASP B 1 19 ? 9.603   -16.392 -17.402 1.00 19.16  ? 19   ASP B CB  1 
ATOM   667  C CG  . ASP B 1 19 ? 10.541  -17.574 -17.418 1.00 21.05  ? 19   ASP B CG  1 
ATOM   668  O OD1 . ASP B 1 19 ? 10.315  -18.483 -18.253 1.00 25.82  ? 19   ASP B OD1 1 
ATOM   669  O OD2 . ASP B 1 19 ? 11.479  -17.598 -16.589 1.00 23.26  ? 19   ASP B OD2 1 
ATOM   670  N N   . GLY B 1 20 ? 9.216   -13.485 -15.752 1.00 16.61  ? 20   GLY B N   1 
ATOM   671  C CA  . GLY B 1 20 ? 8.573   -12.173 -15.832 1.00 16.23  ? 20   GLY B CA  1 
ATOM   672  C C   . GLY B 1 20 ? 7.875   -11.723 -14.558 1.00 16.51  ? 20   GLY B C   1 
ATOM   673  O O   . GLY B 1 20 ? 7.437   -10.562 -14.439 1.00 17.00  ? 20   GLY B O   1 
ATOM   674  N N   . GLN B 1 21 ? 7.748   -12.635 -13.600 1.00 15.22  ? 21   GLN B N   1 
ATOM   675  C CA  . GLN B 1 21 ? 7.184   -12.277 -12.313 1.00 15.13  ? 21   GLN B CA  1 
ATOM   676  C C   . GLN B 1 21 ? 8.284   -12.187 -11.280 1.00 15.07  ? 21   GLN B C   1 
ATOM   677  O O   . GLN B 1 21 ? 8.680   -13.180 -10.675 1.00 17.63  ? 21   GLN B O   1 
ATOM   678  C CB  . GLN B 1 21 ? 6.124   -13.292 -11.889 1.00 15.08  ? 21   GLN B CB  1 
ATOM   679  C CG  . GLN B 1 21 ? 4.904   -13.236 -12.770 1.00 17.11  ? 21   GLN B CG  1 
ATOM   680  C CD  . GLN B 1 21 ? 3.892   -14.267 -12.397 1.00 20.67  ? 21   GLN B CD  1 
ATOM   681  O OE1 . GLN B 1 21 ? 3.744   -14.606 -11.229 1.00 20.82  ? 21   GLN B OE1 1 
ATOM   682  N NE2 . GLN B 1 21 ? 3.205   -14.812 -13.401 1.00 22.89  ? 21   GLN B NE2 1 
ATOM   683  N N   . ASN B 1 22 ? 8.746   -10.971 -11.049 1.00 14.12  ? 22   ASN B N   1 
ATOM   684  C CA  . ASN B 1 22 ? 9.922   -10.752 -10.235 1.00 13.21  ? 22   ASN B CA  1 
ATOM   685  C C   . ASN B 1 22 ? 9.645   -9.930  -8.982  1.00 12.72  ? 22   ASN B C   1 
ATOM   686  O O   . ASN B 1 22 ? 10.545  -9.321  -8.423  1.00 13.10  ? 22   ASN B O   1 
ATOM   687  C CB  . ASN B 1 22 ? 11.013  -10.141 -11.115 1.00 14.00  ? 22   ASN B CB  1 
ATOM   688  C CG  . ASN B 1 22 ? 11.494  -11.125 -12.155 1.00 14.71  ? 22   ASN B CG  1 
ATOM   689  O OD1 . ASN B 1 22 ? 11.321  -10.932 -13.378 1.00 15.90  ? 22   ASN B OD1 1 
ATOM   690  N ND2 . ASN B 1 22 ? 12.035  -12.226 -11.673 1.00 15.04  ? 22   ASN B ND2 1 
ATOM   691  N N   . LEU B 1 23 ? 8.377   -9.933  -8.576  1.00 11.76  ? 23   LEU B N   1 
ATOM   692  C CA  . LEU B 1 23 ? 7.966   -9.389  -7.289  1.00 12.33  ? 23   LEU B CA  1 
ATOM   693  C C   . LEU B 1 23 ? 7.273   -10.450 -6.483  1.00 11.00  ? 23   LEU B C   1 
ATOM   694  O O   . LEU B 1 23 ? 6.598   -11.314 -7.032  1.00 10.73  ? 23   LEU B O   1 
ATOM   695  C CB  . LEU B 1 23 ? 6.998   -8.217  -7.459  1.00 12.97  ? 23   LEU B CB  1 
ATOM   696  C CG  . LEU B 1 23 ? 7.621   -6.989  -8.123  1.00 16.25  ? 23   LEU B CG  1 
ATOM   697  C CD1 . LEU B 1 23 ? 6.551   -5.990  -8.554  1.00 16.40  ? 23   LEU B CD1 1 
ATOM   698  C CD2 . LEU B 1 23 ? 8.601   -6.333  -7.183  1.00 18.46  ? 23   LEU B CD2 1 
ATOM   699  N N   . CYS B 1 24 ? 7.438   -10.349 -5.169  1.00 10.89  ? 24   CYS B N   1 
ATOM   700  C CA  . CYS B 1 24 ? 6.634   -11.111 -4.195  1.00 11.59  ? 24   CYS B CA  1 
ATOM   701  C C   . CYS B 1 24 ? 5.644   -10.122 -3.562  1.00 10.74  ? 24   CYS B C   1 
ATOM   702  O O   . CYS B 1 24 ? 6.032   -9.034  -3.205  1.00 12.57  ? 24   CYS B O   1 
ATOM   703  C CB  . CYS B 1 24 ? 7.478   -11.681 -3.078  1.00 11.72  ? 24   CYS B CB  1 
ATOM   704  S SG  . CYS B 1 24 ? 8.811   -12.811 -3.566  1.00 13.02  ? 24   CYS B SG  1 
ATOM   705  N N   . PHE B 1 25 ? 4.389   -10.519 -3.400  1.00 9.41   ? 25   PHE B N   1 
ATOM   706  C CA  . PHE B 1 25 ? 3.356   -9.632  -2.886  1.00 8.82   ? 25   PHE B CA  1 
ATOM   707  C C   . PHE B 1 25 ? 2.701   -10.195 -1.647  1.00 7.69   ? 25   PHE B C   1 
ATOM   708  O O   . PHE B 1 25 ? 2.681   -11.402 -1.428  1.00 7.21   ? 25   PHE B O   1 
ATOM   709  C CB  . PHE B 1 25 ? 2.266   -9.317  -3.905  1.00 9.47   ? 25   PHE B CB  1 
ATOM   710  C CG  . PHE B 1 25 ? 1.306   -10.438 -4.191  1.00 9.18   ? 25   PHE B CG  1 
ATOM   711  C CD1 . PHE B 1 25 ? 1.501   -11.280 -5.261  1.00 9.16   ? 25   PHE B CD1 1 
ATOM   712  C CD2 . PHE B 1 25 ? 0.172   -10.628 -3.428  1.00 9.70   ? 25   PHE B CD2 1 
ATOM   713  C CE1 . PHE B 1 25 ? 0.583   -12.275 -5.546  1.00 9.27   ? 25   PHE B CE1 1 
ATOM   714  C CE2 . PHE B 1 25 ? -0.716  -11.638 -3.700  1.00 9.24   ? 25   PHE B CE2 1 
ATOM   715  C CZ  . PHE B 1 25 ? -0.515  -12.456 -4.766  1.00 8.62   ? 25   PHE B CZ  1 
ATOM   716  N N   . LYS B 1 26 ? 2.227   -9.258  -0.833  1.00 7.77   ? 26   LYS B N   1 
ATOM   717  C CA  . LYS B 1 26 ? 1.286   -9.523  0.232   1.00 7.50   ? 26   LYS B CA  1 
ATOM   718  C C   . LYS B 1 26 ? 0.065   -8.673  -0.056  1.00 7.61   ? 26   LYS B C   1 
ATOM   719  O O   . LYS B 1 26 ? 0.175   -7.509  -0.421  1.00 8.75   ? 26   LYS B O   1 
ATOM   720  C CB  . LYS B 1 26 ? 1.823   -9.159  1.621   1.00 8.75   ? 26   LYS B CB  1 
ATOM   721  C CG  . LYS B 1 26 ? 3.065   -9.930  2.041   1.00 11.16  ? 26   LYS B CG  1 
ATOM   722  C CD  . LYS B 1 26 ? 3.639   -9.348  3.341   1.00 13.02  ? 26   LYS B CD  1 
ATOM   723  C CE  . LYS B 1 26 ? 2.823   -9.750  4.521   1.00 15.82  ? 26   LYS B CE  1 
ATOM   724  N NZ  . LYS B 1 26 ? 3.485   -9.297  5.820   1.00 16.95  ? 26   LYS B NZ  1 
ATOM   725  N N   . ARG B 1 27 ? -1.116  -9.277  0.088   1.00 6.26   ? 27   ARG B N   1 
ATOM   726  C CA  . ARG B 1 27 ? -2.336  -8.567  -0.278  1.00 7.36   ? 27   ARG B CA  1 
ATOM   727  C C   . ARG B 1 27 ? -3.455  -8.880  0.689   1.00 7.45   ? 27   ARG B C   1 
ATOM   728  O O   . ARG B 1 27 ? -3.627  -10.028 1.092   1.00 8.48   ? 27   ARG B O   1 
ATOM   729  C CB  . ARG B 1 27 ? -2.734  -8.935  -1.697  1.00 7.86   ? 27   ARG B CB  1 
ATOM   730  C CG  . ARG B 1 27 ? -4.048  -8.296  -2.170  1.00 9.30   ? 27   ARG B CG  1 
ATOM   731  C CD  . ARG B 1 27 ? -4.481  -8.937  -3.474  1.00 10.91  ? 27   ARG B CD  1 
ATOM   732  N NE  . ARG B 1 27 ? -5.447  -8.109  -4.179  1.00 12.29  ? 27   ARG B NE  1 
ATOM   733  C CZ  . ARG B 1 27 ? -5.973  -8.432  -5.349  1.00 13.57  ? 27   ARG B CZ  1 
ATOM   734  N NH1 . ARG B 1 27 ? -6.822  -7.596  -5.934  1.00 13.19  ? 27   ARG B NH1 1 
ATOM   735  N NH2 . ARG B 1 27 ? -5.685  -9.620  -5.888  1.00 13.36  ? 27   ARG B NH2 1 
ATOM   736  N N   . TRP B 1 28 ? -4.203  -7.841  1.064   1.00 6.85   ? 28   TRP B N   1 
ATOM   737  C CA  . TRP B 1 28 ? -5.389  -7.991  1.868   1.00 7.56   ? 28   TRP B CA  1 
ATOM   738  C C   . TRP B 1 28 ? -6.547  -7.361  1.122   1.00 8.50   ? 28   TRP B C   1 
ATOM   739  O O   . TRP B 1 28 ? -6.454  -6.234  0.687   1.00 8.37   ? 28   TRP B O   1 
ATOM   740  C CB  . TRP B 1 28 ? -5.225  -7.271  3.230   1.00 7.69   ? 28   TRP B CB  1 
ATOM   741  C CG  . TRP B 1 28 ? -4.082  -7.799  4.083   1.00 8.22   ? 28   TRP B CG  1 
ATOM   742  C CD1 . TRP B 1 28 ? -4.175  -8.720  5.094   1.00 8.72   ? 28   TRP B CD1 1 
ATOM   743  C CD2 . TRP B 1 28 ? -2.694  -7.390  4.040   1.00 7.16   ? 28   TRP B CD2 1 
ATOM   744  N NE1 . TRP B 1 28 ? -2.939  -8.911  5.671   1.00 8.61   ? 28   TRP B NE1 1 
ATOM   745  C CE2 . TRP B 1 28 ? -2.013  -8.125  5.044   1.00 8.29   ? 28   TRP B CE2 1 
ATOM   746  C CE3 . TRP B 1 28 ? -1.961  -6.500  3.252   1.00 8.77   ? 28   TRP B CE3 1 
ATOM   747  C CZ2 . TRP B 1 28 ? -0.657  -7.988  5.259   1.00 9.52   ? 28   TRP B CZ2 1 
ATOM   748  C CZ3 . TRP B 1 28 ? -0.612  -6.359  3.494   1.00 8.05   ? 28   TRP B CZ3 1 
ATOM   749  C CH2 . TRP B 1 28 ? 0.025   -7.117  4.475   1.00 9.74   ? 28   TRP B CH2 1 
ATOM   750  N N   . GLN B 1 29 ? -7.652  -8.084  1.048   1.00 8.19   ? 29   GLN B N   1 
ATOM   751  C CA  . GLN B 1 29 ? -8.877  -7.595  0.415   1.00 8.40   ? 29   GLN B CA  1 
ATOM   752  C C   . GLN B 1 29 ? -10.001 -7.574  1.417   1.00 8.40   ? 29   GLN B C   1 
ATOM   753  O O   . GLN B 1 29 ? -10.276 -8.589  2.038   1.00 7.96   ? 29   GLN B O   1 
ATOM   754  C CB  . GLN B 1 29 ? -9.235  -8.482  -0.757  1.00 8.97   ? 29   GLN B CB  1 
ATOM   755  C CG  . GLN B 1 29 ? -8.234  -8.423  -1.862  1.00 9.36   ? 29   GLN B CG  1 
ATOM   756  C CD  . GLN B 1 29 ? -8.423  -9.528  -2.839  1.00 13.16  ? 29   GLN B CD  1 
ATOM   757  O OE1 . GLN B 1 29 ? -8.015  -10.660 -2.611  1.00 15.70  ? 29   GLN B OE1 1 
ATOM   758  N NE2 . GLN B 1 29 ? -9.080  -9.211  -3.941  1.00 13.25  ? 29   GLN B NE2 1 
ATOM   759  N N   . TYR B 1 30 ? -10.678 -6.434  1.522   1.00 8.49   ? 30   TYR B N   1 
ATOM   760  C CA  . TYR B 1 30 ? -11.698 -6.241  2.527   1.00 9.80   ? 30   TYR B CA  1 
ATOM   761  C C   . TYR B 1 30 ? -12.962 -6.958  2.153   1.00 10.78  ? 30   TYR B C   1 
ATOM   762  O O   . TYR B 1 30 ? -13.455 -6.776  1.037   1.00 11.71  ? 30   TYR B O   1 
ATOM   763  C CB  . TYR B 1 30 ? -12.003 -4.747  2.578   1.00 11.13  ? 30   TYR B CB  1 
ATOM   764  C CG  . TYR B 1 30 ? -13.050 -4.293  3.552   1.00 12.73  ? 30   TYR B CG  1 
ATOM   765  C CD1 . TYR B 1 30 ? -14.367 -4.179  3.151   1.00 10.85  ? 30   TYR B CD1 1 
ATOM   766  C CD2 . TYR B 1 30 ? -12.722 -3.917  4.858   1.00 13.81  ? 30   TYR B CD2 1 
ATOM   767  C CE1 . TYR B 1 30 ? -15.353 -3.729  4.014   1.00 13.58  ? 30   TYR B CE1 1 
ATOM   768  C CE2 . TYR B 1 30 ? -13.697 -3.481  5.735   1.00 15.95  ? 30   TYR B CE2 1 
ATOM   769  C CZ  . TYR B 1 30 ? -15.016 -3.377  5.300   1.00 15.40  ? 30   TYR B CZ  1 
ATOM   770  O OH  . TYR B 1 30 ? -16.015 -2.938  6.160   1.00 16.79  ? 30   TYR B OH  1 
ATOM   771  N N   . ILE B 1 31 ? -13.523 -7.725  3.086   1.00 10.14  ? 31   ILE B N   1 
ATOM   772  C CA  . ILE B 1 31 ? -14.832 -8.364  2.877   1.00 10.30  ? 31   ILE B CA  1 
ATOM   773  C C   . ILE B 1 31 ? -15.901 -7.633  3.686   1.00 11.21  ? 31   ILE B C   1 
ATOM   774  O O   . ILE B 1 31 ? -16.962 -7.273  3.182   1.00 12.56  ? 31   ILE B O   1 
ATOM   775  C CB  . ILE B 1 31 ? -14.784 -9.859  3.295   1.00 10.23  ? 31   ILE B CB  1 
ATOM   776  C CG1 . ILE B 1 31 ? -13.934 -10.636 2.280   1.00 10.36  ? 31   ILE B CG1 1 
ATOM   777  C CG2 . ILE B 1 31 ? -16.204 -10.452 3.371   1.00 11.72  ? 31   ILE B CG2 1 
ATOM   778  C CD1 . ILE B 1 31 ? -13.481 -11.943 2.733   1.00 11.48  ? 31   ILE B CD1 1 
ATOM   779  N N   . SER B 1 32 ? -15.613 -7.391  4.953   1.00 11.77  ? 32   SER B N   1 
ATOM   780  C CA  . SER B 1 32 ? -16.559 -6.759  5.871   1.00 13.59  ? 32   SER B CA  1 
ATOM   781  C C   . SER B 1 32 ? -15.722 -6.193  7.015   1.00 14.80  ? 32   SER B C   1 
ATOM   782  O O   . SER B 1 32 ? -14.479 -6.408  7.016   1.00 13.44  ? 32   SER B O   1 
ATOM   783  C CB  . SER B 1 32 ? -17.578 -7.797  6.326   1.00 13.27  ? 32   SER B CB  1 
ATOM   784  O OG  . SER B 1 32 ? -16.941 -8.815  7.063   1.00 16.56  ? 32   SER B OG  1 
ATOM   785  N N   . PRO B 1 33 ? -16.354 -5.433  7.940   1.00 15.54  ? 33   PRO B N   1 
ATOM   786  C CA  . PRO B 1 33 ? -15.600 -4.781  9.011   1.00 16.64  ? 33   PRO B CA  1 
ATOM   787  C C   . PRO B 1 33 ? -14.632 -5.683  9.769   1.00 17.47  ? 33   PRO B C   1 
ATOM   788  O O   . PRO B 1 33 ? -13.539 -5.228  10.128  1.00 18.24  ? 33   PRO B O   1 
ATOM   789  C CB  . PRO B 1 33 ? -16.700 -4.248  9.919   1.00 16.84  ? 33   PRO B CB  1 
ATOM   790  C CG  . PRO B 1 33 ? -17.807 -3.901  8.952   1.00 16.84  ? 33   PRO B CG  1 
ATOM   791  C CD  . PRO B 1 33 ? -17.797 -5.065  7.996   1.00 15.91  ? 33   PRO B CD  1 
ATOM   792  N N   . ARG B 1 34 ? -14.985 -6.953  9.938   1.00 17.87  ? 34   ARG B N   1 
ATOM   793  C CA  . ARG B 1 34 ? -14.138 -7.921  10.641  1.00 17.73  ? 34   ARG B CA  1 
ATOM   794  C C   . ARG B 1 34 ? -13.647 -9.128  9.809   1.00 17.03  ? 34   ARG B C   1 
ATOM   795  O O   . ARG B 1 34 ? -13.227 -10.167 10.350  1.00 17.45  ? 34   ARG B O   1 
ATOM   796  C CB  . ARG B 1 34 ? -14.890 -8.397  11.877  1.00 18.66  ? 34   ARG B CB  1 
ATOM   797  C CG  . ARG B 1 34 ? -15.022 -7.298  12.933  1.00 22.26  ? 34   ARG B CG  1 
ATOM   798  C CD  . ARG B 1 34 ? -15.783 -7.808  14.143  1.00 27.29  ? 34   ARG B CD  1 
ATOM   799  N NE  . ARG B 1 34 ? -15.868 -6.795  15.196  1.00 31.48  ? 34   ARG B NE  1 
ATOM   800  C CZ  . ARG B 1 34 ? -16.771 -5.815  15.249  1.00 33.57  ? 34   ARG B CZ  1 
ATOM   801  N NH1 . ARG B 1 34 ? -16.740 -4.954  16.264  1.00 34.35  ? 34   ARG B NH1 1 
ATOM   802  N NH2 . ARG B 1 34 ? -17.699 -5.681  14.305  1.00 33.62  ? 34   ARG B NH2 1 
ATOM   803  N N   . MET B 1 35 ? -13.701 -9.013  8.484   1.00 14.70  ? 35   MET B N   1 
ATOM   804  C CA  . MET B 1 35 ? -13.239 -10.089 7.611   1.00 14.47  ? 35   MET B CA  1 
ATOM   805  C C   . MET B 1 35 ? -12.463 -9.562  6.406   1.00 12.19  ? 35   MET B C   1 
ATOM   806  O O   . MET B 1 35 ? -12.828 -8.534  5.817   1.00 10.99  ? 35   MET B O   1 
ATOM   807  C CB  . MET B 1 35 ? -14.422 -10.917 7.111   1.00 14.16  ? 35   MET B CB  1 
ATOM   808  C CG  . MET B 1 35 ? -14.006 -12.223 6.459   1.00 17.56  ? 35   MET B CG  1 
ATOM   809  S SD  . MET B 1 35 ? -15.391 -13.304 6.022   1.00 21.19  ? 35   MET B SD  1 
ATOM   810  C CE  . MET B 1 35 ? -16.304 -13.177 7.537   1.00 21.10  ? 35   MET B CE  1 
ATOM   811  N N   . TYR B 1 36 ? -11.393 -10.271 6.053   1.00 12.15  ? 36   TYR B N   1 
ATOM   812  C CA  . TYR B 1 36 ? -10.559 -9.944  4.885   1.00 11.82  ? 36   TYR B CA  1 
ATOM   813  C C   . TYR B 1 36 ? -9.967  -11.254 4.313   1.00 12.13  ? 36   TYR B C   1 
ATOM   814  O O   . TYR B 1 36 ? -9.884  -12.269 5.035   1.00 12.59  ? 36   TYR B O   1 
ATOM   815  C CB  . TYR B 1 36 ? -9.409  -8.964  5.272   1.00 13.06  ? 36   TYR B CB  1 
ATOM   816  C CG  . TYR B 1 36 ? -8.539  -9.501  6.366   1.00 13.20  ? 36   TYR B CG  1 
ATOM   817  C CD1 . TYR B 1 36 ? -7.484  -10.362 6.069   1.00 11.98  ? 36   TYR B CD1 1 
ATOM   818  C CD2 . TYR B 1 36 ? -8.818  -9.231  7.706   1.00 15.21  ? 36   TYR B CD2 1 
ATOM   819  C CE1 . TYR B 1 36 ? -6.706  -10.922 7.068   1.00 13.68  ? 36   TYR B CE1 1 
ATOM   820  C CE2 . TYR B 1 36 ? -8.058  -9.789  8.700   1.00 15.04  ? 36   TYR B CE2 1 
ATOM   821  C CZ  . TYR B 1 36 ? -6.997  -10.624 8.377   1.00 15.18  ? 36   TYR B CZ  1 
ATOM   822  O OH  . TYR B 1 36 ? -6.233  -11.195 9.371   1.00 17.12  ? 36   TYR B OH  1 
ATOM   823  N N   . ASP B 1 37 ? -9.547  -11.219 3.048   1.00 11.58  ? 37   ASP B N   1 
ATOM   824  C CA  . ASP B 1 37 ? -8.772  -12.276 2.409   1.00 11.40  ? 37   ASP B CA  1 
ATOM   825  C C   . ASP B 1 37 ? -7.330  -11.814 2.409   1.00 10.53  ? 37   ASP B C   1 
ATOM   826  O O   . ASP B 1 37 ? -7.031  -10.784 1.805   1.00 11.28  ? 37   ASP B O   1 
ATOM   827  C CB  . ASP B 1 37 ? -9.122  -12.398 0.910   1.00 12.15  ? 37   ASP B CB  1 
ATOM   828  C CG  . ASP B 1 37 ? -10.410 -13.078 0.625   1.00 16.54  ? 37   ASP B CG  1 
ATOM   829  O OD1 . ASP B 1 37 ? -10.827 -13.968 1.396   1.00 17.81  ? 37   ASP B OD1 1 
ATOM   830  O OD2 . ASP B 1 37 ? -10.999 -12.657 -0.406  1.00 20.58  ? 37   ASP B OD2 1 
ATOM   831  N N   . PHE B 1 38 ? -6.449  -12.606 3.001   1.00 9.44   ? 38   PHE B N   1 
ATOM   832  C CA  . PHE B 1 38 ? -5.011  -12.401 2.927   1.00 9.05   ? 38   PHE B CA  1 
ATOM   833  C C   . PHE B 1 38 ? -4.400  -13.376 1.901   1.00 9.19   ? 38   PHE B C   1 
ATOM   834  O O   . PHE B 1 38 ? -4.612  -14.605 1.981   1.00 9.58   ? 38   PHE B O   1 
ATOM   835  C CB  . PHE B 1 38 ? -4.426  -12.641 4.320   1.00 9.20   ? 38   PHE B CB  1 
ATOM   836  C CG  . PHE B 1 38 ? -2.943  -12.569 4.396   1.00 9.10   ? 38   PHE B CG  1 
ATOM   837  C CD1 . PHE B 1 38 ? -2.238  -11.506 3.833   1.00 9.51   ? 38   PHE B CD1 1 
ATOM   838  C CD2 . PHE B 1 38 ? -2.238  -13.542 5.078   1.00 10.41  ? 38   PHE B CD2 1 
ATOM   839  C CE1 . PHE B 1 38 ? -0.878  -11.456 3.948   1.00 9.10   ? 38   PHE B CE1 1 
ATOM   840  C CE2 . PHE B 1 38 ? -0.875  -13.462 5.202   1.00 10.13  ? 38   PHE B CE2 1 
ATOM   841  C CZ  . PHE B 1 38 ? -0.215  -12.438 4.634   1.00 10.28  ? 38   PHE B CZ  1 
ATOM   842  N N   . THR B 1 39 ? -3.647  -12.854 0.934   1.00 7.76   ? 39   THR B N   1 
ATOM   843  C CA  . THR B 1 39 ? -2.977  -13.701 -0.037  1.00 8.36   ? 39   THR B CA  1 
ATOM   844  C C   . THR B 1 39 ? -1.539  -13.283 -0.223  1.00 6.77   ? 39   THR B C   1 
ATOM   845  O O   . THR B 1 39 ? -1.167  -12.143 0.041   1.00 7.25   ? 39   THR B O   1 
ATOM   846  C CB  . THR B 1 39 ? -3.686  -13.692 -1.398  1.00 9.60   ? 39   THR B CB  1 
ATOM   847  O OG1 . THR B 1 39 ? -3.837  -12.355 -1.877  1.00 8.80   ? 39   THR B OG1 1 
ATOM   848  C CG2 . THR B 1 39 ? -5.048  -14.335 -1.249  1.00 11.64  ? 39   THR B CG2 1 
ATOM   849  N N   . ARG B 1 40 ? -0.720  -14.238 -0.641  1.00 7.28   ? 40   ARG B N   1 
ATOM   850  C CA  . ARG B 1 40 ? 0.681   -14.011 -0.880  1.00 6.86   ? 40   ARG B CA  1 
ATOM   851  C C   . ARG B 1 40 ? 1.056   -14.739 -2.181  1.00 7.38   ? 40   ARG B C   1 
ATOM   852  O O   . ARG B 1 40 ? 0.536   -15.816 -2.419  1.00 6.84   ? 40   ARG B O   1 
ATOM   853  C CB  . ARG B 1 40 ? 1.514   -14.579 0.282   1.00 7.55   ? 40   ARG B CB  1 
ATOM   854  C CG  . ARG B 1 40 ? 1.508   -13.660 1.486   1.00 8.75   ? 40   ARG B CG  1 
ATOM   855  C CD  . ARG B 1 40 ? 2.262   -14.259 2.619   1.00 9.02   ? 40   ARG B CD  1 
ATOM   856  N NE  . ARG B 1 40 ? 1.524   -15.383 3.167   1.00 8.08   ? 40   ARG B NE  1 
ATOM   857  C CZ  . ARG B 1 40 ? 1.817   -15.965 4.317   1.00 10.43  ? 40   ARG B CZ  1 
ATOM   858  N NH1 . ARG B 1 40 ? 1.114   -16.989 4.734   1.00 10.74  ? 40   ARG B NH1 1 
ATOM   859  N NH2 . ARG B 1 40 ? 2.788   -15.470 5.081   1.00 11.68  ? 40   ARG B NH2 1 
ATOM   860  N N   . GLY B 1 41 ? 1.987   -14.204 -2.952  1.00 7.70   ? 41   GLY B N   1 
ATOM   861  C CA  . GLY B 1 41 ? 2.493   -14.926 -4.115  1.00 8.00   ? 41   GLY B CA  1 
ATOM   862  C C   . GLY B 1 41 ? 3.443   -14.107 -4.941  1.00 8.75   ? 41   GLY B C   1 
ATOM   863  O O   . GLY B 1 41 ? 4.054   -13.176 -4.429  1.00 8.14   ? 41   GLY B O   1 
ATOM   864  N N   . CYS B 1 42 ? 3.539   -14.451 -6.224  1.00 10.50  ? 42   CYS B N   1 
ATOM   865  C CA  . CYS B 1 42 ? 4.454   -13.827 -7.187  1.00 11.98  ? 42   CYS B CA  1 
ATOM   866  C C   . CYS B 1 42 ? 3.623   -12.882 -8.054  1.00 11.77  ? 42   CYS B C   1 
ATOM   867  O O   . CYS B 1 42 ? 2.423   -13.114 -8.250  1.00 12.08  ? 42   CYS B O   1 
ATOM   868  C CB  . CYS B 1 42 ? 5.105   -14.889 -8.109  1.00 13.09  ? 42   CYS B CB  1 
ATOM   869  S SG  . CYS B 1 42 ? 6.156   -16.117 -7.293  1.00 16.42  ? 42   CYS B SG  1 
ATOM   870  N N   . ALA B 1 43 ? 4.256   -11.848 -8.603  1.00 11.08  ? 43   ALA B N   1 
ATOM   871  C CA  . ALA B 1 43 ? 3.592   -10.892 -9.491  1.00 12.47  ? 43   ALA B CA  1 
ATOM   872  C C   . ALA B 1 43 ? 4.581   -10.209 -10.398 1.00 12.83  ? 43   ALA B C   1 
ATOM   873  O O   . ALA B 1 43 ? 5.754   -10.090 -10.056 1.00 13.01  ? 43   ALA B O   1 
ATOM   874  C CB  . ALA B 1 43 ? 2.878   -9.833  -8.699  1.00 12.61  ? 43   ALA B CB  1 
ATOM   875  N N   . ALA B 1 44 ? 4.079   -9.719  -11.528 1.00 14.60  ? 44   ALA B N   1 
ATOM   876  C CA  . ALA B 1 44 ? 4.874   -8.935  -12.467 1.00 16.20  ? 44   ALA B CA  1 
ATOM   877  C C   . ALA B 1 44 ? 4.918   -7.460  -12.114 1.00 17.39  ? 44   ALA B C   1 
ATOM   878  O O   . ALA B 1 44 ? 5.930   -6.794  -12.356 1.00 17.76  ? 44   ALA B O   1 
ATOM   879  C CB  . ALA B 1 44 ? 4.308   -9.093  -13.843 1.00 16.34  ? 44   ALA B CB  1 
ATOM   880  N N   . THR B 1 45 ? 3.805   -6.949  -11.593 1.00 18.49  ? 45   THR B N   1 
ATOM   881  C CA  . THR B 1 45 ? 3.656   -5.527  -11.259 1.00 21.20  ? 45   THR B CA  1 
ATOM   882  C C   . THR B 1 45 ? 2.925   -5.337  -9.926  1.00 21.37  ? 45   THR B C   1 
ATOM   883  O O   . THR B 1 45 ? 2.150   -6.185  -9.526  1.00 22.98  ? 45   THR B O   1 
ATOM   884  C CB  . THR B 1 45 ? 2.891   -4.785  -12.372 1.00 21.76  ? 45   THR B CB  1 
ATOM   885  O OG1 . THR B 1 45 ? 2.811   -3.383  -12.063 1.00 27.04  ? 45   THR B OG1 1 
ATOM   886  C CG2 . THR B 1 45 ? 1.479   -5.366  -12.538 1.00 22.11  ? 45   THR B CG2 1 
ATOM   887  N N   . CYS B 1 46 ? 3.196   -4.221  -9.257  1.00 22.47  ? 46   CYS B N   1 
ATOM   888  C CA  . CYS B 1 46 ? 2.577   -3.886  -7.969  1.00 22.45  ? 46   CYS B CA  1 
ATOM   889  C C   . CYS B 1 46 ? 1.612   -2.695  -8.092  1.00 21.27  ? 46   CYS B C   1 
ATOM   890  O O   . CYS B 1 46 ? 2.070   -1.567  -8.189  1.00 21.79  ? 46   CYS B O   1 
ATOM   891  C CB  . CYS B 1 46 ? 3.662   -3.543  -6.944  1.00 22.85  ? 46   CYS B CB  1 
ATOM   892  S SG  . CYS B 1 46 ? 3.218   -3.800  -5.185  1.00 27.20  ? 46   CYS B SG  1 
ATOM   893  N N   . PRO B 1 47 ? 0.289   -2.947  -8.041  1.00 19.77  ? 47   PRO B N   1 
ATOM   894  C CA  . PRO B 1 47 ? -0.658  -1.825  -8.024  1.00 19.31  ? 47   PRO B CA  1 
ATOM   895  C C   . PRO B 1 47 ? -0.533  -0.985  -6.757  1.00 17.83  ? 47   PRO B C   1 
ATOM   896  O O   . PRO B 1 47 ? -0.061  -1.478  -5.745  1.00 16.80  ? 47   PRO B O   1 
ATOM   897  C CB  . PRO B 1 47 ? -2.026  -2.527  -8.037  1.00 19.68  ? 47   PRO B CB  1 
ATOM   898  C CG  . PRO B 1 47 ? -1.740  -3.899  -8.545  1.00 20.91  ? 47   PRO B CG  1 
ATOM   899  C CD  . PRO B 1 47 ? -0.420  -4.238  -8.001  1.00 20.23  ? 47   PRO B CD  1 
ATOM   900  N N   . LYS B 1 48 ? -1.002  0.253   -6.806  1.00 16.23  ? 48   LYS B N   1 
ATOM   901  C CA  . LYS B 1 48 ? -1.007  1.104   -5.615  1.00 16.20  ? 48   LYS B CA  1 
ATOM   902  C C   . LYS B 1 48 ? -2.008  0.531   -4.600  1.00 13.56  ? 48   LYS B C   1 
ATOM   903  O O   . LYS B 1 48 ? -3.068  0.004   -4.949  1.00 13.35  ? 48   LYS B O   1 
ATOM   904  C CB  . LYS B 1 48 ? -1.341  2.565   -5.976  1.00 17.33  ? 48   LYS B CB  1 
ATOM   905  C CG  . LYS B 1 48 ? -0.474  3.165   -7.102  1.00 21.52  ? 48   LYS B CG  1 
ATOM   906  C CD  . LYS B 1 48 ? 0.785   3.868   -6.603  1.00 26.01  ? 48   LYS B CD  1 
ATOM   907  C CE  . LYS B 1 48 ? 2.015   2.992   -6.601  1.00 28.17  ? 48   LYS B CE  1 
ATOM   908  N NZ  . LYS B 1 48 ? 3.224   3.793   -6.290  1.00 30.10  ? 48   LYS B NZ  1 
ATOM   909  N N   . ALA B 1 49 ? -1.624  0.579   -3.335  1.00 11.37  ? 49   ALA B N   1 
ATOM   910  C CA  . ALA B 1 49 ? -2.488  0.133   -2.273  1.00 10.52  ? 49   ALA B CA  1 
ATOM   911  C C   . ALA B 1 49 ? -3.675  1.068   -2.097  1.00 10.68  ? 49   ALA B C   1 
ATOM   912  O O   . ALA B 1 49 ? -3.550  2.299   -2.210  1.00 11.24  ? 49   ALA B O   1 
ATOM   913  C CB  . ALA B 1 49 ? -1.712  0.038   -0.998  1.00 10.48  ? 49   ALA B CB  1 
ATOM   914  N N   . GLU B 1 50 ? -4.822  0.474   -1.811  1.00 8.85   ? 50   GLU B N   1 
ATOM   915  C CA  . GLU B 1 50 ? -6.029  1.224   -1.430  1.00 9.06   ? 50   GLU B CA  1 
ATOM   916  C C   . GLU B 1 50 ? -6.584  0.624   -0.146  1.00 8.22   ? 50   GLU B C   1 
ATOM   917  O O   . GLU B 1 50 ? -6.207  -0.476  0.225   1.00 7.52   ? 50   GLU B O   1 
ATOM   918  C CB  . GLU B 1 50 ? -7.088  1.114   -2.523  1.00 10.41  ? 50   GLU B CB  1 
ATOM   919  C CG  . GLU B 1 50 ? -6.695  1.724   -3.846  1.00 12.51  ? 50   GLU B CG  1 
ATOM   920  C CD  . GLU B 1 50 ? -6.677  3.255   -3.867  1.00 17.64  ? 50   GLU B CD  1 
ATOM   921  O OE1 . GLU B 1 50 ? -7.187  3.925   -2.944  1.00 17.90  ? 50   GLU B OE1 1 
ATOM   922  O OE2 . GLU B 1 50 ? -6.162  3.811   -4.859  1.00 20.97  ? 50   GLU B OE2 1 
HETATM 923  N N   . TYI B 1 51 ? -7.495  1.328   0.514   1.00 7.61   ? 51   TYI B N   1 
HETATM 924  C CA  . TYI B 1 51 ? -7.905  0.905   1.831   1.00 7.76   ? 51   TYI B CA  1 
HETATM 925  C CB  . TYI B 1 51 ? -8.936  1.897   2.438   1.00 10.59  ? 51   TYI B CB  1 
HETATM 926  C CG  . TYI B 1 51 ? -9.250  1.594   3.871   1.00 13.97  ? 51   TYI B CG  1 
HETATM 927  C CD1 . TYI B 1 51 ? -8.183  1.762   4.753   1.00 13.67  ? 51   TYI B CD1 1 
HETATM 928  C CE1 . TYI B 1 51 ? -8.372  1.477   6.114   1.00 14.25  ? 51   TYI B CE1 1 
HETATM 929  C CD2 . TYI B 1 51 ? -10.523 1.169   4.259   1.00 13.86  ? 51   TYI B CD2 1 
HETATM 930  C CE2 . TYI B 1 51 ? -10.773 0.886   5.613   1.00 13.67  ? 51   TYI B CE2 1 
HETATM 931  C CZ  . TYI B 1 51 ? -9.695  1.043   6.589   1.00 16.47  ? 51   TYI B CZ  1 
HETATM 932  O OH  . TYI B 1 51 ? -9.861  0.788   7.921   1.00 18.38  ? 51   TYI B OH  1 
HETATM 933  C C   . TYI B 1 51 ? -8.524  -0.466  1.807   1.00 8.24   ? 51   TYI B C   1 
HETATM 934  O O   . TYI B 1 51 ? -8.271  -1.263  2.717   1.00 7.67   ? 51   TYI B O   1 
HETATM 935  I I1  . TYI B 1 51 ? -6.937  1.605   7.654   1.00 15.19  ? 51   TYI B I1  1 
HETATM 936  I I2  . TYI B 1 51 ? -12.638 0.183   6.173   0.50 22.74  ? 51   TYI B I2  1 
ATOM   937  N N   . ARG B 1 52 ? -9.302  -0.781  0.786   1.00 8.65   ? 52   ARG B N   1 
ATOM   938  C CA  . ARG B 1 52 ? -9.961  -2.091  0.727   1.00 7.55   ? 52   ARG B CA  1 
ATOM   939  C C   . ARG B 1 52 ? -9.184  -3.151  -0.062  1.00 7.69   ? 52   ARG B C   1 
ATOM   940  O O   . ARG B 1 52 ? -9.635  -4.291  -0.210  1.00 7.97   ? 52   ARG B O   1 
ATOM   941  C CB  . ARG B 1 52 ? -11.381 -1.949  0.168   1.00 8.90   ? 52   ARG B CB  1 
ATOM   942  C CG  . ARG B 1 52 ? -12.326 -1.385  1.230   1.00 10.41  ? 52   ARG B CG  1 
ATOM   943  C CD  . ARG B 1 52 ? -13.801 -1.260  0.730   1.00 13.33  ? 52   ARG B CD  1 
ATOM   944  N NE  . ARG B 1 52 ? -13.903 -0.448  -0.482  1.00 11.74  ? 52   ARG B NE  1 
ATOM   945  C CZ  . ARG B 1 52 ? -14.009 -0.921  -1.718  1.00 15.25  ? 52   ARG B CZ  1 
ATOM   946  N NH1 . ARG B 1 52 ? -14.073 -0.089  -2.733  1.00 15.90  ? 52   ARG B NH1 1 
ATOM   947  N NH2 . ARG B 1 52 ? -14.056 -2.220  -1.959  1.00 16.00  ? 52   ARG B NH2 1 
ATOM   948  N N   . ASP B 1 53 ? -8.067  -2.740  -0.631  1.00 8.67   ? 53   ASP B N   1 
ATOM   949  C CA  . ASP B 1 53 ? -7.213  -3.614  -1.429  1.00 8.94   ? 53   ASP B CA  1 
ATOM   950  C C   . ASP B 1 53 ? -5.742  -3.223  -1.182  1.00 8.39   ? 53   ASP B C   1 
ATOM   951  O O   . ASP B 1 53 ? -5.128  -2.471  -1.932  1.00 8.28   ? 53   ASP B O   1 
ATOM   952  C CB  . ASP B 1 53 ? -7.605  -3.567  -2.905  1.00 9.34   ? 53   ASP B CB  1 
ATOM   953  C CG  . ASP B 1 53 ? -6.958  -4.661  -3.712  1.00 12.72  ? 53   ASP B CG  1 
ATOM   954  O OD1 . ASP B 1 53 ? -6.150  -5.449  -3.168  1.00 15.49  ? 53   ASP B OD1 1 
ATOM   955  O OD2 . ASP B 1 53 ? -7.273  -4.762  -4.925  1.00 15.60  ? 53   ASP B OD2 1 
ATOM   956  N N   . VAL B 1 54 ? -5.218  -3.756  -0.066  1.00 8.77   ? 54   VAL B N   1 
ATOM   957  C CA  . VAL B 1 54 ? -3.935  -3.321  0.417   1.00 8.28   ? 54   VAL B CA  1 
ATOM   958  C C   . VAL B 1 54 ? -2.899  -4.259  -0.139  1.00 8.27   ? 54   VAL B C   1 
ATOM   959  O O   . VAL B 1 54 ? -3.058  -5.480  -0.033  1.00 9.19   ? 54   VAL B O   1 
ATOM   960  C CB  . VAL B 1 54 ? -3.903  -3.382  1.955   1.00 8.27   ? 54   VAL B CB  1 
ATOM   961  C CG1 . VAL B 1 54 ? -2.566  -2.822  2.492   1.00 7.78   ? 54   VAL B CG1 1 
ATOM   962  C CG2 . VAL B 1 54 ? -5.076  -2.664  2.535   1.00 9.33   ? 54   VAL B CG2 1 
ATOM   963  N N   . ILE B 1 55 ? -1.871  -3.705  -0.754  1.00 9.82   ? 55   ILE B N   1 
ATOM   964  C CA  . ILE B 1 55 ? -0.860  -4.513  -1.392  1.00 11.70  ? 55   ILE B CA  1 
ATOM   965  C C   . ILE B 1 55 ? 0.524   -3.969  -1.091  1.00 10.83  ? 55   ILE B C   1 
ATOM   966  O O   . ILE B 1 55 ? 0.717   -2.768  -1.061  1.00 11.47  ? 55   ILE B O   1 
ATOM   967  C CB  . ILE B 1 55 ? -1.122  -4.579  -2.907  1.00 13.80  ? 55   ILE B CB  1 
ATOM   968  C CG1 . ILE B 1 55 ? -0.096  -5.452  -3.613  1.00 17.94  ? 55   ILE B CG1 1 
ATOM   969  C CG2 . ILE B 1 55 ? -1.169  -3.230  -3.505  1.00 16.98  ? 55   ILE B CG2 1 
ATOM   970  C CD1 . ILE B 1 55 ? -0.683  -6.042  -4.891  1.00 22.13  ? 55   ILE B CD1 1 
ATOM   971  N N   . ASN B 1 56 ? 1.470   -4.859  -0.825  1.00 10.29  ? 56   ASN B N   1 
ATOM   972  C CA  . ASN B 1 56 ? 2.876   -4.470  -0.768  1.00 10.89  ? 56   ASN B CA  1 
ATOM   973  C C   . ASN B 1 56 ? 3.708   -5.527  -1.485  1.00 11.23  ? 56   ASN B C   1 
ATOM   974  O O   . ASN B 1 56 ? 3.286   -6.679  -1.594  1.00 11.07  ? 56   ASN B O   1 
ATOM   975  C CB  . ASN B 1 56 ? 3.371   -4.135  0.660   1.00 11.72  ? 56   ASN B CB  1 
ATOM   976  C CG  . ASN B 1 56 ? 3.482   -5.327  1.575   1.00 13.23  ? 56   ASN B CG  1 
ATOM   977  O OD1 . ASN B 1 56 ? 4.036   -6.365  1.208   1.00 17.75  ? 56   ASN B OD1 1 
ATOM   978  N ND2 . ASN B 1 56 ? 3.049   -5.159  2.814   1.00 13.50  ? 56   ASN B ND2 1 
ATOM   979  N N   . CYS B 1 57 ? 4.851   -5.110  -2.023  1.00 12.55  ? 57   CYS B N   1 
ATOM   980  C CA  . CYS B 1 57 ? 5.656   -5.965  -2.860  1.00 14.06  ? 57   CYS B CA  1 
ATOM   981  C C   . CYS B 1 57 ? 7.115   -5.753  -2.529  1.00 14.01  ? 57   CYS B C   1 
ATOM   982  O O   . CYS B 1 57 ? 7.507   -4.707  -1.997  1.00 14.49  ? 57   CYS B O   1 
ATOM   983  C CB  . CYS B 1 57 ? 5.420   -5.676  -4.339  1.00 14.26  ? 57   CYS B CB  1 
ATOM   984  S SG  . CYS B 1 57 ? 3.674   -5.796  -4.879  1.00 21.88  ? 57   CYS B SG  1 
ATOM   985  N N   . CYS B 1 58 ? 7.893   -6.789  -2.797  1.00 12.72  ? 58   CYS B N   1 
ATOM   986  C CA  . CYS B 1 58 ? 9.335   -6.743  -2.574  1.00 14.12  ? 58   CYS B CA  1 
ATOM   987  C C   . CYS B 1 58 ? 9.967   -7.688  -3.603  1.00 14.43  ? 58   CYS B C   1 
ATOM   988  O O   . CYS B 1 58 ? 9.259   -8.466  -4.262  1.00 13.55  ? 58   CYS B O   1 
ATOM   989  C CB  . CYS B 1 58 ? 9.650   -7.136  -1.132  1.00 14.61  ? 58   CYS B CB  1 
ATOM   990  S SG  . CYS B 1 58 ? 8.831   -8.669  -0.634  1.00 17.74  ? 58   CYS B SG  1 
ATOM   991  N N   . GLY B 1 59 ? 11.292  -7.628  -3.750  1.00 14.92  ? 59   GLY B N   1 
ATOM   992  C CA  . GLY B 1 59 ? 11.967  -8.339  -4.827  1.00 15.82  ? 59   GLY B CA  1 
ATOM   993  C C   . GLY B 1 59 ? 13.030  -9.336  -4.398  1.00 15.95  ? 59   GLY B C   1 
ATOM   994  O O   . GLY B 1 59 ? 13.848  -9.742  -5.219  1.00 17.71  ? 59   GLY B O   1 
ATOM   995  N N   . THR B 1 60 ? 13.025  -9.762  -3.143  1.00 16.81  ? 60   THR B N   1 
ATOM   996  C CA  . THR B 1 60 ? 14.007  -10.777 -2.722  1.00 17.52  ? 60   THR B CA  1 
ATOM   997  C C   . THR B 1 60 ? 13.347  -12.023 -2.179  1.00 17.45  ? 60   THR B C   1 
ATOM   998  O O   . THR B 1 60 ? 12.178  -12.009 -1.840  1.00 16.85  ? 60   THR B O   1 
ATOM   999  C CB  . THR B 1 60 ? 14.982  -10.227 -1.680  1.00 17.37  ? 60   THR B CB  1 
ATOM   1000 O OG1 . THR B 1 60 ? 14.284  -9.858  -0.493  1.00 18.86  ? 60   THR B OG1 1 
ATOM   1001 C CG2 . THR B 1 60 ? 15.729  -9.019  -2.229  1.00 18.41  ? 60   THR B CG2 1 
ATOM   1002 N N   . ASP B 1 61 ? 14.125  -13.099 -2.090  1.00 17.52  ? 61   ASP B N   1 
ATOM   1003 C CA  . ASP B 1 61 ? 13.634  -14.427 -1.752  1.00 17.57  ? 61   ASP B CA  1 
ATOM   1004 C C   . ASP B 1 61 ? 12.739  -14.443 -0.530  1.00 16.52  ? 61   ASP B C   1 
ATOM   1005 O O   . ASP B 1 61 ? 13.159  -14.053 0.573   1.00 17.85  ? 61   ASP B O   1 
ATOM   1006 C CB  . ASP B 1 61 ? 14.809  -15.389 -1.506  1.00 18.54  ? 61   ASP B CB  1 
ATOM   1007 C CG  . ASP B 1 61 ? 14.368  -16.843 -1.476  1.00 22.52  ? 61   ASP B CG  1 
ATOM   1008 O OD1 . ASP B 1 61 ? 13.878  -17.322 -0.428  1.00 26.37  ? 61   ASP B OD1 1 
ATOM   1009 O OD2 . ASP B 1 61 ? 14.518  -17.522 -2.507  1.00 28.82  ? 61   ASP B OD2 1 
ATOM   1010 N N   . LYS B 1 62 ? 11.497  -14.891 -0.748  1.00 15.04  ? 62   LYS B N   1 
ATOM   1011 C CA  . LYS B 1 62 ? 10.513  -15.016 0.327   1.00 14.82  ? 62   LYS B CA  1 
ATOM   1012 C C   . LYS B 1 62 ? 10.441  -13.769 1.242   1.00 14.76  ? 62   LYS B C   1 
ATOM   1013 O O   . LYS B 1 62 ? 10.195  -13.871 2.445   1.00 15.44  ? 62   LYS B O   1 
ATOM   1014 C CB  . LYS B 1 62 ? 10.774  -16.285 1.152   1.00 14.89  ? 62   LYS B CB  1 
ATOM   1015 C CG  . LYS B 1 62 ? 10.585  -17.582 0.382   1.00 16.41  ? 62   LYS B CG  1 
ATOM   1016 C CD  . LYS B 1 62 ? 10.524  -18.802 1.321   1.00 17.34  ? 62   LYS B CD  1 
ATOM   1017 C CE  . LYS B 1 62 ? 11.863  -19.068 2.005   1.00 20.01  ? 62   LYS B CE  1 
ATOM   1018 N NZ  . LYS B 1 62 ? 12.909  -19.474 1.016   1.00 21.64  ? 62   LYS B NZ  1 
ATOM   1019 N N   . CYS B 1 63 ? 10.592  -12.594 0.634   1.00 13.58  ? 63   CYS B N   1 
ATOM   1020 C CA  . CYS B 1 63 ? 10.559  -11.337 1.358   1.00 14.14  ? 63   CYS B CA  1 
ATOM   1021 C C   . CYS B 1 63 ? 9.135   -10.964 1.791   1.00 14.46  ? 63   CYS B C   1 
ATOM   1022 O O   . CYS B 1 63 ? 8.930   -10.028 2.586   1.00 14.70  ? 63   CYS B O   1 
ATOM   1023 C CB  . CYS B 1 63 ? 11.105  -10.232 0.472   1.00 14.04  ? 63   CYS B CB  1 
ATOM   1024 S SG  . CYS B 1 63 ? 10.211  -10.053 -1.075  1.00 15.68  ? 63   CYS B SG  1 
ATOM   1025 N N   . ASN B 1 64 ? 8.159   -11.718 1.266   1.00 13.76  ? 64   ASN B N   1 
ATOM   1026 C CA  . ASN B 1 64 ? 6.748   -11.425 1.513   1.00 13.61  ? 64   ASN B CA  1 
ATOM   1027 C C   . ASN B 1 64 ? 6.104   -12.326 2.563   1.00 15.50  ? 64   ASN B C   1 
ATOM   1028 O O   . ASN B 1 64 ? 4.908   -12.563 2.505   1.00 16.66  ? 64   ASN B O   1 
ATOM   1029 C CB  . ASN B 1 64 ? 5.975   -11.548 0.198   1.00 12.34  ? 64   ASN B CB  1 
ATOM   1030 C CG  . ASN B 1 64 ? 5.943   -12.971 -0.330  1.00 11.88  ? 64   ASN B CG  1 
ATOM   1031 O OD1 . ASN B 1 64 ? 6.920   -13.716 -0.187  1.00 9.87   ? 64   ASN B OD1 1 
ATOM   1032 N ND2 . ASN B 1 64 ? 4.820   -13.361 -0.957  1.00 8.53   ? 64   ASN B ND2 1 
ATOM   1033 N N   . LYS B 1 65 ? 6.852   -12.851 3.520   1.00 16.02  ? 65   LYS B N   1 
ATOM   1034 C CA  . LYS B 1 65 ? 6.163   -13.526 4.614   1.00 17.92  ? 65   LYS B CA  1 
ATOM   1035 C C   . LYS B 1 65 ? 5.156   -12.597 5.308   1.00 18.51  ? 65   LYS B C   1 
ATOM   1036 O O   . LYS B 1 65 ? 3.988   -12.983 5.484   1.00 17.96  ? 65   LYS B O   1 
ATOM   1037 C CB  . LYS B 1 65 ? 7.139   -14.110 5.630   1.00 18.50  ? 65   LYS B CB  1 
ATOM   1038 C CG  . LYS B 1 65 ? 6.442   -15.004 6.671   1.00 21.29  ? 65   LYS B CG  1 
ATOM   1039 C CD  . LYS B 1 65 ? 7.446   -15.864 7.453   1.00 24.53  ? 65   LYS B CD  1 
ATOM   1040 C CE  . LYS B 1 65 ? 7.934   -15.225 8.709   1.00 26.00  ? 65   LYS B CE  1 
ATOM   1041 N NZ  . LYS B 1 65 ? 6.808   -14.850 9.593   1.00 27.14  ? 65   LYS B NZ  1 
ATOM   1042 O OXT . LYS B 1 65 ? 5.484   -11.447 5.704   1.00 19.10  ? 65   LYS B OXT 1 
HETATM 1043 C C   . ACT C 2 .  ? -8.231  -1.851  6.082   1.00 13.01  ? 1067 ACT A C   1 
HETATM 1044 O O   . ACT C 2 .  ? -7.262  -1.635  5.348   1.00 13.31  ? 1067 ACT A O   1 
HETATM 1045 O OXT . ACT C 2 .  ? -8.052  -1.927  7.341   1.00 16.70  ? 1067 ACT A OXT 1 
HETATM 1046 C CH3 . ACT C 2 .  ? -9.610  -2.048  5.560   1.00 12.49  ? 1067 ACT A CH3 1 
HETATM 1047 S S   . SO4 D 3 .  ? 1.083   -0.813  15.697  1.00 114.70 ? 1068 SO4 A S   1 
HETATM 1048 O O1  . SO4 D 3 .  ? 2.105   -1.062  16.697  1.00 114.97 ? 1068 SO4 A O1  1 
HETATM 1049 O O2  . SO4 D 3 .  ? 1.455   0.358   14.917  1.00 115.20 ? 1068 SO4 A O2  1 
HETATM 1050 O O3  . SO4 D 3 .  ? -0.197  -0.567  16.348  1.00 114.78 ? 1068 SO4 A O3  1 
HETATM 1051 O O4  . SO4 D 3 .  ? 1.028   -1.970  14.818  1.00 114.92 ? 1068 SO4 A O4  1 
HETATM 1052 S S   . SO4 E 3 .  ? -7.028  -16.799 -5.020  1.00 22.29  ? 1067 SO4 B S   1 
HETATM 1053 O O1  . SO4 E 3 .  ? -7.090  -16.931 -3.532  1.00 18.14  ? 1067 SO4 B O1  1 
HETATM 1054 O O2  . SO4 E 3 .  ? -7.497  -18.064 -5.603  1.00 21.74  ? 1067 SO4 B O2  1 
HETATM 1055 O O3  . SO4 E 3 .  ? -5.662  -16.624 -5.508  1.00 22.33  ? 1067 SO4 B O3  1 
HETATM 1056 O O4  . SO4 E 3 .  ? -7.934  -15.715 -5.414  1.00 24.34  ? 1067 SO4 B O4  1 
HETATM 1057 O O   . HOH F 4 .  ? 0.122   -1.832  10.476  1.00 21.58  ? 2001 HOH A O   1 
HETATM 1058 O O   . HOH F 4 .  ? 0.492   23.814  -8.534  1.00 51.66  ? 2002 HOH A O   1 
HETATM 1059 O O   . HOH F 4 .  ? -4.775  12.377  11.791  1.00 26.06  ? 2003 HOH A O   1 
HETATM 1060 O O   . HOH F 4 .  ? 0.479   20.481  8.668   1.00 19.98  ? 2004 HOH A O   1 
HETATM 1061 O O   . HOH F 4 .  ? -9.216  19.268  9.843   1.00 29.30  ? 2005 HOH A O   1 
HETATM 1062 O O   . HOH F 4 .  ? -9.115  15.873  7.533   1.00 21.98  ? 2006 HOH A O   1 
HETATM 1063 O O   . HOH F 4 .  ? -3.616  14.579  11.362  1.00 18.70  ? 2007 HOH A O   1 
HETATM 1064 O O   . HOH F 4 .  ? -6.792  13.219  11.489  1.00 35.62  ? 2008 HOH A O   1 
HETATM 1065 O O   . HOH F 4 .  ? -7.625  23.534  12.287  1.00 10.54  ? 2009 HOH A O   1 
HETATM 1066 O O   . HOH F 4 .  ? 1.041   22.913  8.680   1.00 36.85  ? 2010 HOH A O   1 
HETATM 1067 O O   . HOH F 4 .  ? -7.857  24.522  3.100   1.00 39.04  ? 2011 HOH A O   1 
HETATM 1068 O O   . HOH F 4 .  ? -10.343 -7.428  10.621  1.00 27.98  ? 2012 HOH A O   1 
HETATM 1069 O O   . HOH F 4 .  ? -8.801  -2.736  17.861  1.00 36.93  ? 2013 HOH A O   1 
HETATM 1070 O O   . HOH F 4 .  ? -7.570  25.457  -0.720  1.00 22.58  ? 2014 HOH A O   1 
HETATM 1071 O O   . HOH F 4 .  ? -16.735 0.249   15.838  1.00 23.51  ? 2015 HOH A O   1 
HETATM 1072 O O   . HOH F 4 .  ? -0.261  25.118  -2.764  1.00 31.07  ? 2016 HOH A O   1 
HETATM 1073 O O   . HOH F 4 .  ? -5.214  25.122  -3.154  1.00 23.08  ? 2017 HOH A O   1 
HETATM 1074 O O   . HOH F 4 .  ? 2.480   17.355  4.389   1.00 22.53  ? 2018 HOH A O   1 
HETATM 1075 O O   . HOH F 4 .  ? -0.498  13.924  8.099   1.00 21.67  ? 2019 HOH A O   1 
HETATM 1076 O O   . HOH F 4 .  ? 4.833   23.428  2.791   1.00 33.78  ? 2020 HOH A O   1 
HETATM 1077 O O   . HOH F 4 .  ? 11.019  24.373  2.249   1.00 37.94  ? 2021 HOH A O   1 
HETATM 1078 O O   . HOH F 4 .  ? 9.323   19.300  -3.477  1.00 27.70  ? 2022 HOH A O   1 
HETATM 1079 O O   . HOH F 4 .  ? 5.276   17.880  4.805   1.00 28.91  ? 2023 HOH A O   1 
HETATM 1080 O O   . HOH F 4 .  ? 11.503  15.349  4.824   1.00 45.04  ? 2024 HOH A O   1 
HETATM 1081 O O   . HOH F 4 .  ? -0.650  7.321   -8.577  1.00 44.03  ? 2025 HOH A O   1 
HETATM 1082 O O   . HOH F 4 .  ? 13.261  13.351  -3.806  1.00 33.50  ? 2026 HOH A O   1 
HETATM 1083 O O   . HOH F 4 .  ? -8.851  6.640   -2.742  1.00 22.51  ? 2027 HOH A O   1 
HETATM 1084 O O   . HOH F 4 .  ? -1.296  11.204  10.806  1.00 29.99  ? 2028 HOH A O   1 
HETATM 1085 O O   . HOH F 4 .  ? -10.435 -3.807  15.984  1.00 28.09  ? 2029 HOH A O   1 
HETATM 1086 O O   . HOH F 4 .  ? -10.648 -5.432  12.024  1.00 35.75  ? 2030 HOH A O   1 
HETATM 1087 O O   . HOH F 4 .  ? -7.283  -0.268  16.780  1.00 18.80  ? 2031 HOH A O   1 
HETATM 1088 O O   . HOH F 4 .  ? -16.073 1.304   14.918  1.00 34.05  ? 2032 HOH A O   1 
HETATM 1089 O O   . HOH F 4 .  ? -15.551 -0.889  7.908   1.00 22.61  ? 2033 HOH A O   1 
HETATM 1090 O O   . HOH F 4 .  ? -13.905 6.685   9.645   1.00 22.51  ? 2034 HOH A O   1 
HETATM 1091 O O   . HOH F 4 .  ? -12.624 8.901   8.301   1.00 25.34  ? 2035 HOH A O   1 
HETATM 1092 O O   . HOH F 4 .  ? -3.925  10.044  12.566  1.00 25.83  ? 2036 HOH A O   1 
HETATM 1093 O O   . HOH F 4 .  ? -9.369  11.361  11.130  1.00 34.03  ? 2037 HOH A O   1 
HETATM 1094 O O   . HOH F 4 .  ? -7.431  13.166  9.232   1.00 25.32  ? 2038 HOH A O   1 
HETATM 1095 O O   . HOH F 4 .  ? -10.291 10.835  8.357   1.00 19.41  ? 2039 HOH A O   1 
HETATM 1096 O O   . HOH F 4 .  ? -3.881  8.741   8.081   1.00 11.87  ? 2040 HOH A O   1 
HETATM 1097 O O   . HOH F 4 .  ? -0.439  11.051  8.221   1.00 14.82  ? 2041 HOH A O   1 
HETATM 1098 O O   . HOH F 4 .  ? -1.088  15.667  6.177   1.00 13.80  ? 2042 HOH A O   1 
HETATM 1099 O O   . HOH F 4 .  ? 5.390   13.480  5.557   1.00 31.32  ? 2043 HOH A O   1 
HETATM 1100 O O   . HOH F 4 .  ? 10.929  12.539  -2.328  1.00 26.04  ? 2044 HOH A O   1 
HETATM 1101 O O   . HOH F 4 .  ? 8.864   13.213  4.843   1.00 33.38  ? 2045 HOH A O   1 
HETATM 1102 O O   . HOH F 4 .  ? 11.591  7.797   -1.933  1.00 38.24  ? 2046 HOH A O   1 
HETATM 1103 O O   . HOH F 4 .  ? 7.456   8.859   5.060   1.00 31.92  ? 2047 HOH A O   1 
HETATM 1104 O O   . HOH F 4 .  ? 9.536   6.094   -1.361  1.00 40.73  ? 2048 HOH A O   1 
HETATM 1105 O O   . HOH F 4 .  ? 10.465  3.922   2.809   1.00 46.38  ? 2049 HOH A O   1 
HETATM 1106 O O   . HOH F 4 .  ? 7.618   1.408   -0.968  1.00 41.11  ? 2050 HOH A O   1 
HETATM 1107 O O   . HOH F 4 .  ? 3.220   2.125   0.095   1.00 35.72  ? 2051 HOH A O   1 
HETATM 1108 O O   . HOH F 4 .  ? 2.500   1.589   6.387   1.00 18.29  ? 2052 HOH A O   1 
HETATM 1109 O O   . HOH F 4 .  ? 7.640   -3.684  0.215   1.00 35.60  ? 2053 HOH A O   1 
HETATM 1110 O O   . HOH F 4 .  ? 5.546   -0.089  6.581   1.00 28.13  ? 2054 HOH A O   1 
HETATM 1111 O O   . HOH F 4 .  ? 9.978   -1.729  4.076   1.00 46.34  ? 2055 HOH A O   1 
HETATM 1112 O O   . HOH F 4 .  ? 8.735   0.430   4.620   1.00 34.62  ? 2056 HOH A O   1 
HETATM 1113 O O   . HOH F 4 .  ? 3.002   -0.787  -0.389  1.00 18.36  ? 2057 HOH A O   1 
HETATM 1114 O O   . HOH F 4 .  ? -0.570  -5.617  7.802   1.00 12.51  ? 2058 HOH A O   1 
HETATM 1115 O O   . HOH F 4 .  ? 4.149   -6.652  5.288   1.00 20.63  ? 2059 HOH A O   1 
HETATM 1116 O O   . HOH F 4 .  ? 5.663   -2.639  7.617   1.00 29.59  ? 2060 HOH A O   1 
HETATM 1117 O O   . HOH F 4 .  ? -4.991  -0.001  15.258  1.00 20.61  ? 2061 HOH A O   1 
HETATM 1118 O O   . HOH F 4 .  ? 0.869   -4.962  12.208  1.00 26.04  ? 2062 HOH A O   1 
HETATM 1119 O O   . HOH F 4 .  ? 3.251   0.456   9.018   1.00 37.18  ? 2063 HOH A O   1 
HETATM 1120 O O   . HOH F 4 .  ? 2.187   1.527   11.062  1.00 25.22  ? 2064 HOH A O   1 
HETATM 1121 O O   . HOH F 4 .  ? -0.764  9.409   -3.412  1.00 16.19  ? 2065 HOH A O   1 
HETATM 1122 O O   . HOH F 4 .  ? -0.247  6.461   -6.314  1.00 62.70  ? 2066 HOH A O   1 
HETATM 1123 O O   . HOH F 4 .  ? 3.980   9.118   -9.718  1.00 32.17  ? 2067 HOH A O   1 
HETATM 1124 O O   . HOH F 4 .  ? 1.653   10.347  -10.376 1.00 30.16  ? 2068 HOH A O   1 
HETATM 1125 O O   . HOH F 4 .  ? -1.005  14.737  -11.363 1.00 35.27  ? 2069 HOH A O   1 
HETATM 1126 O O   . HOH F 4 .  ? 5.333   21.916  -12.131 1.00 29.76  ? 2070 HOH A O   1 
HETATM 1127 O O   . HOH F 4 .  ? 2.366   17.389  -12.454 1.00 24.06  ? 2071 HOH A O   1 
HETATM 1128 O O   . HOH F 4 .  ? -3.146  23.977  -6.336  1.00 34.09  ? 2072 HOH A O   1 
HETATM 1129 O O   . HOH F 4 .  ? -5.650  24.055  -10.113 1.00 24.96  ? 2073 HOH A O   1 
HETATM 1130 O O   . HOH F 4 .  ? -2.270  8.673   -5.488  1.00 33.98  ? 2074 HOH A O   1 
HETATM 1131 O O   . HOH F 4 .  ? -9.664  16.135  -10.099 1.00 37.01  ? 2075 HOH A O   1 
HETATM 1132 O O   . HOH F 4 .  ? -5.391  10.163  -6.378  1.00 25.28  ? 2076 HOH A O   1 
HETATM 1133 O O   . HOH F 4 .  ? -13.538 15.198  -8.012  1.00 26.11  ? 2077 HOH A O   1 
HETATM 1134 O O   . HOH F 4 .  ? -11.881 17.499  -8.840  1.00 19.30  ? 2078 HOH A O   1 
HETATM 1135 O O   . HOH F 4 .  ? -9.892  10.300  -2.114  1.00 21.82  ? 2079 HOH A O   1 
HETATM 1136 O O   . HOH F 4 .  ? -11.668 -6.306  7.870   1.00 23.60  ? 2080 HOH A O   1 
HETATM 1137 O O   . HOH F 4 .  ? -11.436 -2.546  8.472   1.00 27.89  ? 2081 HOH A O   1 
HETATM 1138 O O   . HOH F 4 .  ? 4.152   -1.628  17.636  1.00 19.11  ? 2082 HOH A O   1 
HETATM 1139 O O   . HOH F 4 .  ? 0.093   0.158   12.522  1.00 20.72  ? 2083 HOH A O   1 
HETATM 1140 O O   . HOH G 4 .  ? -1.690  -14.316 -8.003  1.00 33.66  ? 2001 HOH B O   1 
HETATM 1141 O O   . HOH G 4 .  ? -14.462 1.753   7.775   1.00 28.41  ? 2002 HOH B O   1 
HETATM 1142 O O   . HOH G 4 .  ? 15.366  -13.942 -8.838  1.00 29.01  ? 2003 HOH B O   1 
HETATM 1143 O O   . HOH G 4 .  ? 14.610  -18.332 -7.302  1.00 47.22  ? 2004 HOH B O   1 
HETATM 1144 O O   . HOH G 4 .  ? 11.891  -17.019 -10.704 1.00 24.80  ? 2005 HOH B O   1 
HETATM 1145 O O   . HOH G 4 .  ? -8.196  -19.483 2.139   1.00 40.12  ? 2006 HOH B O   1 
HETATM 1146 O O   . HOH G 4 .  ? -6.402  -28.937 -0.071  1.00 19.84  ? 2007 HOH B O   1 
HETATM 1147 O O   . HOH G 4 .  ? -2.038  -20.798 -7.529  1.00 22.63  ? 2008 HOH B O   1 
HETATM 1148 O O   . HOH G 4 .  ? -1.408  -16.254 -4.390  1.00 14.72  ? 2009 HOH B O   1 
HETATM 1149 O O   . HOH G 4 .  ? -4.707  -18.994 2.529   1.00 24.65  ? 2010 HOH B O   1 
HETATM 1150 O O   . HOH G 4 .  ? -5.804  -22.850 1.393   1.00 35.15  ? 2011 HOH B O   1 
HETATM 1151 O O   . HOH G 4 .  ? 8.069   -20.985 -13.715 1.00 46.71  ? 2012 HOH B O   1 
HETATM 1152 O O   . HOH G 4 .  ? 5.166   -6.471  -16.220 1.00 35.88  ? 2013 HOH B O   1 
HETATM 1153 O O   . HOH G 4 .  ? -6.556  -26.799 -1.927  1.00 10.33  ? 2014 HOH B O   1 
HETATM 1154 O O   . HOH G 4 .  ? -5.306  -25.559 1.126   1.00 26.77  ? 2015 HOH B O   1 
HETATM 1155 O O   . HOH G 4 .  ? 2.518   -22.832 -5.749  1.00 34.95  ? 2016 HOH B O   1 
HETATM 1156 O O   . HOH G 4 .  ? -0.898  -22.876 -8.669  1.00 37.08  ? 2017 HOH B O   1 
HETATM 1157 O O   . HOH G 4 .  ? -11.025 -13.745 -5.057  1.00 33.42  ? 2018 HOH B O   1 
HETATM 1158 O O   . HOH G 4 .  ? 9.769   -23.061 -4.103  1.00 35.80  ? 2019 HOH B O   1 
HETATM 1159 O O   . HOH G 4 .  ? 8.827   -24.221 0.559   1.00 23.52  ? 2020 HOH B O   1 
HETATM 1160 O O   . HOH G 4 .  ? -3.880  -14.278 9.064   1.00 15.49  ? 2021 HOH B O   1 
HETATM 1161 O O   . HOH G 4 .  ? 1.687   -16.472 -7.407  1.00 22.91  ? 2022 HOH B O   1 
HETATM 1162 O O   . HOH G 4 .  ? -5.088  -16.282 6.093   1.00 29.86  ? 2023 HOH B O   1 
HETATM 1163 O O   . HOH G 4 .  ? 13.160  -24.122 -9.008  1.00 60.43  ? 2024 HOH B O   1 
HETATM 1164 O O   . HOH G 4 .  ? 7.551   -23.678 -7.375  1.00 31.17  ? 2025 HOH B O   1 
HETATM 1165 O O   . HOH G 4 .  ? 6.585   -2.468  -7.065  1.00 47.69  ? 2026 HOH B O   1 
HETATM 1166 O O   . HOH G 4 .  ? 10.975  -14.991 -12.408 1.00 24.75  ? 2027 HOH B O   1 
HETATM 1167 O O   . HOH G 4 .  ? 12.291  -16.707 -14.095 1.00 32.59  ? 2028 HOH B O   1 
HETATM 1168 O O   . HOH G 4 .  ? 4.543   -12.812 -16.065 1.00 42.33  ? 2029 HOH B O   1 
HETATM 1169 O O   . HOH G 4 .  ? 7.549   -19.641 -16.295 1.00 28.51  ? 2030 HOH B O   1 
HETATM 1170 O O   . HOH G 4 .  ? -4.376  7.651   -6.077  1.00 29.80  ? 2031 HOH B O   1 
HETATM 1171 O O   . HOH G 4 .  ? 7.076   -8.907  -16.491 1.00 21.55  ? 2032 HOH B O   1 
HETATM 1172 O O   . HOH G 4 .  ? 2.024   -16.217 -9.980  1.00 27.57  ? 2033 HOH B O   1 
HETATM 1173 O O   . HOH G 4 .  ? 13.945  -11.716 -9.690  1.00 23.70  ? 2034 HOH B O   1 
HETATM 1174 O O   . HOH G 4 .  ? 13.233  -9.757  -8.061  1.00 19.46  ? 2035 HOH B O   1 
HETATM 1175 O O   . HOH G 4 .  ? 10.019  -8.629  -14.190 1.00 20.29  ? 2036 HOH B O   1 
HETATM 1176 O O   . HOH G 4 .  ? 11.676  -6.795  -8.960  1.00 21.34  ? 2037 HOH B O   1 
HETATM 1177 O O   . HOH G 4 .  ? 2.107   -8.442  7.767   1.00 26.93  ? 2038 HOH B O   1 
HETATM 1178 O O   . HOH G 4 .  ? -9.417  -11.317 -5.995  1.00 30.45  ? 2039 HOH B O   1 
HETATM 1179 O O   . HOH G 4 .  ? -15.173 -4.689  -0.404  1.00 21.13  ? 2040 HOH B O   1 
HETATM 1180 O O   . HOH G 4 .  ? -18.546 -2.674  5.299   1.00 27.47  ? 2041 HOH B O   1 
HETATM 1181 O O   . HOH G 4 .  ? -12.138 -5.011  11.993  1.00 32.49  ? 2042 HOH B O   1 
HETATM 1182 O O   . HOH G 4 .  ? -4.358  -12.993 8.406   1.00 22.81  ? 2043 HOH B O   1 
HETATM 1183 O O   . HOH G 4 .  ? -9.504  -13.173 -2.672  1.00 22.84  ? 2044 HOH B O   1 
HETATM 1184 O O   . HOH G 4 .  ? -9.760  -15.909 2.731   1.00 26.12  ? 2045 HOH B O   1 
HETATM 1185 O O   . HOH G 4 .  ? -7.441  -14.822 4.537   1.00 21.58  ? 2046 HOH B O   1 
HETATM 1186 O O   . HOH G 4 .  ? -3.192  -16.726 2.789   1.00 14.68  ? 2047 HOH B O   1 
HETATM 1187 O O   . HOH G 4 .  ? -6.465  -16.467 0.842   1.00 21.73  ? 2048 HOH B O   1 
HETATM 1188 O O   . HOH G 4 .  ? -5.910  -10.914 -0.833  1.00 10.93  ? 2049 HOH B O   1 
HETATM 1189 O O   . HOH G 4 .  ? -4.492  -12.210 -4.562  1.00 15.01  ? 2050 HOH B O   1 
HETATM 1190 O O   . HOH G 4 .  ? -1.851  -17.609 5.003   1.00 24.46  ? 2051 HOH B O   1 
HETATM 1191 O O   . HOH G 4 .  ? 6.981   -4.354  -12.007 1.00 37.13  ? 2052 HOH B O   1 
HETATM 1192 O O   . HOH G 4 .  ? 0.924   -8.691  -12.295 1.00 38.20  ? 2053 HOH B O   1 
HETATM 1193 O O   . HOH G 4 .  ? 8.387   -8.069  -11.968 1.00 19.17  ? 2054 HOH B O   1 
HETATM 1194 O O   . HOH G 4 .  ? 1.515   -11.060 -12.446 1.00 27.13  ? 2055 HOH B O   1 
HETATM 1195 O O   . HOH G 4 .  ? 0.245   -2.592  -11.897 1.00 51.50  ? 2056 HOH B O   1 
HETATM 1196 O O   . HOH G 4 .  ? -0.363  -7.157  -10.417 1.00 34.38  ? 2057 HOH B O   1 
HETATM 1197 O O   . HOH G 4 .  ? 0.120   -8.047  -6.802  1.00 44.52  ? 2058 HOH B O   1 
HETATM 1198 O O   . HOH G 4 .  ? 3.291   0.491   -6.593  1.00 31.52  ? 2059 HOH B O   1 
HETATM 1199 O O   . HOH G 4 .  ? 5.212   -2.547  -9.952  1.00 32.16  ? 2060 HOH B O   1 
HETATM 1200 O O   . HOH G 4 .  ? 1.452   -1.045  -3.340  1.00 35.21  ? 2061 HOH B O   1 
HETATM 1201 O O   . HOH G 4 .  ? -1.660  1.443   -9.722  1.00 32.86  ? 2062 HOH B O   1 
HETATM 1202 O O   . HOH G 4 .  ? 2.281   3.826   -3.784  1.00 18.01  ? 2063 HOH B O   1 
HETATM 1203 O O   . HOH G 4 .  ? -4.576  0.374   -7.283  1.00 25.48  ? 2064 HOH B O   1 
HETATM 1204 O O   . HOH G 4 .  ? -4.922  -1.958  -4.681  1.00 19.93  ? 2065 HOH B O   1 
HETATM 1205 O O   . HOH G 4 .  ? 0.938   1.640   -2.443  1.00 17.54  ? 2066 HOH B O   1 
HETATM 1206 O O   . HOH G 4 .  ? -8.963  3.488   -0.846  1.00 12.12  ? 2067 HOH B O   1 
HETATM 1207 O O   . HOH G 4 .  ? -5.575  6.256   -4.082  1.00 17.05  ? 2068 HOH B O   1 
HETATM 1208 O O   . HOH G 4 .  ? -5.403  -4.133  -6.684  1.00 32.87  ? 2069 HOH B O   1 
HETATM 1209 O O   . HOH G 4 .  ? -9.094  -3.170  -6.099  1.00 26.32  ? 2070 HOH B O   1 
HETATM 1210 O O   . HOH G 4 .  ? 5.658   -8.256  -0.050  1.00 18.15  ? 2071 HOH B O   1 
HETATM 1211 O O   . HOH G 4 .  ? 5.176   -2.125  -1.564  1.00 21.25  ? 2072 HOH B O   1 
HETATM 1212 O O   . HOH G 4 .  ? 9.692   -2.972  -1.890  1.00 31.44  ? 2073 HOH B O   1 
HETATM 1213 O O   . HOH G 4 .  ? 7.542   -1.315  -0.787  1.00 46.72  ? 2074 HOH B O   1 
HETATM 1214 O O   . HOH G 4 .  ? 12.972  -5.774  -2.444  1.00 31.41  ? 2075 HOH B O   1 
HETATM 1215 O O   . HOH G 4 .  ? 10.741  -4.303  -4.626  1.00 36.17  ? 2076 HOH B O   1 
HETATM 1216 O O   . HOH G 4 .  ? 13.350  -7.492  -0.069  1.00 37.72  ? 2077 HOH B O   1 
HETATM 1217 O O   . HOH G 4 .  ? 14.335  -11.814 1.351   1.00 31.29  ? 2078 HOH B O   1 
HETATM 1218 O O   . HOH G 4 .  ? 16.869  -12.802 -2.929  1.00 30.32  ? 2079 HOH B O   1 
HETATM 1219 O O   . HOH G 4 .  ? 14.630  -15.950 -4.365  1.00 25.67  ? 2080 HOH B O   1 
HETATM 1220 O O   . HOH G 4 .  ? 9.886   -12.709 4.737   1.00 40.91  ? 2081 HOH B O   1 
HETATM 1221 O O   . HOH G 4 .  ? 11.794  -21.954 -0.263  1.00 32.39  ? 2082 HOH B O   1 
HETATM 1222 O O   . HOH G 4 .  ? 6.789   -7.673  2.636   1.00 36.07  ? 2083 HOH B O   1 
HETATM 1223 O O   . HOH G 4 .  ? 7.554   -9.905  5.024   1.00 28.23  ? 2084 HOH B O   1 
HETATM 1224 O O   . HOH G 4 .  ? 2.348   -12.276 7.915   1.00 25.08  ? 2085 HOH B O   1 
HETATM 1225 O O   . HOH G 4 .  ? -11.984 0.926   9.548   1.00 25.33  ? 2086 HOH B O   1 
HETATM 1226 O O   . HOH G 4 .  ? -9.384  -15.290 -7.518  1.00 29.25  ? 2087 HOH B O   1 
HETATM 1227 O O   . HOH G 4 .  ? -8.602  -16.510 -0.604  1.00 32.77  ? 2088 HOH B O   1 
HETATM 1228 O O   . HOH G 4 .  ? -7.011  -13.124 -4.803  1.00 26.42  ? 2089 HOH B O   1 
HETATM 1229 O O   . HOH G 4 .  ? -3.554  -15.056 -5.109  1.00 18.63  ? 2090 HOH B O   1 
# 
